data_2RQU
#
_entry.id   2RQU
#
loop_
_entity.id
_entity.type
_entity.pdbx_description
1 polymer DDEF1_SH3
2 polymer '19-mer from Adenomatous polyposis coli protein'
#
loop_
_entity_poly.entity_id
_entity_poly.type
_entity_poly.pdbx_seq_one_letter_code
_entity_poly.pdbx_strand_id
1 'polypeptide(L)' VRRVKTIYDCQADNDDELTFIEGEVIIVTGEEDQEWWIGHIEGQPERKGVFPVSFVHILSD A
2 'polypeptide(L)' CIISAMPTKSSRKAKKPAQ B
#
# COMPACT_ATOMS: atom_id res chain seq x y z
N VAL A 1 6.70 10.21 9.06
CA VAL A 1 5.61 11.16 9.36
C VAL A 1 4.25 10.47 9.28
N ARG A 2 3.89 9.99 8.10
CA ARG A 2 2.62 9.30 7.91
C ARG A 2 2.82 7.80 8.01
N ARG A 3 1.91 7.14 8.71
CA ARG A 3 2.04 5.71 8.98
C ARG A 3 0.76 5.00 8.56
N VAL A 4 0.89 3.80 8.02
CA VAL A 4 -0.28 2.98 7.68
C VAL A 4 -0.05 1.53 8.10
N LYS A 5 -1.11 0.89 8.54
CA LYS A 5 -1.03 -0.51 8.92
C LYS A 5 -1.82 -1.33 7.92
N THR A 6 -1.20 -2.35 7.36
CA THR A 6 -1.85 -3.16 6.35
C THR A 6 -2.96 -3.99 6.97
N ILE A 7 -4.17 -3.75 6.51
CA ILE A 7 -5.32 -4.44 7.04
C ILE A 7 -5.75 -5.55 6.11
N TYR A 8 -5.07 -5.62 4.97
CA TYR A 8 -5.32 -6.66 3.98
C TYR A 8 -4.01 -7.16 3.39
N ASP A 9 -4.14 -8.17 2.55
CA ASP A 9 -3.00 -8.75 1.85
C ASP A 9 -3.06 -8.38 0.37
N CYS A 10 -2.17 -7.52 -0.06
CA CYS A 10 -2.18 -7.06 -1.44
C CYS A 10 -0.87 -7.37 -2.12
N GLN A 11 -0.93 -7.63 -3.41
CA GLN A 11 0.27 -7.95 -4.18
C GLN A 11 0.44 -7.02 -5.37
N ALA A 12 1.70 -6.67 -5.61
CA ALA A 12 2.08 -5.76 -6.67
C ALA A 12 2.02 -6.43 -8.02
N ASP A 13 1.52 -5.70 -9.02
CA ASP A 13 1.47 -6.19 -10.38
C ASP A 13 2.80 -5.94 -11.08
N ASN A 14 3.36 -4.76 -10.83
CA ASN A 14 4.64 -4.40 -11.42
C ASN A 14 5.67 -4.13 -10.34
N ASP A 15 6.85 -3.67 -10.76
CA ASP A 15 7.93 -3.34 -9.83
C ASP A 15 7.59 -2.07 -9.05
N ASP A 16 6.64 -1.31 -9.57
CA ASP A 16 6.28 -0.02 -9.01
C ASP A 16 5.55 -0.18 -7.69
N GLU A 17 4.71 -1.21 -7.61
CA GLU A 17 3.84 -1.38 -6.47
C GLU A 17 4.53 -2.13 -5.34
N LEU A 18 3.99 -1.96 -4.14
CA LEU A 18 4.54 -2.59 -2.94
C LEU A 18 3.61 -3.71 -2.46
N THR A 19 4.13 -4.92 -2.48
CA THR A 19 3.39 -6.08 -1.97
C THR A 19 3.44 -6.11 -0.44
N PHE A 20 2.27 -6.16 0.17
CA PHE A 20 2.17 -6.15 1.63
C PHE A 20 1.08 -7.11 2.08
N ILE A 21 1.34 -7.83 3.15
CA ILE A 21 0.34 -8.72 3.71
C ILE A 21 -0.16 -8.16 5.03
N GLU A 22 -1.34 -8.61 5.44
CA GLU A 22 -2.00 -8.10 6.63
C GLU A 22 -1.09 -8.25 7.86
N GLY A 23 -0.84 -7.13 8.55
CA GLY A 23 0.01 -7.16 9.73
C GLY A 23 1.26 -6.32 9.55
N GLU A 24 1.53 -5.93 8.31
CA GLU A 24 2.67 -5.09 8.00
C GLU A 24 2.39 -3.64 8.38
N VAL A 25 3.46 -2.90 8.63
CA VAL A 25 3.34 -1.48 8.95
C VAL A 25 4.20 -0.69 7.98
N ILE A 26 3.58 0.26 7.30
CA ILE A 26 4.27 1.00 6.26
C ILE A 26 4.39 2.47 6.64
N ILE A 27 5.58 3.02 6.47
CA ILE A 27 5.79 4.44 6.64
C ILE A 27 5.57 5.13 5.30
N VAL A 28 4.50 5.90 5.20
CA VAL A 28 4.14 6.56 3.96
C VAL A 28 5.06 7.74 3.68
N THR A 29 5.85 7.63 2.63
CA THR A 29 6.83 8.66 2.29
C THR A 29 6.39 9.49 1.09
N GLY A 30 5.32 9.08 0.44
CA GLY A 30 4.84 9.81 -0.71
C GLY A 30 3.42 9.42 -1.11
N GLU A 31 2.94 10.04 -2.17
CA GLU A 31 1.59 9.79 -2.67
C GLU A 31 1.60 9.86 -4.19
N GLU A 32 0.85 8.97 -4.83
CA GLU A 32 0.74 8.97 -6.29
C GLU A 32 -0.69 9.24 -6.69
N ASP A 33 -1.58 8.46 -6.11
CA ASP A 33 -3.00 8.59 -6.34
C ASP A 33 -3.67 8.82 -5.00
N GLN A 34 -4.96 9.08 -5.01
CA GLN A 34 -5.71 9.20 -3.78
C GLN A 34 -5.74 7.87 -3.05
N GLU A 35 -5.88 6.81 -3.83
CA GLU A 35 -6.02 5.48 -3.27
C GLU A 35 -4.74 4.66 -3.45
N TRP A 36 -3.67 5.34 -3.84
CA TRP A 36 -2.38 4.69 -4.04
C TRP A 36 -1.23 5.58 -3.55
N TRP A 37 -0.63 5.21 -2.42
CA TRP A 37 0.42 6.01 -1.81
C TRP A 37 1.77 5.31 -1.90
N ILE A 38 2.83 6.02 -1.55
CA ILE A 38 4.18 5.48 -1.62
C ILE A 38 4.77 5.39 -0.22
N GLY A 39 5.46 4.30 0.05
CA GLY A 39 6.13 4.18 1.32
C GLY A 39 6.99 2.95 1.41
N HIS A 40 7.46 2.66 2.62
CA HIS A 40 8.29 1.49 2.86
C HIS A 40 7.94 0.89 4.21
N ILE A 41 8.07 -0.43 4.32
CA ILE A 41 7.76 -1.11 5.57
C ILE A 41 8.66 -0.63 6.69
N GLU A 42 8.10 -0.40 7.86
CA GLU A 42 8.82 0.19 8.97
C GLU A 42 10.11 -0.57 9.28
N GLY A 43 9.97 -1.84 9.65
CA GLY A 43 11.13 -2.63 9.99
C GLY A 43 11.79 -3.25 8.78
N GLN A 44 11.24 -2.97 7.61
CA GLN A 44 11.78 -3.51 6.36
C GLN A 44 11.90 -2.40 5.33
N PRO A 45 12.97 -1.58 5.43
CA PRO A 45 13.19 -0.44 4.53
C PRO A 45 13.53 -0.87 3.10
N GLU A 46 13.71 -2.17 2.91
CA GLU A 46 14.00 -2.69 1.58
C GLU A 46 12.71 -2.88 0.80
N ARG A 47 11.60 -2.99 1.53
CA ARG A 47 10.29 -3.12 0.91
C ARG A 47 9.66 -1.74 0.73
N LYS A 48 9.86 -1.15 -0.43
CA LYS A 48 9.27 0.16 -0.72
C LYS A 48 8.63 0.16 -2.11
N GLY A 49 7.64 1.02 -2.26
CA GLY A 49 6.91 1.10 -3.52
C GLY A 49 5.57 1.78 -3.34
N VAL A 50 4.70 1.64 -4.32
CA VAL A 50 3.37 2.24 -4.25
C VAL A 50 2.33 1.18 -3.86
N PHE A 51 1.53 1.51 -2.86
CA PHE A 51 0.55 0.57 -2.32
C PHE A 51 -0.85 1.18 -2.28
N PRO A 52 -1.89 0.35 -2.48
CA PRO A 52 -3.27 0.81 -2.46
C PRO A 52 -3.78 1.06 -1.04
N VAL A 53 -4.34 2.25 -0.84
CA VAL A 53 -4.89 2.66 0.44
C VAL A 53 -6.12 1.80 0.80
N SER A 54 -6.67 1.17 -0.22
CA SER A 54 -7.84 0.31 -0.04
C SER A 54 -7.53 -0.89 0.86
N PHE A 55 -6.28 -1.29 0.91
CA PHE A 55 -5.89 -2.48 1.64
C PHE A 55 -5.10 -2.12 2.91
N VAL A 56 -4.96 -0.83 3.17
CA VAL A 56 -4.21 -0.38 4.34
C VAL A 56 -5.04 0.59 5.17
N HIS A 57 -4.61 0.82 6.40
CA HIS A 57 -5.34 1.69 7.29
C HIS A 57 -4.43 2.81 7.77
N ILE A 58 -4.90 4.02 7.64
CA ILE A 58 -4.12 5.20 8.01
C ILE A 58 -3.99 5.29 9.52
N LEU A 59 -2.75 5.35 9.98
CA LEU A 59 -2.44 5.38 11.39
C LEU A 59 -2.18 6.81 11.84
N SER A 60 -3.14 7.66 11.57
CA SER A 60 -3.12 9.03 12.06
C SER A 60 -4.35 9.22 12.95
N ASP A 61 -4.89 8.10 13.40
CA ASP A 61 -6.10 8.07 14.18
C ASP A 61 -5.77 7.98 15.66
N CYS B 1 -5.17 -9.39 12.05
CA CYS B 1 -6.65 -9.37 11.94
C CYS B 1 -7.08 -8.75 10.62
N ILE B 2 -7.65 -9.57 9.74
CA ILE B 2 -8.16 -9.07 8.48
C ILE B 2 -9.37 -8.18 8.71
N ILE B 3 -9.35 -7.01 8.11
CA ILE B 3 -10.47 -6.11 8.16
C ILE B 3 -11.51 -6.53 7.12
N SER B 4 -12.75 -6.61 7.54
CA SER B 4 -13.89 -6.88 6.66
C SER B 4 -13.59 -8.04 5.70
N ALA B 5 -14.09 -7.88 4.47
CA ALA B 5 -13.74 -8.76 3.38
C ALA B 5 -12.82 -8.02 2.42
N MET B 6 -11.97 -8.76 1.71
CA MET B 6 -10.95 -8.17 0.84
C MET B 6 -11.56 -7.20 -0.16
N PRO B 7 -10.96 -6.01 -0.29
CA PRO B 7 -11.38 -5.00 -1.25
C PRO B 7 -10.78 -5.27 -2.62
N THR B 8 -11.04 -4.38 -3.54
CA THR B 8 -10.60 -4.57 -4.90
C THR B 8 -9.48 -3.61 -5.23
N LYS B 9 -8.41 -4.13 -5.82
CA LYS B 9 -7.34 -3.30 -6.31
C LYS B 9 -7.92 -2.34 -7.35
N SER B 10 -8.02 -1.09 -6.97
CA SER B 10 -8.71 -0.08 -7.78
C SER B 10 -8.00 0.22 -9.09
N SER B 11 -6.82 -0.38 -9.27
CA SER B 11 -5.95 -0.10 -10.40
C SER B 11 -5.42 1.33 -10.31
N ARG B 12 -4.12 1.45 -10.17
CA ARG B 12 -3.51 2.75 -9.95
C ARG B 12 -3.66 3.64 -11.18
N LYS B 13 -4.58 4.59 -11.06
CA LYS B 13 -4.92 5.51 -12.16
C LYS B 13 -3.69 6.30 -12.60
N ALA B 14 -2.81 6.56 -11.64
CA ALA B 14 -1.58 7.29 -11.90
C ALA B 14 -0.70 6.57 -12.92
N LYS B 15 -0.63 5.24 -12.81
CA LYS B 15 0.26 4.47 -13.66
C LYS B 15 -0.48 3.92 -14.86
N LYS B 16 0.21 3.86 -15.99
CA LYS B 16 -0.35 3.29 -17.20
C LYS B 16 0.34 1.97 -17.49
N PRO B 17 -0.43 0.95 -17.88
CA PRO B 17 0.12 -0.37 -18.21
C PRO B 17 1.03 -0.30 -19.44
N ALA B 18 2.33 -0.14 -19.19
CA ALA B 18 3.32 -0.06 -20.25
C ALA B 18 3.30 -1.32 -21.12
N GLN B 19 2.93 -1.16 -22.37
CA GLN B 19 2.88 -2.27 -23.30
C GLN B 19 3.95 -2.11 -24.36
N VAL A 1 6.23 11.33 10.86
CA VAL A 1 5.84 10.84 9.52
C VAL A 1 4.41 10.33 9.54
N ARG A 2 3.86 10.02 8.38
CA ARG A 2 2.55 9.43 8.30
C ARG A 2 2.69 7.91 8.26
N ARG A 3 2.03 7.26 9.20
CA ARG A 3 2.18 5.83 9.38
C ARG A 3 0.88 5.11 9.05
N VAL A 4 0.97 4.01 8.33
CA VAL A 4 -0.22 3.24 8.00
C VAL A 4 -0.04 1.77 8.38
N LYS A 5 -1.15 1.12 8.67
CA LYS A 5 -1.13 -0.28 9.04
C LYS A 5 -1.97 -1.06 8.04
N THR A 6 -1.42 -2.17 7.56
CA THR A 6 -2.09 -2.96 6.56
C THR A 6 -3.23 -3.76 7.17
N ILE A 7 -4.42 -3.60 6.63
CA ILE A 7 -5.59 -4.28 7.16
C ILE A 7 -5.97 -5.45 6.27
N TYR A 8 -5.23 -5.57 5.17
CA TYR A 8 -5.45 -6.65 4.22
C TYR A 8 -4.12 -7.19 3.71
N ASP A 9 -4.20 -8.28 2.96
CA ASP A 9 -3.03 -8.88 2.33
C ASP A 9 -3.02 -8.54 0.85
N CYS A 10 -2.08 -7.72 0.43
CA CYS A 10 -2.02 -7.28 -0.94
C CYS A 10 -0.69 -7.63 -1.57
N GLN A 11 -0.70 -7.82 -2.88
CA GLN A 11 0.52 -8.14 -3.60
C GLN A 11 0.63 -7.31 -4.87
N ALA A 12 1.87 -6.95 -5.19
CA ALA A 12 2.17 -6.07 -6.32
C ALA A 12 1.73 -6.66 -7.65
N ASP A 13 1.06 -5.82 -8.44
CA ASP A 13 0.64 -6.21 -9.78
C ASP A 13 1.82 -6.11 -10.74
N ASN A 14 2.54 -5.01 -10.64
CA ASN A 14 3.75 -4.80 -11.42
C ASN A 14 4.95 -4.79 -10.46
N ASP A 15 6.11 -4.42 -10.95
CA ASP A 15 7.31 -4.32 -10.12
C ASP A 15 7.25 -3.09 -9.22
N ASP A 16 6.51 -2.09 -9.67
CA ASP A 16 6.49 -0.79 -9.00
C ASP A 16 5.53 -0.77 -7.81
N GLU A 17 4.56 -1.68 -7.81
CA GLU A 17 3.59 -1.77 -6.72
C GLU A 17 4.21 -2.43 -5.49
N LEU A 18 3.59 -2.22 -4.35
CA LEU A 18 4.07 -2.76 -3.08
C LEU A 18 3.32 -4.04 -2.71
N THR A 19 4.04 -5.00 -2.15
CA THR A 19 3.43 -6.20 -1.61
C THR A 19 3.46 -6.15 -0.08
N PHE A 20 2.29 -6.17 0.54
CA PHE A 20 2.18 -6.03 1.98
C PHE A 20 1.10 -6.95 2.53
N ILE A 21 1.38 -7.60 3.65
CA ILE A 21 0.43 -8.57 4.22
C ILE A 21 -0.22 -7.99 5.45
N GLU A 22 -1.38 -8.51 5.81
CA GLU A 22 -2.15 -8.00 6.95
C GLU A 22 -1.31 -8.06 8.22
N GLY A 23 -1.23 -6.93 8.93
CA GLY A 23 -0.47 -6.89 10.17
C GLY A 23 0.85 -6.18 9.99
N GLU A 24 1.11 -5.76 8.77
CA GLU A 24 2.35 -5.07 8.42
C GLU A 24 2.17 -3.57 8.61
N VAL A 25 3.28 -2.86 8.71
CA VAL A 25 3.25 -1.42 8.96
C VAL A 25 4.08 -0.71 7.91
N ILE A 26 3.49 0.30 7.29
CA ILE A 26 4.15 1.01 6.22
C ILE A 26 4.36 2.46 6.60
N ILE A 27 5.58 2.95 6.40
CA ILE A 27 5.88 4.35 6.57
C ILE A 27 5.66 5.07 5.25
N VAL A 28 4.69 5.97 5.21
CA VAL A 28 4.34 6.67 3.98
C VAL A 28 5.37 7.75 3.68
N THR A 29 6.07 7.60 2.56
CA THR A 29 7.10 8.54 2.15
C THR A 29 6.58 9.46 1.05
N GLY A 30 5.53 9.03 0.37
CA GLY A 30 4.98 9.82 -0.72
C GLY A 30 3.57 9.39 -1.08
N GLU A 31 3.07 9.94 -2.17
CA GLU A 31 1.72 9.68 -2.64
C GLU A 31 1.66 9.96 -4.14
N GLU A 32 1.02 9.07 -4.89
CA GLU A 32 0.95 9.25 -6.34
C GLU A 32 -0.49 9.33 -6.78
N ASP A 33 -1.34 8.62 -6.07
CA ASP A 33 -2.76 8.64 -6.35
C ASP A 33 -3.48 8.93 -5.04
N GLN A 34 -4.76 9.21 -5.13
CA GLN A 34 -5.56 9.44 -3.94
C GLN A 34 -5.62 8.17 -3.13
N GLU A 35 -5.74 7.05 -3.83
CA GLU A 35 -5.92 5.78 -3.20
C GLU A 35 -4.70 4.88 -3.42
N TRP A 36 -3.59 5.50 -3.78
CA TRP A 36 -2.32 4.80 -3.98
C TRP A 36 -1.16 5.65 -3.47
N TRP A 37 -0.56 5.22 -2.37
CA TRP A 37 0.50 6.00 -1.73
C TRP A 37 1.83 5.27 -1.85
N ILE A 38 2.90 6.00 -1.57
CA ILE A 38 4.24 5.47 -1.72
C ILE A 38 4.91 5.41 -0.37
N GLY A 39 5.58 4.31 -0.09
CA GLY A 39 6.29 4.19 1.16
C GLY A 39 7.03 2.89 1.26
N HIS A 40 7.43 2.55 2.47
CA HIS A 40 8.20 1.34 2.69
C HIS A 40 7.79 0.71 4.01
N ILE A 41 7.92 -0.61 4.10
CA ILE A 41 7.60 -1.32 5.32
C ILE A 41 8.56 -0.91 6.42
N GLU A 42 7.99 -0.66 7.59
CA GLU A 42 8.72 -0.14 8.74
C GLU A 42 9.84 -1.09 9.18
N GLY A 43 9.57 -2.39 9.13
CA GLY A 43 10.58 -3.37 9.51
C GLY A 43 11.29 -3.94 8.31
N GLN A 44 10.89 -3.48 7.13
CA GLN A 44 11.46 -3.96 5.88
C GLN A 44 11.77 -2.77 4.98
N PRO A 45 12.83 -2.01 5.31
CA PRO A 45 13.13 -0.72 4.67
C PRO A 45 13.37 -0.84 3.17
N GLU A 46 13.93 -1.97 2.75
CA GLU A 46 14.25 -2.17 1.34
C GLU A 46 13.00 -2.58 0.56
N ARG A 47 11.92 -2.85 1.27
CA ARG A 47 10.66 -3.12 0.63
C ARG A 47 9.85 -1.85 0.53
N LYS A 48 10.03 -1.13 -0.56
CA LYS A 48 9.31 0.11 -0.80
C LYS A 48 8.62 0.05 -2.15
N GLY A 49 7.58 0.84 -2.30
CA GLY A 49 6.83 0.86 -3.53
C GLY A 49 5.51 1.59 -3.38
N VAL A 50 4.64 1.45 -4.35
CA VAL A 50 3.33 2.10 -4.29
C VAL A 50 2.25 1.11 -3.86
N PHE A 51 1.64 1.41 -2.73
CA PHE A 51 0.63 0.53 -2.15
C PHE A 51 -0.75 1.17 -2.23
N PRO A 52 -1.79 0.37 -2.50
CA PRO A 52 -3.17 0.84 -2.52
C PRO A 52 -3.72 1.10 -1.14
N VAL A 53 -4.29 2.28 -0.95
CA VAL A 53 -4.91 2.67 0.30
C VAL A 53 -6.16 1.79 0.56
N SER A 54 -6.59 1.12 -0.49
CA SER A 54 -7.75 0.23 -0.44
C SER A 54 -7.52 -0.93 0.54
N PHE A 55 -6.27 -1.30 0.75
CA PHE A 55 -5.96 -2.46 1.58
C PHE A 55 -5.28 -2.05 2.88
N VAL A 56 -5.15 -0.75 3.08
CA VAL A 56 -4.48 -0.23 4.27
C VAL A 56 -5.33 0.81 4.97
N HIS A 57 -4.91 1.23 6.14
CA HIS A 57 -5.63 2.22 6.92
C HIS A 57 -4.64 3.24 7.48
N ILE A 58 -5.03 4.50 7.44
CA ILE A 58 -4.12 5.58 7.86
C ILE A 58 -4.18 5.78 9.37
N LEU A 59 -3.01 5.77 10.01
CA LEU A 59 -2.90 6.00 11.43
C LEU A 59 -2.43 7.41 11.70
N SER A 60 -3.37 8.26 12.03
CA SER A 60 -3.10 9.64 12.38
C SER A 60 -3.34 9.83 13.87
N ASP A 61 -3.10 8.77 14.62
CA ASP A 61 -3.38 8.75 16.04
C ASP A 61 -2.15 8.31 16.82
N CYS B 1 -5.30 -8.27 12.53
CA CYS B 1 -6.78 -8.20 12.40
C CYS B 1 -7.17 -7.88 10.96
N ILE B 2 -7.80 -8.84 10.29
CA ILE B 2 -8.28 -8.62 8.94
C ILE B 2 -9.57 -7.83 8.98
N ILE B 3 -9.61 -6.75 8.22
CA ILE B 3 -10.80 -5.96 8.08
C ILE B 3 -11.67 -6.57 6.99
N SER B 4 -12.88 -6.97 7.35
CA SER B 4 -13.89 -7.35 6.38
C SER B 4 -13.41 -8.47 5.46
N ALA B 5 -14.00 -8.53 4.27
CA ALA B 5 -13.53 -9.40 3.22
C ALA B 5 -12.63 -8.59 2.29
N MET B 6 -11.81 -9.28 1.51
CA MET B 6 -10.82 -8.62 0.66
C MET B 6 -11.44 -7.58 -0.29
N PRO B 7 -10.82 -6.39 -0.38
CA PRO B 7 -11.27 -5.33 -1.27
C PRO B 7 -10.70 -5.53 -2.67
N THR B 8 -10.96 -4.58 -3.53
CA THR B 8 -10.49 -4.68 -4.89
C THR B 8 -9.33 -3.74 -5.10
N LYS B 9 -8.30 -4.23 -5.78
CA LYS B 9 -7.19 -3.39 -6.19
C LYS B 9 -7.77 -2.17 -6.88
N SER B 10 -7.55 -1.00 -6.27
CA SER B 10 -8.19 0.24 -6.70
C SER B 10 -7.85 0.60 -8.16
N SER B 11 -6.81 -0.04 -8.69
CA SER B 11 -6.32 0.25 -10.04
C SER B 11 -5.82 1.69 -10.11
N ARG B 12 -4.52 1.85 -9.93
CA ARG B 12 -3.90 3.16 -9.85
C ARG B 12 -4.20 3.96 -11.11
N LYS B 13 -4.77 5.14 -10.94
CA LYS B 13 -5.14 5.97 -12.06
C LYS B 13 -3.90 6.61 -12.67
N ALA B 14 -2.77 6.38 -12.00
CA ALA B 14 -1.46 6.73 -12.52
C ALA B 14 -0.61 5.48 -12.63
N LYS B 15 -1.23 4.37 -13.04
CA LYS B 15 -0.55 3.09 -13.15
C LYS B 15 0.62 3.16 -14.13
N LYS B 16 1.75 2.66 -13.68
CA LYS B 16 2.94 2.60 -14.51
C LYS B 16 3.15 1.17 -14.98
N PRO B 17 2.84 0.88 -16.24
CA PRO B 17 2.95 -0.44 -16.82
C PRO B 17 4.33 -0.68 -17.43
N ALA B 18 5.36 -0.28 -16.69
CA ALA B 18 6.73 -0.38 -17.17
C ALA B 18 7.27 -1.79 -17.03
N GLN B 19 8.39 -2.05 -17.72
CA GLN B 19 9.07 -3.34 -17.67
C GLN B 19 8.18 -4.45 -18.24
N VAL A 1 7.22 10.16 9.37
CA VAL A 1 6.21 11.23 9.26
C VAL A 1 4.80 10.63 9.25
N ARG A 2 4.52 9.80 8.25
CA ARG A 2 3.22 9.17 8.14
C ARG A 2 3.37 7.66 8.22
N ARG A 3 2.46 7.00 8.90
CA ARG A 3 2.55 5.56 9.06
C ARG A 3 1.18 4.90 8.88
N VAL A 4 1.13 3.88 8.05
CA VAL A 4 -0.10 3.13 7.85
C VAL A 4 0.09 1.68 8.27
N LYS A 5 -0.99 1.04 8.66
CA LYS A 5 -0.95 -0.35 9.05
C LYS A 5 -1.85 -1.13 8.10
N THR A 6 -1.35 -2.23 7.60
CA THR A 6 -2.06 -3.01 6.60
C THR A 6 -3.19 -3.80 7.23
N ILE A 7 -4.40 -3.62 6.72
CA ILE A 7 -5.56 -4.33 7.23
C ILE A 7 -5.89 -5.48 6.30
N TYR A 8 -5.09 -5.58 5.26
CA TYR A 8 -5.22 -6.61 4.25
C TYR A 8 -3.86 -7.03 3.74
N ASP A 9 -3.84 -8.02 2.87
CA ASP A 9 -2.63 -8.45 2.23
C ASP A 9 -2.76 -8.24 0.74
N CYS A 10 -1.81 -7.53 0.17
CA CYS A 10 -1.87 -7.18 -1.23
C CYS A 10 -0.52 -7.44 -1.86
N GLN A 11 -0.53 -7.85 -3.10
CA GLN A 11 0.70 -8.19 -3.79
C GLN A 11 0.87 -7.37 -5.05
N ALA A 12 2.12 -7.02 -5.33
CA ALA A 12 2.50 -6.12 -6.41
C ALA A 12 1.79 -6.40 -7.71
N ASP A 13 1.20 -5.35 -8.25
CA ASP A 13 0.55 -5.38 -9.56
C ASP A 13 1.61 -5.40 -10.64
N ASN A 14 2.55 -4.46 -10.54
CA ASN A 14 3.72 -4.44 -11.39
C ASN A 14 4.97 -4.28 -10.52
N ASP A 15 6.10 -4.00 -11.15
CA ASP A 15 7.37 -3.88 -10.44
C ASP A 15 7.36 -2.75 -9.42
N ASP A 16 6.63 -1.67 -9.72
CA ASP A 16 6.66 -0.46 -8.90
C ASP A 16 5.70 -0.56 -7.71
N GLU A 17 4.84 -1.57 -7.72
CA GLU A 17 3.90 -1.79 -6.62
C GLU A 17 4.59 -2.46 -5.43
N LEU A 18 4.05 -2.21 -4.24
CA LEU A 18 4.62 -2.75 -3.01
C LEU A 18 3.71 -3.85 -2.44
N THR A 19 4.29 -5.03 -2.24
CA THR A 19 3.59 -6.16 -1.65
C THR A 19 3.63 -6.08 -0.12
N PHE A 20 2.46 -6.18 0.50
CA PHE A 20 2.37 -6.15 1.95
C PHE A 20 1.37 -7.20 2.43
N ILE A 21 1.49 -7.60 3.68
CA ILE A 21 0.58 -8.57 4.26
C ILE A 21 -0.10 -7.99 5.50
N GLU A 22 -1.29 -8.48 5.82
CA GLU A 22 -2.06 -7.96 6.95
C GLU A 22 -1.25 -8.04 8.23
N GLY A 23 -1.08 -6.91 8.89
CA GLY A 23 -0.27 -6.87 10.11
C GLY A 23 1.06 -6.18 9.88
N GLU A 24 1.29 -5.76 8.65
CA GLU A 24 2.51 -5.07 8.29
C GLU A 24 2.37 -3.57 8.59
N VAL A 25 3.49 -2.90 8.70
CA VAL A 25 3.53 -1.49 9.03
C VAL A 25 4.33 -0.72 7.99
N ILE A 26 3.68 0.21 7.32
CA ILE A 26 4.33 0.94 6.25
C ILE A 26 4.52 2.40 6.63
N ILE A 27 5.73 2.87 6.49
CA ILE A 27 6.03 4.28 6.65
C ILE A 27 5.83 4.99 5.32
N VAL A 28 4.85 5.89 5.27
CA VAL A 28 4.50 6.55 4.02
C VAL A 28 5.44 7.72 3.77
N THR A 29 6.02 7.76 2.57
CA THR A 29 6.95 8.81 2.21
C THR A 29 6.31 9.81 1.24
N GLY A 30 5.24 9.38 0.57
CA GLY A 30 4.58 10.24 -0.38
C GLY A 30 3.30 9.63 -0.90
N GLU A 31 2.72 10.27 -1.90
CA GLU A 31 1.49 9.81 -2.52
C GLU A 31 1.64 9.90 -4.03
N GLU A 32 0.86 9.12 -4.74
CA GLU A 32 0.83 9.23 -6.19
C GLU A 32 -0.62 9.30 -6.65
N ASP A 33 -1.45 8.55 -5.96
CA ASP A 33 -2.88 8.61 -6.15
C ASP A 33 -3.52 8.81 -4.80
N GLN A 34 -4.81 9.06 -4.78
CA GLN A 34 -5.55 9.17 -3.53
C GLN A 34 -5.64 7.80 -2.89
N GLU A 35 -5.68 6.78 -3.73
CA GLU A 35 -5.88 5.43 -3.27
C GLU A 35 -4.61 4.61 -3.44
N TRP A 36 -3.53 5.27 -3.85
CA TRP A 36 -2.24 4.63 -4.01
C TRP A 36 -1.13 5.53 -3.46
N TRP A 37 -0.60 5.15 -2.31
CA TRP A 37 0.42 5.94 -1.65
C TRP A 37 1.79 5.27 -1.77
N ILE A 38 2.82 6.03 -1.45
CA ILE A 38 4.18 5.57 -1.60
C ILE A 38 4.86 5.49 -0.25
N GLY A 39 5.57 4.41 -0.01
CA GLY A 39 6.31 4.29 1.22
C GLY A 39 7.11 3.01 1.30
N HIS A 40 7.54 2.68 2.51
CA HIS A 40 8.36 1.50 2.75
C HIS A 40 8.02 0.92 4.11
N ILE A 41 8.14 -0.39 4.23
CA ILE A 41 7.83 -1.09 5.47
C ILE A 41 8.78 -0.62 6.57
N GLU A 42 8.24 -0.33 7.76
CA GLU A 42 9.04 0.28 8.82
C GLU A 42 10.28 -0.55 9.17
N GLY A 43 10.06 -1.80 9.53
CA GLY A 43 11.17 -2.68 9.89
C GLY A 43 11.82 -3.30 8.68
N GLN A 44 11.20 -3.14 7.52
CA GLN A 44 11.74 -3.68 6.27
C GLN A 44 11.96 -2.52 5.29
N PRO A 45 13.02 -1.72 5.51
CA PRO A 45 13.23 -0.46 4.78
C PRO A 45 13.45 -0.64 3.28
N GLU A 46 13.94 -1.80 2.89
CA GLU A 46 14.25 -2.06 1.49
C GLU A 46 13.01 -2.50 0.73
N ARG A 47 11.92 -2.71 1.45
CA ARG A 47 10.66 -3.00 0.81
C ARG A 47 9.87 -1.72 0.64
N LYS A 48 10.04 -1.07 -0.50
CA LYS A 48 9.36 0.18 -0.78
C LYS A 48 8.70 0.14 -2.15
N GLY A 49 7.75 1.04 -2.35
CA GLY A 49 7.00 1.09 -3.59
C GLY A 49 5.67 1.77 -3.38
N VAL A 50 4.74 1.56 -4.29
CA VAL A 50 3.42 2.15 -4.17
C VAL A 50 2.39 1.09 -3.77
N PHE A 51 1.57 1.42 -2.79
CA PHE A 51 0.61 0.48 -2.24
C PHE A 51 -0.80 1.08 -2.20
N PRO A 52 -1.85 0.23 -2.34
CA PRO A 52 -3.24 0.68 -2.35
C PRO A 52 -3.79 0.95 -0.95
N VAL A 53 -4.36 2.13 -0.77
CA VAL A 53 -4.97 2.52 0.49
C VAL A 53 -6.22 1.65 0.76
N SER A 54 -6.69 0.99 -0.29
CA SER A 54 -7.85 0.10 -0.22
C SER A 54 -7.62 -1.06 0.75
N PHE A 55 -6.38 -1.50 0.89
CA PHE A 55 -6.06 -2.67 1.69
C PHE A 55 -5.33 -2.25 2.98
N VAL A 56 -5.20 -0.95 3.20
CA VAL A 56 -4.48 -0.44 4.37
C VAL A 56 -5.29 0.62 5.12
N HIS A 57 -4.78 1.05 6.27
CA HIS A 57 -5.44 2.06 7.08
C HIS A 57 -4.43 3.06 7.60
N ILE A 58 -4.83 4.33 7.66
CA ILE A 58 -3.95 5.39 8.09
C ILE A 58 -3.91 5.49 9.61
N LEU A 59 -2.71 5.39 10.17
CA LEU A 59 -2.52 5.49 11.61
C LEU A 59 -1.81 6.80 11.94
N SER A 60 -0.52 6.86 11.62
CA SER A 60 0.31 8.01 11.96
C SER A 60 0.16 8.37 13.45
N ASP A 61 0.12 7.32 14.28
CA ASP A 61 -0.01 7.46 15.73
C ASP A 61 -1.36 8.09 16.09
N CYS B 1 -5.66 -8.16 12.17
CA CYS B 1 -7.12 -8.21 11.97
C CYS B 1 -7.51 -7.59 10.64
N ILE B 2 -8.11 -8.40 9.78
CA ILE B 2 -8.56 -7.94 8.47
C ILE B 2 -9.87 -7.17 8.60
N ILE B 3 -9.94 -6.00 7.97
CA ILE B 3 -11.13 -5.17 8.02
C ILE B 3 -12.07 -5.54 6.86
N SER B 4 -13.12 -6.30 7.21
CA SER B 4 -14.09 -6.81 6.24
C SER B 4 -13.51 -8.00 5.44
N ALA B 5 -13.95 -8.13 4.19
CA ALA B 5 -13.44 -9.17 3.29
C ALA B 5 -12.76 -8.52 2.08
N MET B 6 -11.78 -9.22 1.50
CA MET B 6 -10.83 -8.63 0.55
C MET B 6 -11.48 -7.66 -0.44
N PRO B 7 -10.93 -6.44 -0.49
CA PRO B 7 -11.37 -5.42 -1.41
C PRO B 7 -10.80 -5.64 -2.79
N THR B 8 -11.06 -4.74 -3.69
CA THR B 8 -10.62 -4.90 -5.05
C THR B 8 -9.52 -3.91 -5.36
N LYS B 9 -8.50 -4.37 -6.05
CA LYS B 9 -7.44 -3.50 -6.51
C LYS B 9 -8.07 -2.44 -7.40
N SER B 10 -8.23 -1.26 -6.83
CA SER B 10 -8.99 -0.18 -7.48
C SER B 10 -8.26 0.39 -8.69
N SER B 11 -7.15 -0.24 -9.04
CA SER B 11 -6.29 0.18 -10.13
C SER B 11 -5.61 1.50 -9.79
N ARG B 12 -4.37 1.60 -10.17
CA ARG B 12 -3.60 2.79 -9.95
C ARG B 12 -3.81 3.75 -11.11
N LYS B 13 -4.56 4.81 -10.85
CA LYS B 13 -5.06 5.68 -11.92
C LYS B 13 -3.94 6.46 -12.55
N ALA B 14 -2.77 6.42 -11.94
CA ALA B 14 -1.59 7.10 -12.47
C ALA B 14 -0.80 6.19 -13.40
N LYS B 15 -1.17 4.90 -13.45
CA LYS B 15 -0.46 3.94 -14.28
C LYS B 15 -1.38 3.43 -15.39
N LYS B 16 -0.80 3.13 -16.54
CA LYS B 16 -1.55 2.52 -17.62
C LYS B 16 -1.22 1.05 -17.72
N PRO B 17 -2.24 0.19 -17.74
CA PRO B 17 -2.06 -1.26 -17.89
C PRO B 17 -1.68 -1.65 -19.32
N ALA B 18 -0.50 -1.19 -19.73
CA ALA B 18 -0.01 -1.43 -21.09
C ALA B 18 0.58 -2.84 -21.23
N GLN B 19 -0.07 -3.80 -20.60
CA GLN B 19 0.35 -5.19 -20.71
C GLN B 19 -0.71 -5.97 -21.47
N VAL A 1 6.80 10.44 9.08
CA VAL A 1 5.70 11.23 9.68
C VAL A 1 4.39 10.46 9.58
N ARG A 2 3.97 10.18 8.35
CA ARG A 2 2.72 9.48 8.11
C ARG A 2 2.95 7.97 8.06
N ARG A 3 2.06 7.22 8.68
CA ARG A 3 2.19 5.78 8.74
C ARG A 3 0.84 5.10 8.50
N VAL A 4 0.87 3.95 7.84
CA VAL A 4 -0.33 3.16 7.61
C VAL A 4 -0.11 1.73 8.07
N LYS A 5 -1.19 1.04 8.41
CA LYS A 5 -1.12 -0.37 8.78
C LYS A 5 -1.95 -1.17 7.78
N THR A 6 -1.38 -2.24 7.28
CA THR A 6 -2.05 -3.05 6.27
C THR A 6 -3.21 -3.81 6.90
N ILE A 7 -4.41 -3.54 6.42
CA ILE A 7 -5.59 -4.17 6.96
C ILE A 7 -6.00 -5.35 6.10
N TYR A 8 -5.34 -5.46 4.95
CA TYR A 8 -5.57 -6.55 4.03
C TYR A 8 -4.27 -7.07 3.46
N ASP A 9 -4.37 -8.13 2.68
CA ASP A 9 -3.25 -8.67 1.93
C ASP A 9 -3.38 -8.26 0.48
N CYS A 10 -2.40 -7.53 -0.03
CA CYS A 10 -2.46 -7.06 -1.40
C CYS A 10 -1.20 -7.40 -2.14
N GLN A 11 -1.34 -7.85 -3.37
CA GLN A 11 -0.19 -8.15 -4.20
C GLN A 11 -0.17 -7.27 -5.43
N ALA A 12 1.04 -6.89 -5.81
CA ALA A 12 1.27 -5.95 -6.90
C ALA A 12 1.40 -6.67 -8.24
N ASP A 13 1.35 -5.89 -9.32
CA ASP A 13 1.59 -6.41 -10.65
C ASP A 13 2.96 -5.97 -11.12
N ASN A 14 3.35 -4.78 -10.68
CA ASN A 14 4.64 -4.19 -11.04
C ASN A 14 5.52 -4.15 -9.80
N ASP A 15 6.82 -4.33 -10.03
CA ASP A 15 7.83 -4.35 -8.95
C ASP A 15 7.89 -2.99 -8.24
N ASP A 16 7.38 -1.96 -8.91
CA ASP A 16 7.32 -0.62 -8.34
C ASP A 16 6.22 -0.52 -7.28
N GLU A 17 5.25 -1.42 -7.39
CA GLU A 17 4.12 -1.43 -6.49
C GLU A 17 4.42 -2.31 -5.28
N LEU A 18 3.73 -2.07 -4.18
CA LEU A 18 4.04 -2.74 -2.92
C LEU A 18 3.14 -3.95 -2.68
N THR A 19 3.74 -5.11 -2.52
CA THR A 19 3.01 -6.29 -2.11
C THR A 19 3.11 -6.44 -0.59
N PHE A 20 1.99 -6.41 0.09
CA PHE A 20 1.97 -6.45 1.55
C PHE A 20 0.89 -7.39 2.05
N ILE A 21 1.04 -7.85 3.29
CA ILE A 21 0.04 -8.71 3.90
C ILE A 21 -0.46 -8.08 5.20
N GLU A 22 -1.66 -8.47 5.63
CA GLU A 22 -2.29 -7.89 6.81
C GLU A 22 -1.38 -8.04 8.02
N GLY A 23 -1.07 -6.92 8.65
CA GLY A 23 -0.21 -6.94 9.81
C GLY A 23 1.08 -6.18 9.60
N GLU A 24 1.31 -5.74 8.38
CA GLU A 24 2.49 -4.96 8.06
C GLU A 24 2.28 -3.49 8.37
N VAL A 25 3.39 -2.81 8.63
CA VAL A 25 3.36 -1.40 8.99
C VAL A 25 4.18 -0.60 7.99
N ILE A 26 3.53 0.30 7.28
CA ILE A 26 4.18 1.03 6.22
C ILE A 26 4.35 2.50 6.59
N ILE A 27 5.56 3.00 6.46
CA ILE A 27 5.81 4.41 6.63
C ILE A 27 5.60 5.12 5.28
N VAL A 28 4.67 6.07 5.25
CA VAL A 28 4.34 6.75 4.02
C VAL A 28 5.36 7.86 3.73
N THR A 29 6.08 7.71 2.63
CA THR A 29 7.08 8.67 2.24
C THR A 29 6.58 9.56 1.12
N GLY A 30 5.52 9.13 0.46
CA GLY A 30 4.98 9.90 -0.65
C GLY A 30 3.58 9.48 -1.02
N GLU A 31 3.10 10.03 -2.12
CA GLU A 31 1.74 9.79 -2.59
C GLU A 31 1.70 10.07 -4.08
N GLU A 32 1.02 9.22 -4.83
CA GLU A 32 0.98 9.37 -6.28
C GLU A 32 -0.47 9.41 -6.75
N ASP A 33 -1.29 8.63 -6.08
CA ASP A 33 -2.72 8.64 -6.29
C ASP A 33 -3.38 8.91 -4.95
N GLN A 34 -4.66 9.20 -4.96
CA GLN A 34 -5.35 9.42 -3.70
C GLN A 34 -5.50 8.10 -2.98
N GLU A 35 -5.53 7.05 -3.78
CA GLU A 35 -5.75 5.71 -3.32
C GLU A 35 -4.51 4.84 -3.52
N TRP A 36 -3.41 5.47 -3.89
CA TRP A 36 -2.13 4.78 -4.06
C TRP A 36 -0.99 5.64 -3.53
N TRP A 37 -0.46 5.25 -2.38
CA TRP A 37 0.58 6.01 -1.71
C TRP A 37 1.92 5.31 -1.81
N ILE A 38 2.97 6.05 -1.53
CA ILE A 38 4.32 5.53 -1.65
C ILE A 38 4.98 5.50 -0.29
N GLY A 39 5.69 4.41 -0.01
CA GLY A 39 6.40 4.32 1.22
C GLY A 39 7.19 3.05 1.33
N HIS A 40 7.53 2.68 2.55
CA HIS A 40 8.31 1.48 2.80
C HIS A 40 7.89 0.89 4.14
N ILE A 41 8.01 -0.41 4.27
CA ILE A 41 7.68 -1.07 5.52
C ILE A 41 8.65 -0.62 6.61
N GLU A 42 8.13 -0.26 7.77
CA GLU A 42 8.95 0.40 8.79
C GLU A 42 10.20 -0.43 9.14
N GLY A 43 10.00 -1.70 9.45
CA GLY A 43 11.12 -2.55 9.81
C GLY A 43 11.73 -3.26 8.61
N GLN A 44 11.19 -2.96 7.43
CA GLN A 44 11.67 -3.54 6.18
C GLN A 44 11.99 -2.43 5.20
N PRO A 45 13.09 -1.70 5.44
CA PRO A 45 13.41 -0.47 4.71
C PRO A 45 13.69 -0.70 3.23
N GLU A 46 14.15 -1.90 2.89
CA GLU A 46 14.43 -2.24 1.50
C GLU A 46 13.14 -2.58 0.74
N ARG A 47 12.08 -2.82 1.48
CA ARG A 47 10.79 -3.11 0.88
C ARG A 47 9.99 -1.82 0.78
N LYS A 48 10.16 -1.12 -0.34
CA LYS A 48 9.39 0.08 -0.60
C LYS A 48 8.61 -0.07 -1.88
N GLY A 49 7.73 0.87 -2.13
CA GLY A 49 6.93 0.83 -3.34
C GLY A 49 5.64 1.57 -3.17
N VAL A 50 4.77 1.44 -4.17
CA VAL A 50 3.48 2.11 -4.14
C VAL A 50 2.39 1.13 -3.74
N PHE A 51 1.75 1.42 -2.62
CA PHE A 51 0.73 0.54 -2.05
C PHE A 51 -0.66 1.17 -2.16
N PRO A 52 -1.68 0.33 -2.42
CA PRO A 52 -3.05 0.79 -2.52
C PRO A 52 -3.69 1.05 -1.16
N VAL A 53 -4.24 2.25 -1.00
CA VAL A 53 -4.90 2.63 0.24
C VAL A 53 -6.17 1.79 0.44
N SER A 54 -6.61 1.13 -0.64
CA SER A 54 -7.78 0.26 -0.60
C SER A 54 -7.57 -0.91 0.37
N PHE A 55 -6.32 -1.30 0.58
CA PHE A 55 -6.01 -2.47 1.39
C PHE A 55 -5.26 -2.08 2.67
N VAL A 56 -5.09 -0.78 2.88
CA VAL A 56 -4.38 -0.28 4.04
C VAL A 56 -5.17 0.80 4.76
N HIS A 57 -4.85 1.06 6.01
CA HIS A 57 -5.55 2.06 6.78
C HIS A 57 -4.57 3.02 7.42
N ILE A 58 -4.88 4.31 7.37
CA ILE A 58 -3.99 5.34 7.85
C ILE A 58 -3.98 5.39 9.38
N LEU A 59 -2.78 5.27 9.95
CA LEU A 59 -2.62 5.30 11.40
C LEU A 59 -2.42 6.72 11.88
N SER A 60 -1.89 7.55 11.01
CA SER A 60 -1.71 8.97 11.30
C SER A 60 -3.05 9.68 11.29
N ASP A 61 -3.83 9.47 12.34
CA ASP A 61 -5.17 10.00 12.44
C ASP A 61 -5.49 10.34 13.87
N CYS B 1 -5.37 -8.54 12.41
CA CYS B 1 -6.83 -8.68 12.24
C CYS B 1 -7.25 -8.23 10.85
N ILE B 2 -7.76 -9.15 10.05
CA ILE B 2 -8.27 -8.81 8.74
C ILE B 2 -9.52 -7.97 8.87
N ILE B 3 -9.50 -6.83 8.22
CA ILE B 3 -10.67 -5.98 8.16
C ILE B 3 -11.65 -6.54 7.14
N SER B 4 -12.80 -6.99 7.62
CA SER B 4 -13.90 -7.35 6.75
C SER B 4 -13.52 -8.40 5.70
N ALA B 5 -14.22 -8.39 4.57
CA ALA B 5 -13.87 -9.23 3.43
C ALA B 5 -12.94 -8.47 2.50
N MET B 6 -12.20 -9.21 1.69
CA MET B 6 -11.17 -8.64 0.82
C MET B 6 -11.73 -7.61 -0.16
N PRO B 7 -11.02 -6.48 -0.33
CA PRO B 7 -11.38 -5.44 -1.27
C PRO B 7 -10.80 -5.71 -2.64
N THR B 8 -11.01 -4.77 -3.54
CA THR B 8 -10.54 -4.93 -4.90
C THR B 8 -9.49 -3.87 -5.19
N LYS B 9 -8.42 -4.28 -5.86
CA LYS B 9 -7.42 -3.35 -6.35
C LYS B 9 -8.10 -2.28 -7.19
N SER B 10 -8.27 -1.11 -6.62
CA SER B 10 -9.10 -0.07 -7.21
C SER B 10 -8.38 0.66 -8.36
N SER B 11 -7.42 -0.04 -8.95
CA SER B 11 -6.64 0.46 -10.09
C SER B 11 -5.81 1.68 -9.72
N ARG B 12 -4.52 1.59 -9.98
CA ARG B 12 -3.63 2.72 -9.78
C ARG B 12 -3.81 3.68 -10.94
N LYS B 13 -4.43 4.81 -10.64
CA LYS B 13 -4.90 5.73 -11.66
C LYS B 13 -3.76 6.56 -12.22
N ALA B 14 -2.63 6.52 -11.53
CA ALA B 14 -1.44 7.23 -11.97
C ALA B 14 -0.62 6.37 -12.92
N LYS B 15 -0.92 5.08 -12.97
CA LYS B 15 -0.27 4.18 -13.91
C LYS B 15 -1.23 3.91 -15.05
N LYS B 16 -0.73 3.93 -16.26
CA LYS B 16 -1.56 3.62 -17.41
C LYS B 16 -1.21 2.24 -17.95
N PRO B 17 -2.20 1.35 -18.02
CA PRO B 17 -2.01 0.00 -18.55
C PRO B 17 -1.69 0.02 -20.04
N ALA B 18 -0.40 0.20 -20.35
CA ALA B 18 0.06 0.19 -21.73
C ALA B 18 0.10 -1.23 -22.27
N GLN B 19 -1.07 -1.80 -22.47
CA GLN B 19 -1.18 -3.15 -22.95
C GLN B 19 -1.02 -3.19 -24.46
N VAL A 1 5.22 10.18 12.12
CA VAL A 1 4.43 11.19 11.39
C VAL A 1 3.19 10.57 10.78
N ARG A 2 3.36 9.82 9.70
CA ARG A 2 2.23 9.18 9.03
C ARG A 2 2.59 7.75 8.61
N ARG A 3 1.94 6.79 9.24
CA ARG A 3 2.11 5.39 8.91
C ARG A 3 0.80 4.82 8.39
N VAL A 4 0.86 3.61 7.89
CA VAL A 4 -0.33 2.87 7.54
C VAL A 4 -0.13 1.41 7.92
N LYS A 5 -1.20 0.78 8.39
CA LYS A 5 -1.14 -0.64 8.72
C LYS A 5 -1.96 -1.40 7.70
N THR A 6 -1.37 -2.46 7.16
CA THR A 6 -2.05 -3.26 6.17
C THR A 6 -3.14 -4.10 6.81
N ILE A 7 -4.37 -3.77 6.49
CA ILE A 7 -5.51 -4.46 7.05
C ILE A 7 -5.93 -5.57 6.12
N TYR A 8 -5.28 -5.57 4.96
CA TYR A 8 -5.47 -6.58 3.95
C TYR A 8 -4.15 -7.00 3.36
N ASP A 9 -4.19 -8.00 2.51
CA ASP A 9 -3.03 -8.40 1.73
C ASP A 9 -3.23 -8.00 0.29
N CYS A 10 -2.24 -7.33 -0.27
CA CYS A 10 -2.33 -6.84 -1.63
C CYS A 10 -1.03 -7.05 -2.35
N GLN A 11 -1.12 -7.44 -3.60
CA GLN A 11 0.07 -7.63 -4.39
C GLN A 11 0.21 -6.55 -5.45
N ALA A 12 1.32 -6.62 -6.15
CA ALA A 12 1.67 -5.72 -7.23
C ALA A 12 0.53 -5.40 -8.20
N ASP A 13 0.50 -4.15 -8.65
CA ASP A 13 -0.39 -3.74 -9.73
C ASP A 13 0.44 -3.43 -10.98
N ASN A 14 1.73 -3.20 -10.77
CA ASN A 14 2.65 -2.87 -11.86
C ASN A 14 4.08 -3.17 -11.42
N ASP A 15 5.06 -2.69 -12.18
CA ASP A 15 6.46 -2.95 -11.87
C ASP A 15 6.90 -2.23 -10.60
N ASP A 16 6.44 -1.00 -10.43
CA ASP A 16 6.87 -0.14 -9.34
C ASP A 16 5.81 -0.07 -8.24
N GLU A 17 5.73 -1.10 -7.43
CA GLU A 17 4.74 -1.16 -6.37
C GLU A 17 5.33 -1.63 -5.05
N LEU A 18 4.44 -1.83 -4.09
CA LEU A 18 4.81 -2.43 -2.82
C LEU A 18 3.80 -3.51 -2.49
N THR A 19 4.22 -4.76 -2.65
CA THR A 19 3.39 -5.89 -2.32
C THR A 19 3.41 -6.15 -0.83
N PHE A 20 2.25 -6.36 -0.24
CA PHE A 20 2.16 -6.49 1.21
C PHE A 20 1.09 -7.48 1.63
N ILE A 21 1.16 -7.90 2.88
CA ILE A 21 0.18 -8.78 3.46
C ILE A 21 -0.32 -8.22 4.78
N GLU A 22 -1.47 -8.70 5.24
CA GLU A 22 -2.08 -8.22 6.47
C GLU A 22 -1.10 -8.35 7.64
N GLY A 23 -0.85 -7.23 8.30
CA GLY A 23 0.03 -7.23 9.45
C GLY A 23 1.26 -6.37 9.23
N GLU A 24 1.49 -6.01 7.98
CA GLU A 24 2.60 -5.12 7.63
C GLU A 24 2.32 -3.70 8.06
N VAL A 25 3.39 -2.97 8.33
CA VAL A 25 3.29 -1.56 8.74
C VAL A 25 4.18 -0.72 7.85
N ILE A 26 3.61 0.31 7.24
CA ILE A 26 4.32 1.07 6.23
C ILE A 26 4.47 2.55 6.63
N ILE A 27 5.66 3.08 6.42
CA ILE A 27 5.93 4.50 6.55
C ILE A 27 5.57 5.20 5.25
N VAL A 28 4.58 6.08 5.29
CA VAL A 28 4.16 6.79 4.09
C VAL A 28 5.14 7.91 3.78
N THR A 29 5.91 7.74 2.70
CA THR A 29 6.91 8.71 2.33
C THR A 29 6.42 9.61 1.20
N GLY A 30 5.35 9.20 0.54
CA GLY A 30 4.79 9.99 -0.53
C GLY A 30 3.43 9.53 -0.97
N GLU A 31 2.92 10.16 -2.01
CA GLU A 31 1.61 9.85 -2.56
C GLU A 31 1.68 10.00 -4.07
N GLU A 32 0.96 9.16 -4.79
CA GLU A 32 0.90 9.28 -6.23
C GLU A 32 -0.54 9.43 -6.66
N ASP A 33 -1.38 8.54 -6.17
CA ASP A 33 -2.80 8.59 -6.42
C ASP A 33 -3.52 8.78 -5.10
N GLN A 34 -4.79 9.09 -5.15
CA GLN A 34 -5.59 9.23 -3.95
C GLN A 34 -5.58 7.94 -3.15
N GLU A 35 -5.68 6.83 -3.88
CA GLU A 35 -5.81 5.54 -3.26
C GLU A 35 -4.54 4.71 -3.47
N TRP A 36 -3.47 5.38 -3.85
CA TRP A 36 -2.17 4.73 -4.04
C TRP A 36 -1.05 5.62 -3.52
N TRP A 37 -0.52 5.26 -2.36
CA TRP A 37 0.52 6.05 -1.72
C TRP A 37 1.86 5.35 -1.81
N ILE A 38 2.91 6.07 -1.51
CA ILE A 38 4.27 5.57 -1.66
C ILE A 38 4.94 5.50 -0.31
N GLY A 39 5.66 4.43 -0.05
CA GLY A 39 6.36 4.33 1.20
C GLY A 39 7.20 3.08 1.32
N HIS A 40 7.65 2.81 2.54
CA HIS A 40 8.46 1.64 2.84
C HIS A 40 8.08 1.08 4.20
N ILE A 41 8.21 -0.22 4.36
CA ILE A 41 7.85 -0.87 5.62
C ILE A 41 8.64 -0.28 6.78
N GLU A 42 7.97 -0.06 7.91
CA GLU A 42 8.52 0.67 9.05
C GLU A 42 9.93 0.18 9.40
N GLY A 43 10.04 -1.11 9.68
CA GLY A 43 11.33 -1.67 10.02
C GLY A 43 11.96 -2.43 8.86
N GLN A 44 11.60 -2.05 7.64
CA GLN A 44 12.10 -2.70 6.44
C GLN A 44 12.21 -1.69 5.30
N PRO A 45 13.30 -0.90 5.29
CA PRO A 45 13.52 0.16 4.30
C PRO A 45 13.82 -0.38 2.89
N GLU A 46 13.99 -1.70 2.80
CA GLU A 46 14.26 -2.33 1.51
C GLU A 46 12.94 -2.67 0.83
N ARG A 47 11.87 -2.71 1.60
CA ARG A 47 10.52 -2.90 1.06
C ARG A 47 9.88 -1.55 0.81
N LYS A 48 9.96 -1.06 -0.43
CA LYS A 48 9.37 0.24 -0.76
C LYS A 48 8.74 0.25 -2.14
N GLY A 49 7.65 0.99 -2.27
CA GLY A 49 6.95 1.09 -3.53
C GLY A 49 5.60 1.76 -3.36
N VAL A 50 4.73 1.59 -4.33
CA VAL A 50 3.39 2.16 -4.27
C VAL A 50 2.38 1.11 -3.81
N PHE A 51 1.59 1.47 -2.81
CA PHE A 51 0.62 0.55 -2.24
C PHE A 51 -0.78 1.16 -2.23
N PRO A 52 -1.83 0.33 -2.41
CA PRO A 52 -3.21 0.80 -2.43
C PRO A 52 -3.75 1.07 -1.03
N VAL A 53 -4.29 2.26 -0.86
CA VAL A 53 -4.88 2.67 0.41
C VAL A 53 -6.12 1.84 0.71
N SER A 54 -6.64 1.18 -0.32
CA SER A 54 -7.82 0.34 -0.20
C SER A 54 -7.58 -0.86 0.73
N PHE A 55 -6.33 -1.29 0.84
CA PHE A 55 -6.00 -2.48 1.62
C PHE A 55 -5.25 -2.11 2.89
N VAL A 56 -5.09 -0.81 3.12
CA VAL A 56 -4.38 -0.33 4.30
C VAL A 56 -5.21 0.70 5.04
N HIS A 57 -4.78 1.05 6.24
CA HIS A 57 -5.47 2.04 7.05
C HIS A 57 -4.48 3.05 7.59
N ILE A 58 -4.85 4.31 7.52
CA ILE A 58 -3.94 5.40 7.86
C ILE A 58 -3.79 5.57 9.37
N LEU A 59 -2.55 5.72 9.80
CA LEU A 59 -2.21 5.92 11.19
C LEU A 59 -1.36 7.17 11.34
N SER A 60 -2.03 8.30 11.48
CA SER A 60 -1.33 9.57 11.65
C SER A 60 -1.01 9.79 13.12
N ASP A 61 -1.39 8.80 13.90
CA ASP A 61 -1.11 8.76 15.33
C ASP A 61 -0.79 7.33 15.72
N CYS B 1 -5.09 -9.01 11.98
CA CYS B 1 -6.46 -9.46 11.69
C CYS B 1 -6.94 -8.88 10.36
N ILE B 2 -7.45 -9.73 9.48
CA ILE B 2 -8.03 -9.25 8.23
C ILE B 2 -9.29 -8.46 8.53
N ILE B 3 -9.33 -7.26 8.02
CA ILE B 3 -10.51 -6.42 8.13
C ILE B 3 -11.55 -6.90 7.12
N SER B 4 -12.78 -7.05 7.59
CA SER B 4 -13.93 -7.33 6.74
C SER B 4 -13.63 -8.42 5.69
N ALA B 5 -14.12 -8.20 4.48
CA ALA B 5 -13.80 -9.02 3.33
C ALA B 5 -12.96 -8.18 2.36
N MET B 6 -12.11 -8.86 1.58
CA MET B 6 -11.15 -8.20 0.71
C MET B 6 -11.79 -7.14 -0.18
N PRO B 7 -11.15 -5.95 -0.25
CA PRO B 7 -11.58 -4.88 -1.13
C PRO B 7 -11.01 -5.09 -2.52
N THR B 8 -11.25 -4.14 -3.40
CA THR B 8 -10.80 -4.27 -4.76
C THR B 8 -9.60 -3.36 -4.99
N LYS B 9 -8.54 -3.93 -5.53
CA LYS B 9 -7.42 -3.13 -5.99
C LYS B 9 -7.92 -2.27 -7.14
N SER B 10 -8.27 -1.03 -6.81
CA SER B 10 -9.02 -0.14 -7.69
C SER B 10 -8.21 0.36 -8.87
N SER B 11 -7.14 -0.36 -9.19
CA SER B 11 -6.24 0.00 -10.28
C SER B 11 -5.52 1.31 -9.97
N ARG B 12 -4.21 1.28 -10.04
CA ARG B 12 -3.42 2.48 -9.85
C ARG B 12 -3.54 3.36 -11.08
N LYS B 13 -4.31 4.42 -10.92
CA LYS B 13 -4.82 5.23 -12.02
C LYS B 13 -3.74 6.13 -12.59
N ALA B 14 -2.60 6.16 -11.93
CA ALA B 14 -1.47 6.94 -12.38
C ALA B 14 -0.22 6.08 -12.48
N LYS B 15 -0.42 4.78 -12.79
CA LYS B 15 0.71 3.83 -12.88
C LYS B 15 1.83 4.35 -13.76
N LYS B 16 2.93 4.75 -13.12
CA LYS B 16 4.11 5.20 -13.82
C LYS B 16 5.00 4.02 -14.13
N PRO B 17 5.93 4.16 -15.08
CA PRO B 17 6.99 3.18 -15.29
C PRO B 17 8.17 3.48 -14.39
N ALA B 18 7.90 3.60 -13.09
CA ALA B 18 8.89 3.98 -12.09
C ALA B 18 9.39 5.41 -12.33
N GLN B 19 8.54 6.38 -12.03
CA GLN B 19 8.87 7.79 -12.20
C GLN B 19 8.39 8.60 -11.00
N VAL A 1 6.80 10.34 10.06
CA VAL A 1 5.94 11.18 9.21
C VAL A 1 4.49 10.67 9.18
N ARG A 2 4.21 9.71 8.32
CA ARG A 2 2.88 9.16 8.19
C ARG A 2 2.94 7.64 8.17
N ARG A 3 2.12 7.00 8.97
CA ARG A 3 2.08 5.53 9.00
C ARG A 3 0.76 5.01 8.48
N VAL A 4 0.81 3.82 7.88
CA VAL A 4 -0.39 3.08 7.54
C VAL A 4 -0.22 1.62 7.94
N LYS A 5 -1.26 1.04 8.52
CA LYS A 5 -1.21 -0.35 8.91
C LYS A 5 -2.04 -1.16 7.93
N THR A 6 -1.50 -2.28 7.50
CA THR A 6 -2.17 -3.10 6.53
C THR A 6 -3.30 -3.86 7.20
N ILE A 7 -4.52 -3.60 6.73
CA ILE A 7 -5.69 -4.27 7.26
C ILE A 7 -6.06 -5.41 6.35
N TYR A 8 -5.37 -5.45 5.23
CA TYR A 8 -5.50 -6.51 4.25
C TYR A 8 -4.12 -6.92 3.77
N ASP A 9 -4.10 -7.92 2.92
CA ASP A 9 -2.86 -8.32 2.28
C ASP A 9 -2.99 -8.08 0.79
N CYS A 10 -2.00 -7.43 0.22
CA CYS A 10 -2.05 -7.06 -1.17
C CYS A 10 -0.70 -7.28 -1.80
N GLN A 11 -0.73 -7.61 -3.07
CA GLN A 11 0.51 -7.84 -3.79
C GLN A 11 0.67 -6.90 -4.96
N ALA A 12 1.91 -6.70 -5.33
CA ALA A 12 2.27 -5.72 -6.35
C ALA A 12 1.60 -6.01 -7.68
N ASP A 13 0.96 -4.99 -8.22
CA ASP A 13 0.29 -5.07 -9.52
C ASP A 13 1.33 -4.98 -10.63
N ASN A 14 2.44 -4.37 -10.29
CA ASN A 14 3.49 -4.07 -11.25
C ASN A 14 4.84 -4.08 -10.54
N ASP A 15 5.90 -3.73 -11.24
CA ASP A 15 7.24 -3.80 -10.65
C ASP A 15 7.46 -2.76 -9.55
N ASP A 16 6.93 -1.57 -9.75
CA ASP A 16 7.23 -0.45 -8.84
C ASP A 16 6.19 -0.30 -7.73
N GLU A 17 5.39 -1.34 -7.51
CA GLU A 17 4.40 -1.31 -6.42
C GLU A 17 5.04 -1.85 -5.14
N LEU A 18 4.23 -2.00 -4.10
CA LEU A 18 4.70 -2.54 -2.84
C LEU A 18 3.75 -3.62 -2.33
N THR A 19 4.28 -4.83 -2.20
CA THR A 19 3.52 -5.95 -1.66
C THR A 19 3.51 -5.90 -0.13
N PHE A 20 2.34 -6.16 0.47
CA PHE A 20 2.23 -6.14 1.92
C PHE A 20 1.19 -7.15 2.39
N ILE A 21 1.32 -7.62 3.63
CA ILE A 21 0.37 -8.59 4.18
C ILE A 21 -0.27 -8.03 5.44
N GLU A 22 -1.47 -8.51 5.75
CA GLU A 22 -2.22 -8.02 6.91
C GLU A 22 -1.40 -8.13 8.19
N GLY A 23 -1.25 -7.01 8.88
CA GLY A 23 -0.46 -6.99 10.10
C GLY A 23 0.85 -6.27 9.92
N GLU A 24 1.08 -5.81 8.71
CA GLU A 24 2.30 -5.12 8.37
C GLU A 24 2.12 -3.61 8.54
N VAL A 25 3.23 -2.90 8.63
CA VAL A 25 3.21 -1.47 8.89
C VAL A 25 4.04 -0.75 7.83
N ILE A 26 3.43 0.24 7.19
CA ILE A 26 4.11 0.95 6.13
C ILE A 26 4.29 2.41 6.50
N ILE A 27 5.52 2.90 6.31
CA ILE A 27 5.82 4.31 6.50
C ILE A 27 5.59 5.05 5.19
N VAL A 28 4.60 5.92 5.16
CA VAL A 28 4.25 6.64 3.94
C VAL A 28 5.23 7.78 3.68
N THR A 29 6.02 7.62 2.65
CA THR A 29 7.04 8.59 2.31
C THR A 29 6.59 9.48 1.15
N GLY A 30 5.51 9.07 0.48
CA GLY A 30 5.00 9.85 -0.62
C GLY A 30 3.61 9.41 -1.04
N GLU A 31 3.11 10.03 -2.10
CA GLU A 31 1.79 9.75 -2.64
C GLU A 31 1.83 9.90 -4.15
N GLU A 32 1.02 9.14 -4.86
CA GLU A 32 0.94 9.32 -6.31
C GLU A 32 -0.52 9.42 -6.71
N ASP A 33 -1.32 8.54 -6.16
CA ASP A 33 -2.75 8.54 -6.38
C ASP A 33 -3.43 8.85 -5.06
N GLN A 34 -4.74 8.96 -5.07
CA GLN A 34 -5.49 9.10 -3.83
C GLN A 34 -5.52 7.75 -3.13
N GLU A 35 -5.63 6.72 -3.94
CA GLU A 35 -5.79 5.37 -3.46
C GLU A 35 -4.47 4.60 -3.56
N TRP A 36 -3.43 5.28 -4.00
CA TRP A 36 -2.11 4.66 -4.14
C TRP A 36 -1.02 5.58 -3.61
N TRP A 37 -0.47 5.21 -2.48
CA TRP A 37 0.57 6.01 -1.84
C TRP A 37 1.91 5.31 -1.93
N ILE A 38 2.95 6.04 -1.61
CA ILE A 38 4.30 5.52 -1.70
C ILE A 38 4.92 5.46 -0.32
N GLY A 39 5.58 4.38 -0.03
CA GLY A 39 6.22 4.25 1.25
C GLY A 39 7.08 3.02 1.35
N HIS A 40 7.41 2.64 2.57
CA HIS A 40 8.28 1.50 2.81
C HIS A 40 7.88 0.82 4.11
N ILE A 41 7.96 -0.50 4.14
CA ILE A 41 7.66 -1.26 5.35
C ILE A 41 8.58 -0.82 6.49
N GLU A 42 8.00 -0.66 7.67
CA GLU A 42 8.74 -0.15 8.82
C GLU A 42 9.73 -1.19 9.33
N GLY A 43 9.32 -2.45 9.33
CA GLY A 43 10.20 -3.52 9.76
C GLY A 43 11.31 -3.78 8.76
N GLN A 44 10.94 -3.77 7.49
CA GLN A 44 11.89 -4.00 6.41
C GLN A 44 11.86 -2.84 5.41
N PRO A 45 12.54 -1.75 5.77
CA PRO A 45 12.47 -0.47 5.05
C PRO A 45 12.95 -0.55 3.60
N GLU A 46 13.60 -1.64 3.23
CA GLU A 46 14.13 -1.79 1.89
C GLU A 46 13.02 -2.24 0.94
N ARG A 47 11.87 -2.62 1.50
CA ARG A 47 10.68 -2.86 0.72
C ARG A 47 9.88 -1.57 0.62
N LYS A 48 10.05 -0.89 -0.50
CA LYS A 48 9.37 0.37 -0.74
C LYS A 48 8.71 0.34 -2.11
N GLY A 49 7.73 1.20 -2.30
CA GLY A 49 7.00 1.25 -3.55
C GLY A 49 5.64 1.85 -3.36
N VAL A 50 4.74 1.64 -4.32
CA VAL A 50 3.41 2.20 -4.25
C VAL A 50 2.41 1.13 -3.80
N PHE A 51 1.60 1.47 -2.82
CA PHE A 51 0.65 0.53 -2.25
C PHE A 51 -0.77 1.10 -2.25
N PRO A 52 -1.77 0.24 -2.43
CA PRO A 52 -3.17 0.65 -2.45
C PRO A 52 -3.71 0.94 -1.05
N VAL A 53 -4.15 2.17 -0.86
CA VAL A 53 -4.75 2.63 0.39
C VAL A 53 -6.02 1.81 0.71
N SER A 54 -6.54 1.17 -0.33
CA SER A 54 -7.73 0.35 -0.22
C SER A 54 -7.52 -0.85 0.73
N PHE A 55 -6.27 -1.26 0.88
CA PHE A 55 -5.96 -2.45 1.68
C PHE A 55 -5.28 -2.08 3.00
N VAL A 56 -5.10 -0.79 3.22
CA VAL A 56 -4.41 -0.32 4.41
C VAL A 56 -5.24 0.72 5.14
N HIS A 57 -4.78 1.10 6.33
CA HIS A 57 -5.48 2.10 7.11
C HIS A 57 -4.48 3.12 7.66
N ILE A 58 -4.82 4.37 7.48
CA ILE A 58 -3.98 5.48 7.89
C ILE A 58 -3.89 5.56 9.42
N LEU A 59 -2.67 5.76 9.93
CA LEU A 59 -2.42 5.81 11.36
C LEU A 59 -1.97 7.19 11.78
N SER A 60 -2.73 8.20 11.40
CA SER A 60 -2.40 9.58 11.76
C SER A 60 -3.09 9.97 13.05
N ASP A 61 -3.72 8.98 13.65
CA ASP A 61 -4.45 9.16 14.89
C ASP A 61 -4.08 8.05 15.85
N CYS B 1 -5.44 -8.28 12.33
CA CYS B 1 -6.85 -8.71 12.15
C CYS B 1 -7.37 -8.26 10.79
N ILE B 2 -7.82 -9.19 9.97
CA ILE B 2 -8.36 -8.85 8.66
C ILE B 2 -9.64 -8.06 8.81
N ILE B 3 -9.64 -6.87 8.23
CA ILE B 3 -10.82 -6.04 8.18
C ILE B 3 -11.76 -6.59 7.12
N SER B 4 -13.00 -6.84 7.51
CA SER B 4 -14.05 -7.21 6.58
C SER B 4 -13.64 -8.36 5.66
N ALA B 5 -14.10 -8.29 4.41
CA ALA B 5 -13.60 -9.17 3.36
C ALA B 5 -12.76 -8.35 2.40
N MET B 6 -11.91 -9.01 1.63
CA MET B 6 -10.93 -8.35 0.77
C MET B 6 -11.54 -7.27 -0.13
N PRO B 7 -10.86 -6.11 -0.24
CA PRO B 7 -11.26 -5.03 -1.12
C PRO B 7 -10.69 -5.21 -2.51
N THR B 8 -10.93 -4.26 -3.38
CA THR B 8 -10.50 -4.39 -4.74
C THR B 8 -9.29 -3.52 -5.02
N LYS B 9 -8.31 -4.10 -5.69
CA LYS B 9 -7.21 -3.33 -6.24
C LYS B 9 -7.79 -2.50 -7.37
N SER B 10 -8.18 -1.27 -7.04
CA SER B 10 -8.98 -0.45 -7.96
C SER B 10 -8.13 0.16 -9.07
N SER B 11 -7.02 -0.49 -9.38
CA SER B 11 -6.07 -0.04 -10.40
C SER B 11 -5.42 1.28 -9.98
N ARG B 12 -4.12 1.35 -10.15
CA ARG B 12 -3.40 2.58 -9.87
C ARG B 12 -3.64 3.55 -11.01
N LYS B 13 -4.53 4.48 -10.75
CA LYS B 13 -5.06 5.37 -11.76
C LYS B 13 -4.04 6.41 -12.21
N ALA B 14 -3.10 6.69 -11.33
CA ALA B 14 -2.04 7.65 -11.63
C ALA B 14 -0.98 7.04 -12.56
N LYS B 15 -1.00 5.72 -12.71
CA LYS B 15 -0.06 5.06 -13.61
C LYS B 15 -0.79 4.46 -14.80
N LYS B 16 -0.12 4.42 -15.93
CA LYS B 16 -0.72 3.89 -17.14
C LYS B 16 -0.09 2.56 -17.51
N PRO B 17 -0.89 1.51 -17.67
CA PRO B 17 -0.42 0.24 -18.21
C PRO B 17 0.06 0.43 -19.65
N ALA B 18 1.34 0.75 -19.78
CA ALA B 18 1.96 1.03 -21.08
C ALA B 18 1.61 -0.01 -22.14
N GLN B 19 1.40 0.45 -23.36
CA GLN B 19 1.02 -0.41 -24.47
C GLN B 19 1.85 -0.04 -25.70
N VAL A 1 6.64 12.44 8.68
CA VAL A 1 6.32 11.04 8.30
C VAL A 1 4.87 10.69 8.62
N ARG A 2 4.33 9.74 7.89
CA ARG A 2 3.00 9.22 8.13
C ARG A 2 3.08 7.70 8.17
N ARG A 3 2.22 7.06 8.95
CA ARG A 3 2.28 5.62 9.05
C ARG A 3 0.93 5.03 8.67
N VAL A 4 0.95 3.85 8.07
CA VAL A 4 -0.26 3.11 7.77
C VAL A 4 -0.10 1.67 8.21
N LYS A 5 -1.18 1.07 8.67
CA LYS A 5 -1.17 -0.34 9.05
C LYS A 5 -2.02 -1.11 8.07
N THR A 6 -1.49 -2.20 7.57
CA THR A 6 -2.18 -2.97 6.56
C THR A 6 -3.32 -3.77 7.18
N ILE A 7 -4.51 -3.56 6.65
CA ILE A 7 -5.70 -4.23 7.17
C ILE A 7 -6.09 -5.39 6.28
N TYR A 8 -5.36 -5.54 5.20
CA TYR A 8 -5.59 -6.63 4.24
C TYR A 8 -4.28 -7.20 3.75
N ASP A 9 -4.38 -8.28 2.98
CA ASP A 9 -3.21 -8.91 2.38
C ASP A 9 -3.20 -8.59 0.90
N CYS A 10 -2.32 -7.71 0.50
CA CYS A 10 -2.28 -7.23 -0.87
C CYS A 10 -0.95 -7.59 -1.51
N GLN A 11 -0.98 -7.73 -2.82
CA GLN A 11 0.24 -8.04 -3.55
C GLN A 11 0.37 -7.13 -4.76
N ALA A 12 1.61 -6.85 -5.12
CA ALA A 12 1.91 -5.97 -6.25
C ALA A 12 1.51 -6.63 -7.56
N ASP A 13 0.89 -5.86 -8.43
CA ASP A 13 0.51 -6.35 -9.75
C ASP A 13 1.67 -6.11 -10.69
N ASN A 14 2.26 -4.93 -10.58
CA ASN A 14 3.43 -4.58 -11.36
C ASN A 14 4.67 -4.52 -10.45
N ASP A 15 5.81 -4.11 -10.97
CA ASP A 15 7.06 -4.15 -10.23
C ASP A 15 7.16 -3.07 -9.15
N ASP A 16 6.69 -1.87 -9.46
CA ASP A 16 6.90 -0.72 -8.58
C ASP A 16 5.81 -0.61 -7.51
N GLU A 17 5.06 -1.67 -7.33
CA GLU A 17 3.97 -1.67 -6.36
C GLU A 17 4.36 -2.48 -5.13
N LEU A 18 3.61 -2.30 -4.05
CA LEU A 18 3.98 -2.90 -2.78
C LEU A 18 3.16 -4.16 -2.48
N THR A 19 3.85 -5.22 -2.11
CA THR A 19 3.20 -6.41 -1.60
C THR A 19 3.26 -6.40 -0.06
N PHE A 20 2.10 -6.35 0.57
CA PHE A 20 2.02 -6.23 2.02
C PHE A 20 0.91 -7.12 2.55
N ILE A 21 1.19 -7.80 3.64
CA ILE A 21 0.23 -8.71 4.25
C ILE A 21 -0.42 -8.06 5.45
N GLU A 22 -1.58 -8.57 5.87
CA GLU A 22 -2.32 -8.00 6.99
C GLU A 22 -1.47 -8.07 8.25
N GLY A 23 -1.31 -6.93 8.92
CA GLY A 23 -0.50 -6.87 10.12
C GLY A 23 0.83 -6.20 9.87
N GLU A 24 1.05 -5.81 8.63
CA GLU A 24 2.27 -5.13 8.23
C GLU A 24 2.16 -3.63 8.50
N VAL A 25 3.29 -2.96 8.56
CA VAL A 25 3.33 -1.55 8.90
C VAL A 25 4.14 -0.78 7.85
N ILE A 26 3.49 0.18 7.21
CA ILE A 26 4.15 0.93 6.14
C ILE A 26 4.34 2.39 6.53
N ILE A 27 5.54 2.89 6.29
CA ILE A 27 5.82 4.30 6.49
C ILE A 27 5.59 5.05 5.18
N VAL A 28 4.63 5.95 5.19
CA VAL A 28 4.26 6.69 4.00
C VAL A 28 5.23 7.83 3.74
N THR A 29 5.96 7.72 2.64
CA THR A 29 6.93 8.74 2.26
C THR A 29 6.38 9.63 1.16
N GLY A 30 5.36 9.16 0.44
CA GLY A 30 4.81 9.93 -0.65
C GLY A 30 3.40 9.51 -1.00
N GLU A 31 2.88 10.11 -2.07
CA GLU A 31 1.52 9.87 -2.53
C GLU A 31 1.45 10.15 -4.02
N GLU A 32 0.87 9.24 -4.78
CA GLU A 32 0.80 9.41 -6.21
C GLU A 32 -0.65 9.50 -6.67
N ASP A 33 -1.50 8.76 -5.98
CA ASP A 33 -2.93 8.82 -6.21
C ASP A 33 -3.64 8.90 -4.86
N GLN A 34 -4.94 9.14 -4.87
CA GLN A 34 -5.69 9.23 -3.63
C GLN A 34 -5.70 7.87 -2.93
N GLU A 35 -5.73 6.84 -3.74
CA GLU A 35 -5.85 5.48 -3.24
C GLU A 35 -4.55 4.70 -3.45
N TRP A 36 -3.49 5.41 -3.85
CA TRP A 36 -2.19 4.79 -4.08
C TRP A 36 -1.08 5.67 -3.52
N TRP A 37 -0.55 5.27 -2.37
CA TRP A 37 0.49 6.03 -1.70
C TRP A 37 1.83 5.33 -1.81
N ILE A 38 2.88 6.07 -1.53
CA ILE A 38 4.23 5.56 -1.70
C ILE A 38 4.93 5.50 -0.36
N GLY A 39 5.63 4.41 -0.11
CA GLY A 39 6.38 4.29 1.12
C GLY A 39 7.16 3.01 1.20
N HIS A 40 7.55 2.68 2.42
CA HIS A 40 8.35 1.49 2.67
C HIS A 40 7.96 0.90 4.01
N ILE A 41 8.10 -0.40 4.14
CA ILE A 41 7.72 -1.09 5.37
C ILE A 41 8.63 -0.67 6.53
N GLU A 42 8.05 -0.37 7.67
CA GLU A 42 8.81 0.00 8.85
C GLU A 42 9.55 -1.21 9.38
N GLY A 43 10.88 -1.19 9.31
CA GLY A 43 11.67 -2.34 9.69
C GLY A 43 12.08 -3.15 8.49
N GLN A 44 11.51 -2.80 7.34
CA GLN A 44 11.83 -3.45 6.08
C GLN A 44 12.06 -2.38 5.00
N PRO A 45 13.15 -1.61 5.12
CA PRO A 45 13.42 -0.47 4.26
C PRO A 45 13.79 -0.88 2.84
N GLU A 46 14.07 -2.16 2.66
CA GLU A 46 14.39 -2.70 1.35
C GLU A 46 13.10 -2.98 0.57
N ARG A 47 11.99 -3.01 1.28
CA ARG A 47 10.70 -3.28 0.69
C ARG A 47 9.89 -2.00 0.60
N LYS A 48 10.04 -1.31 -0.52
CA LYS A 48 9.35 -0.04 -0.76
C LYS A 48 8.57 -0.12 -2.05
N GLY A 49 7.61 0.77 -2.22
CA GLY A 49 6.83 0.79 -3.43
C GLY A 49 5.54 1.55 -3.25
N VAL A 50 4.68 1.48 -4.25
CA VAL A 50 3.39 2.14 -4.19
C VAL A 50 2.31 1.15 -3.80
N PHE A 51 1.63 1.44 -2.70
CA PHE A 51 0.63 0.56 -2.13
C PHE A 51 -0.77 1.18 -2.18
N PRO A 52 -1.80 0.35 -2.44
CA PRO A 52 -3.19 0.80 -2.44
C PRO A 52 -3.73 1.05 -1.03
N VAL A 53 -4.27 2.24 -0.83
CA VAL A 53 -4.85 2.62 0.45
C VAL A 53 -6.09 1.77 0.74
N SER A 54 -6.61 1.12 -0.30
CA SER A 54 -7.78 0.27 -0.17
C SER A 54 -7.54 -0.91 0.76
N PHE A 55 -6.29 -1.31 0.90
CA PHE A 55 -5.96 -2.50 1.68
C PHE A 55 -5.24 -2.12 2.97
N VAL A 56 -5.06 -0.83 3.19
CA VAL A 56 -4.40 -0.35 4.39
C VAL A 56 -5.28 0.65 5.11
N HIS A 57 -4.84 1.09 6.27
CA HIS A 57 -5.57 2.06 7.05
C HIS A 57 -4.61 3.08 7.61
N ILE A 58 -4.99 4.35 7.52
CA ILE A 58 -4.12 5.44 7.94
C ILE A 58 -3.93 5.43 9.45
N LEU A 59 -2.67 5.39 9.86
CA LEU A 59 -2.31 5.29 11.26
C LEU A 59 -1.83 6.63 11.79
N SER A 60 -0.73 7.12 11.22
CA SER A 60 -0.11 8.37 11.64
C SER A 60 0.18 8.39 13.14
N ASP A 61 1.08 7.53 13.58
CA ASP A 61 1.50 7.51 14.97
C ASP A 61 2.89 8.11 15.10
N CYS B 1 -5.44 -8.26 12.43
CA CYS B 1 -6.83 -8.73 12.22
C CYS B 1 -7.32 -8.28 10.86
N ILE B 2 -7.77 -9.22 10.04
CA ILE B 2 -8.28 -8.88 8.73
C ILE B 2 -9.55 -8.06 8.85
N ILE B 3 -9.53 -6.88 8.29
CA ILE B 3 -10.70 -6.04 8.23
C ILE B 3 -11.65 -6.58 7.18
N SER B 4 -12.80 -7.07 7.61
CA SER B 4 -13.87 -7.44 6.70
C SER B 4 -13.44 -8.46 5.64
N ALA B 5 -14.13 -8.45 4.52
CA ALA B 5 -13.73 -9.22 3.35
C ALA B 5 -12.83 -8.37 2.46
N MET B 6 -12.03 -9.02 1.62
CA MET B 6 -11.02 -8.34 0.83
C MET B 6 -11.62 -7.30 -0.12
N PRO B 7 -10.94 -6.15 -0.27
CA PRO B 7 -11.33 -5.10 -1.20
C PRO B 7 -10.75 -5.35 -2.58
N THR B 8 -10.96 -4.42 -3.48
CA THR B 8 -10.52 -4.60 -4.84
C THR B 8 -9.41 -3.62 -5.15
N LYS B 9 -8.34 -4.13 -5.74
CA LYS B 9 -7.30 -3.28 -6.27
C LYS B 9 -7.91 -2.41 -7.35
N SER B 10 -8.17 -1.17 -6.98
CA SER B 10 -8.93 -0.25 -7.82
C SER B 10 -8.09 0.24 -8.99
N SER B 11 -6.90 -0.36 -9.15
CA SER B 11 -5.94 0.03 -10.16
C SER B 11 -5.41 1.44 -9.90
N ARG B 12 -4.18 1.65 -10.30
CA ARG B 12 -3.50 2.91 -10.04
C ARG B 12 -3.72 3.85 -11.21
N LYS B 13 -4.45 4.93 -10.93
CA LYS B 13 -4.91 5.86 -11.95
C LYS B 13 -3.74 6.50 -12.67
N ALA B 14 -2.66 6.77 -11.95
CA ALA B 14 -1.45 7.33 -12.54
C ALA B 14 -0.56 6.21 -13.11
N LYS B 15 -1.20 5.16 -13.59
CA LYS B 15 -0.50 4.02 -14.16
C LYS B 15 -1.31 3.39 -15.29
N LYS B 16 -0.73 3.38 -16.47
CA LYS B 16 -1.27 2.59 -17.57
C LYS B 16 -0.37 1.40 -17.83
N PRO B 17 -0.81 0.20 -17.44
CA PRO B 17 -0.06 -1.04 -17.63
C PRO B 17 0.00 -1.47 -19.09
N ALA B 18 0.82 -0.76 -19.88
CA ALA B 18 1.04 -1.11 -21.27
C ALA B 18 1.96 -2.32 -21.36
N GLN B 19 1.40 -3.48 -21.11
CA GLN B 19 2.14 -4.71 -21.19
C GLN B 19 1.87 -5.40 -22.52
N VAL A 1 6.68 11.99 7.83
CA VAL A 1 6.51 10.55 8.12
C VAL A 1 5.08 10.22 8.54
N ARG A 2 4.37 9.48 7.70
CA ARG A 2 3.03 9.02 8.01
C ARG A 2 3.04 7.51 8.21
N ARG A 3 2.25 7.02 9.15
CA ARG A 3 2.27 5.62 9.47
C ARG A 3 0.91 4.98 9.19
N VAL A 4 0.93 3.88 8.44
CA VAL A 4 -0.29 3.14 8.14
C VAL A 4 -0.08 1.66 8.45
N LYS A 5 -1.16 0.93 8.66
CA LYS A 5 -1.08 -0.49 8.92
C LYS A 5 -1.91 -1.24 7.90
N THR A 6 -1.36 -2.31 7.40
CA THR A 6 -2.03 -3.11 6.38
C THR A 6 -3.15 -3.92 7.00
N ILE A 7 -4.36 -3.64 6.58
CA ILE A 7 -5.52 -4.32 7.11
C ILE A 7 -5.94 -5.45 6.20
N TYR A 8 -5.19 -5.59 5.14
CA TYR A 8 -5.42 -6.63 4.15
C TYR A 8 -4.12 -7.18 3.62
N ASP A 9 -4.22 -8.22 2.82
CA ASP A 9 -3.10 -8.80 2.12
C ASP A 9 -3.20 -8.37 0.67
N CYS A 10 -2.14 -7.81 0.15
CA CYS A 10 -2.17 -7.23 -1.18
C CYS A 10 -0.89 -7.53 -1.91
N GLN A 11 -1.00 -7.68 -3.22
CA GLN A 11 0.17 -7.99 -4.03
C GLN A 11 0.22 -7.11 -5.25
N ALA A 12 1.44 -6.82 -5.68
CA ALA A 12 1.70 -5.98 -6.84
C ALA A 12 1.09 -6.55 -8.12
N ASP A 13 0.43 -5.69 -8.89
CA ASP A 13 -0.08 -6.06 -10.20
C ASP A 13 1.02 -5.87 -11.22
N ASN A 14 1.65 -4.70 -11.17
CA ASN A 14 2.81 -4.41 -11.98
C ASN A 14 4.08 -4.53 -11.12
N ASP A 15 5.23 -4.24 -11.68
CA ASP A 15 6.48 -4.42 -10.94
C ASP A 15 6.64 -3.34 -9.87
N ASP A 16 6.20 -2.13 -10.19
CA ASP A 16 6.36 -0.98 -9.29
C ASP A 16 5.13 -0.83 -8.41
N GLU A 17 4.77 -1.92 -7.74
CA GLU A 17 3.69 -1.90 -6.77
C GLU A 17 4.13 -2.62 -5.51
N LEU A 18 3.54 -2.25 -4.38
CA LEU A 18 3.94 -2.82 -3.11
C LEU A 18 3.12 -4.06 -2.77
N THR A 19 3.80 -5.17 -2.53
CA THR A 19 3.15 -6.36 -2.00
C THR A 19 3.29 -6.37 -0.48
N PHE A 20 2.16 -6.31 0.20
CA PHE A 20 2.14 -6.21 1.66
C PHE A 20 1.07 -7.13 2.24
N ILE A 21 1.36 -7.72 3.39
CA ILE A 21 0.46 -8.70 3.98
C ILE A 21 -0.20 -8.13 5.23
N GLU A 22 -1.35 -8.68 5.58
CA GLU A 22 -2.13 -8.19 6.72
C GLU A 22 -1.31 -8.29 8.01
N GLY A 23 -1.16 -7.17 8.70
CA GLY A 23 -0.40 -7.15 9.93
C GLY A 23 0.92 -6.42 9.76
N GLU A 24 1.15 -5.95 8.54
CA GLU A 24 2.36 -5.23 8.20
C GLU A 24 2.16 -3.74 8.41
N VAL A 25 3.25 -3.01 8.50
CA VAL A 25 3.20 -1.57 8.75
C VAL A 25 4.00 -0.83 7.69
N ILE A 26 3.47 0.29 7.23
CA ILE A 26 4.14 1.04 6.17
C ILE A 26 4.35 2.49 6.57
N ILE A 27 5.53 3.00 6.30
CA ILE A 27 5.82 4.42 6.48
C ILE A 27 5.61 5.13 5.15
N VAL A 28 4.59 5.97 5.10
CA VAL A 28 4.25 6.71 3.88
C VAL A 28 5.22 7.87 3.68
N THR A 29 5.98 7.80 2.61
CA THR A 29 6.94 8.84 2.29
C THR A 29 6.38 9.79 1.24
N GLY A 30 5.39 9.31 0.49
CA GLY A 30 4.79 10.13 -0.54
C GLY A 30 3.46 9.58 -1.01
N GLU A 31 2.89 10.24 -2.01
CA GLU A 31 1.61 9.86 -2.56
C GLU A 31 1.69 9.91 -4.07
N GLU A 32 1.10 8.94 -4.73
CA GLU A 32 1.17 8.88 -6.18
C GLU A 32 -0.23 9.05 -6.76
N ASP A 33 -1.20 8.60 -5.99
CA ASP A 33 -2.59 8.73 -6.34
C ASP A 33 -3.40 8.94 -5.06
N GLN A 34 -4.71 9.09 -5.20
CA GLN A 34 -5.57 9.22 -4.04
C GLN A 34 -5.57 7.92 -3.24
N GLU A 35 -5.74 6.81 -3.95
CA GLU A 35 -5.86 5.53 -3.32
C GLU A 35 -4.60 4.71 -3.50
N TRP A 36 -3.52 5.39 -3.86
CA TRP A 36 -2.23 4.73 -4.05
C TRP A 36 -1.11 5.62 -3.53
N TRP A 37 -0.52 5.21 -2.41
CA TRP A 37 0.52 6.02 -1.78
C TRP A 37 1.86 5.32 -1.87
N ILE A 38 2.91 6.06 -1.59
CA ILE A 38 4.26 5.56 -1.74
C ILE A 38 4.96 5.50 -0.39
N GLY A 39 5.66 4.42 -0.14
CA GLY A 39 6.41 4.33 1.09
C GLY A 39 7.19 3.05 1.21
N HIS A 40 7.55 2.70 2.43
CA HIS A 40 8.34 1.52 2.70
C HIS A 40 7.92 0.90 4.03
N ILE A 41 8.07 -0.41 4.13
CA ILE A 41 7.66 -1.14 5.32
C ILE A 41 8.42 -0.68 6.56
N GLU A 42 7.70 -0.53 7.66
CA GLU A 42 8.26 -0.10 8.93
C GLU A 42 9.28 -1.12 9.43
N GLY A 43 10.56 -0.78 9.29
CA GLY A 43 11.61 -1.68 9.72
C GLY A 43 12.21 -2.43 8.55
N GLN A 44 11.59 -2.28 7.39
CA GLN A 44 12.05 -2.94 6.18
C GLN A 44 12.06 -1.95 5.01
N PRO A 45 13.07 -1.09 4.94
CA PRO A 45 13.18 -0.08 3.89
C PRO A 45 13.34 -0.70 2.50
N GLU A 46 13.82 -1.94 2.48
CA GLU A 46 14.00 -2.69 1.25
C GLU A 46 12.68 -2.93 0.57
N ARG A 47 11.64 -3.10 1.37
CA ARG A 47 10.32 -3.29 0.82
C ARG A 47 9.65 -1.95 0.63
N LYS A 48 9.84 -1.37 -0.55
CA LYS A 48 9.28 -0.06 -0.84
C LYS A 48 8.56 -0.11 -2.18
N GLY A 49 7.62 0.81 -2.36
CA GLY A 49 6.86 0.87 -3.60
C GLY A 49 5.57 1.63 -3.42
N VAL A 50 4.63 1.41 -4.34
CA VAL A 50 3.35 2.08 -4.28
C VAL A 50 2.27 1.12 -3.80
N PHE A 51 1.64 1.47 -2.70
CA PHE A 51 0.63 0.61 -2.08
C PHE A 51 -0.75 1.23 -2.14
N PRO A 52 -1.77 0.41 -2.45
CA PRO A 52 -3.17 0.83 -2.47
C PRO A 52 -3.72 1.09 -1.07
N VAL A 53 -4.29 2.26 -0.88
CA VAL A 53 -4.89 2.65 0.39
C VAL A 53 -6.13 1.79 0.67
N SER A 54 -6.62 1.11 -0.36
CA SER A 54 -7.78 0.24 -0.25
C SER A 54 -7.52 -0.94 0.69
N PHE A 55 -6.24 -1.30 0.85
CA PHE A 55 -5.88 -2.47 1.63
C PHE A 55 -5.16 -2.08 2.92
N VAL A 56 -5.03 -0.77 3.15
CA VAL A 56 -4.35 -0.27 4.33
C VAL A 56 -5.19 0.78 5.04
N HIS A 57 -4.82 1.10 6.28
CA HIS A 57 -5.55 2.09 7.03
C HIS A 57 -4.59 3.08 7.67
N ILE A 58 -4.91 4.36 7.56
CA ILE A 58 -4.05 5.43 8.04
C ILE A 58 -4.13 5.57 9.55
N LEU A 59 -2.98 5.51 10.20
CA LEU A 59 -2.91 5.60 11.65
C LEU A 59 -2.21 6.88 12.07
N SER A 60 -2.98 7.94 12.16
CA SER A 60 -2.46 9.22 12.64
C SER A 60 -2.95 9.44 14.07
N ASP A 61 -3.47 8.38 14.65
CA ASP A 61 -4.04 8.42 16.00
C ASP A 61 -3.94 7.03 16.64
N CYS B 1 -5.44 -9.31 12.03
CA CYS B 1 -6.90 -9.25 11.90
C CYS B 1 -7.30 -8.61 10.57
N ILE B 2 -7.75 -9.42 9.62
CA ILE B 2 -8.23 -8.89 8.36
C ILE B 2 -9.51 -8.12 8.57
N ILE B 3 -9.51 -6.90 8.08
CA ILE B 3 -10.68 -6.05 8.14
C ILE B 3 -11.70 -6.50 7.11
N SER B 4 -12.90 -6.84 7.55
CA SER B 4 -13.99 -7.16 6.65
C SER B 4 -13.62 -8.28 5.66
N ALA B 5 -14.20 -8.24 4.47
CA ALA B 5 -13.75 -9.06 3.37
C ALA B 5 -12.78 -8.28 2.51
N MET B 6 -12.02 -8.99 1.68
CA MET B 6 -10.98 -8.36 0.88
C MET B 6 -11.54 -7.35 -0.13
N PRO B 7 -10.85 -6.21 -0.28
CA PRO B 7 -11.20 -5.20 -1.26
C PRO B 7 -10.59 -5.53 -2.61
N THR B 8 -10.75 -4.64 -3.55
CA THR B 8 -10.25 -4.88 -4.89
C THR B 8 -9.27 -3.80 -5.25
N LYS B 9 -8.17 -4.19 -5.88
CA LYS B 9 -7.21 -3.24 -6.39
C LYS B 9 -7.91 -2.32 -7.40
N SER B 10 -8.20 -1.10 -6.96
CA SER B 10 -9.04 -0.17 -7.73
C SER B 10 -8.33 0.40 -8.96
N SER B 11 -7.24 -0.25 -9.34
CA SER B 11 -6.42 0.17 -10.47
C SER B 11 -5.77 1.52 -10.21
N ARG B 12 -4.46 1.52 -10.13
CA ARG B 12 -3.70 2.73 -9.88
C ARG B 12 -3.88 3.71 -11.04
N LYS B 13 -4.52 4.83 -10.77
CA LYS B 13 -4.84 5.82 -11.82
C LYS B 13 -3.56 6.47 -12.33
N ALA B 14 -2.49 6.30 -11.57
CA ALA B 14 -1.19 6.83 -11.96
C ALA B 14 -0.50 5.90 -12.95
N LYS B 15 -0.78 4.60 -12.86
CA LYS B 15 -0.17 3.63 -13.76
C LYS B 15 -1.01 3.50 -15.02
N LYS B 16 -0.36 3.17 -16.12
CA LYS B 16 -1.05 2.99 -17.37
C LYS B 16 -1.21 1.51 -17.66
N PRO B 17 -2.44 1.06 -17.94
CA PRO B 17 -2.73 -0.34 -18.26
C PRO B 17 -2.13 -0.75 -19.60
N ALA B 18 -0.81 -0.84 -19.64
CA ALA B 18 -0.08 -1.22 -20.82
C ALA B 18 1.13 -2.06 -20.44
N GLN B 19 1.84 -2.54 -21.44
CA GLN B 19 3.00 -3.39 -21.23
C GLN B 19 4.27 -2.56 -21.18
N VAL A 1 6.42 11.92 9.37
CA VAL A 1 6.28 10.45 9.53
C VAL A 1 4.81 10.03 9.58
N ARG A 2 4.25 9.78 8.40
CA ARG A 2 2.89 9.30 8.31
C ARG A 2 2.88 7.78 8.26
N ARG A 3 2.37 7.18 9.32
CA ARG A 3 2.43 5.73 9.49
C ARG A 3 1.07 5.09 9.22
N VAL A 4 1.09 3.97 8.51
CA VAL A 4 -0.13 3.23 8.21
C VAL A 4 0.08 1.75 8.52
N LYS A 5 -1.02 1.00 8.63
CA LYS A 5 -0.93 -0.43 8.89
C LYS A 5 -1.82 -1.17 7.91
N THR A 6 -1.35 -2.31 7.43
CA THR A 6 -2.08 -3.08 6.44
C THR A 6 -3.20 -3.88 7.08
N ILE A 7 -4.41 -3.62 6.63
CA ILE A 7 -5.58 -4.31 7.16
C ILE A 7 -5.99 -5.45 6.25
N TYR A 8 -5.33 -5.48 5.10
CA TYR A 8 -5.53 -6.53 4.12
C TYR A 8 -4.20 -6.99 3.56
N ASP A 9 -4.25 -7.99 2.70
CA ASP A 9 -3.09 -8.44 1.96
C ASP A 9 -3.28 -8.15 0.48
N CYS A 10 -2.28 -7.54 -0.11
CA CYS A 10 -2.37 -7.12 -1.51
C CYS A 10 -1.09 -7.48 -2.24
N GLN A 11 -1.21 -7.72 -3.53
CA GLN A 11 -0.05 -8.03 -4.35
C GLN A 11 0.04 -7.09 -5.54
N ALA A 12 1.28 -6.76 -5.88
CA ALA A 12 1.57 -5.84 -6.97
C ALA A 12 1.38 -6.47 -8.33
N ASP A 13 1.01 -5.64 -9.31
CA ASP A 13 0.96 -6.05 -10.70
C ASP A 13 2.24 -5.61 -11.37
N ASN A 14 2.58 -4.38 -11.11
CA ASN A 14 3.72 -3.73 -11.73
C ASN A 14 4.87 -3.65 -10.74
N ASP A 15 6.08 -3.60 -11.30
CA ASP A 15 7.32 -3.77 -10.55
C ASP A 15 7.49 -2.77 -9.40
N ASP A 16 6.89 -1.59 -9.54
CA ASP A 16 7.07 -0.53 -8.55
C ASP A 16 5.89 -0.44 -7.57
N GLU A 17 5.03 -1.44 -7.57
CA GLU A 17 3.91 -1.47 -6.62
C GLU A 17 4.29 -2.33 -5.42
N LEU A 18 3.54 -2.19 -4.32
CA LEU A 18 3.91 -2.85 -3.08
C LEU A 18 3.04 -4.08 -2.81
N THR A 19 3.68 -5.22 -2.63
CA THR A 19 3.01 -6.43 -2.18
C THR A 19 3.14 -6.53 -0.66
N PHE A 20 2.02 -6.47 0.03
CA PHE A 20 2.01 -6.47 1.49
C PHE A 20 0.93 -7.40 2.02
N ILE A 21 1.13 -7.94 3.22
CA ILE A 21 0.11 -8.78 3.83
C ILE A 21 -0.38 -8.15 5.12
N GLU A 22 -1.56 -8.58 5.56
CA GLU A 22 -2.20 -8.02 6.74
C GLU A 22 -1.28 -8.14 7.96
N GLY A 23 -1.01 -7.01 8.60
CA GLY A 23 -0.17 -7.00 9.77
C GLY A 23 1.11 -6.20 9.56
N GLU A 24 1.36 -5.84 8.31
CA GLU A 24 2.53 -5.05 7.98
C GLU A 24 2.31 -3.59 8.31
N VAL A 25 3.40 -2.89 8.58
CA VAL A 25 3.35 -1.48 8.92
C VAL A 25 4.14 -0.69 7.88
N ILE A 26 3.56 0.38 7.38
CA ILE A 26 4.19 1.13 6.30
C ILE A 26 4.37 2.60 6.70
N ILE A 27 5.55 3.13 6.43
CA ILE A 27 5.80 4.55 6.59
C ILE A 27 5.62 5.23 5.24
N VAL A 28 4.60 6.07 5.13
CA VAL A 28 4.28 6.71 3.86
C VAL A 28 5.24 7.85 3.57
N THR A 29 6.01 7.70 2.50
CA THR A 29 6.97 8.71 2.10
C THR A 29 6.40 9.60 1.00
N GLY A 30 5.46 9.07 0.23
CA GLY A 30 4.89 9.80 -0.86
C GLY A 30 3.47 9.35 -1.19
N GLU A 31 2.95 9.87 -2.29
CA GLU A 31 1.60 9.59 -2.73
C GLU A 31 1.54 9.83 -4.23
N GLU A 32 0.94 8.91 -4.97
CA GLU A 32 0.87 9.04 -6.41
C GLU A 32 -0.57 9.16 -6.84
N ASP A 33 -1.42 8.46 -6.11
CA ASP A 33 -2.83 8.43 -6.39
C ASP A 33 -3.59 8.71 -5.10
N GLN A 34 -4.90 8.87 -5.19
CA GLN A 34 -5.70 9.08 -4.00
C GLN A 34 -5.74 7.80 -3.19
N GLU A 35 -5.77 6.69 -3.90
CA GLU A 35 -5.91 5.39 -3.28
C GLU A 35 -4.63 4.57 -3.49
N TRP A 36 -3.56 5.24 -3.86
CA TRP A 36 -2.26 4.59 -4.04
C TRP A 36 -1.14 5.47 -3.52
N TRP A 37 -0.56 5.09 -2.40
CA TRP A 37 0.48 5.88 -1.77
C TRP A 37 1.82 5.17 -1.84
N ILE A 38 2.88 5.91 -1.60
CA ILE A 38 4.21 5.39 -1.74
C ILE A 38 4.92 5.40 -0.40
N GLY A 39 5.60 4.32 -0.08
CA GLY A 39 6.33 4.28 1.16
C GLY A 39 7.13 3.02 1.32
N HIS A 40 7.54 2.75 2.54
CA HIS A 40 8.36 1.58 2.85
C HIS A 40 7.88 0.96 4.16
N ILE A 41 8.03 -0.35 4.27
CA ILE A 41 7.66 -1.06 5.49
C ILE A 41 8.52 -0.57 6.66
N GLU A 42 7.88 -0.32 7.80
CA GLU A 42 8.54 0.29 8.96
C GLU A 42 9.86 -0.39 9.29
N GLY A 43 9.78 -1.67 9.65
CA GLY A 43 10.97 -2.41 10.01
C GLY A 43 11.59 -3.13 8.82
N GLN A 44 11.13 -2.79 7.62
CA GLN A 44 11.64 -3.38 6.39
C GLN A 44 11.84 -2.31 5.33
N PRO A 45 12.89 -1.50 5.49
CA PRO A 45 13.20 -0.40 4.57
C PRO A 45 13.69 -0.93 3.21
N GLU A 46 13.83 -2.24 3.16
CA GLU A 46 14.19 -2.94 1.94
C GLU A 46 12.96 -3.14 1.06
N ARG A 47 11.79 -2.99 1.68
CA ARG A 47 10.52 -3.17 0.98
C ARG A 47 9.82 -1.82 0.81
N LYS A 48 9.96 -1.23 -0.37
CA LYS A 48 9.28 0.02 -0.66
C LYS A 48 8.52 -0.11 -1.96
N GLY A 49 7.52 0.74 -2.14
CA GLY A 49 6.73 0.70 -3.35
C GLY A 49 5.42 1.45 -3.21
N VAL A 50 4.56 1.34 -4.20
CA VAL A 50 3.26 2.00 -4.17
C VAL A 50 2.17 1.01 -3.76
N PHE A 51 1.54 1.29 -2.63
CA PHE A 51 0.53 0.42 -2.06
C PHE A 51 -0.85 1.04 -2.14
N PRO A 52 -1.89 0.23 -2.40
CA PRO A 52 -3.27 0.68 -2.44
C PRO A 52 -3.82 0.95 -1.05
N VAL A 53 -4.38 2.14 -0.87
CA VAL A 53 -4.93 2.54 0.42
C VAL A 53 -6.19 1.73 0.73
N SER A 54 -6.73 1.07 -0.29
CA SER A 54 -7.91 0.23 -0.13
C SER A 54 -7.65 -0.97 0.77
N PHE A 55 -6.38 -1.33 0.91
CA PHE A 55 -6.00 -2.53 1.66
C PHE A 55 -5.25 -2.15 2.93
N VAL A 56 -5.08 -0.85 3.14
CA VAL A 56 -4.36 -0.36 4.31
C VAL A 56 -5.19 0.71 5.02
N HIS A 57 -4.70 1.19 6.14
CA HIS A 57 -5.41 2.21 6.90
C HIS A 57 -4.42 3.20 7.49
N ILE A 58 -4.70 4.47 7.31
CA ILE A 58 -3.82 5.53 7.80
C ILE A 58 -3.95 5.65 9.31
N LEU A 59 -2.81 5.72 9.99
CA LEU A 59 -2.79 5.80 11.44
C LEU A 59 -2.16 7.10 11.91
N SER A 60 -3.00 8.09 12.12
CA SER A 60 -2.56 9.36 12.64
C SER A 60 -2.70 9.34 14.16
N ASP A 61 -2.26 8.23 14.75
CA ASP A 61 -2.31 8.04 16.18
C ASP A 61 -0.96 7.54 16.68
N CYS B 1 -5.30 -8.97 12.16
CA CYS B 1 -6.71 -9.35 11.89
C CYS B 1 -7.15 -8.74 10.57
N ILE B 2 -7.58 -9.58 9.63
CA ILE B 2 -8.11 -9.09 8.37
C ILE B 2 -9.40 -8.33 8.60
N ILE B 3 -9.45 -7.11 8.10
CA ILE B 3 -10.65 -6.30 8.16
C ILE B 3 -11.63 -6.77 7.10
N SER B 4 -12.82 -7.17 7.53
CA SER B 4 -13.92 -7.46 6.62
C SER B 4 -13.53 -8.50 5.55
N ALA B 5 -14.20 -8.42 4.40
CA ALA B 5 -13.82 -9.20 3.24
C ALA B 5 -12.91 -8.36 2.34
N MET B 6 -12.18 -9.02 1.47
CA MET B 6 -11.18 -8.35 0.63
C MET B 6 -11.80 -7.27 -0.27
N PRO B 7 -11.12 -6.11 -0.37
CA PRO B 7 -11.51 -5.04 -1.27
C PRO B 7 -10.94 -5.27 -2.66
N THR B 8 -11.14 -4.34 -3.55
CA THR B 8 -10.67 -4.51 -4.90
C THR B 8 -9.53 -3.56 -5.19
N LYS B 9 -8.43 -4.13 -5.64
CA LYS B 9 -7.28 -3.36 -6.08
C LYS B 9 -7.69 -2.47 -7.23
N SER B 10 -7.91 -1.20 -6.90
CA SER B 10 -8.50 -0.25 -7.82
C SER B 10 -7.62 0.06 -9.04
N SER B 11 -6.34 -0.32 -8.94
CA SER B 11 -5.33 0.03 -9.94
C SER B 11 -5.08 1.54 -9.90
N ARG B 12 -3.83 1.93 -10.00
CA ARG B 12 -3.50 3.35 -9.88
C ARG B 12 -4.00 4.09 -11.09
N LYS B 13 -4.62 5.23 -10.85
CA LYS B 13 -5.22 6.00 -11.91
C LYS B 13 -4.18 6.85 -12.61
N ALA B 14 -2.96 6.78 -12.09
CA ALA B 14 -1.82 7.42 -12.72
C ALA B 14 -1.13 6.46 -13.68
N LYS B 15 -1.60 5.22 -13.71
CA LYS B 15 -1.08 4.22 -14.65
C LYS B 15 -2.20 3.73 -15.55
N LYS B 16 -1.86 3.41 -16.78
CA LYS B 16 -2.84 2.94 -17.75
C LYS B 16 -2.97 1.43 -17.68
N PRO B 17 -4.17 0.91 -18.02
CA PRO B 17 -4.46 -0.53 -17.97
C PRO B 17 -3.79 -1.31 -19.11
N ALA B 18 -2.63 -0.83 -19.53
CA ALA B 18 -1.84 -1.51 -20.56
C ALA B 18 -0.73 -2.30 -19.90
N GLN B 19 -0.35 -1.87 -18.71
CA GLN B 19 0.69 -2.55 -17.94
C GLN B 19 0.15 -2.89 -16.57
N VAL A 1 6.45 12.27 9.65
CA VAL A 1 6.50 10.84 9.32
C VAL A 1 5.10 10.24 9.39
N ARG A 2 4.58 9.83 8.25
CA ARG A 2 3.25 9.22 8.21
C ARG A 2 3.38 7.70 8.23
N ARG A 3 2.46 7.05 8.93
CA ARG A 3 2.55 5.63 9.15
C ARG A 3 1.20 4.96 8.91
N VAL A 4 1.20 3.85 8.20
CA VAL A 4 -0.04 3.13 7.94
C VAL A 4 0.08 1.68 8.39
N LYS A 5 -1.05 1.09 8.73
CA LYS A 5 -1.12 -0.31 9.11
C LYS A 5 -2.03 -1.02 8.15
N THR A 6 -1.59 -2.16 7.68
CA THR A 6 -2.33 -2.89 6.67
C THR A 6 -3.52 -3.62 7.28
N ILE A 7 -4.69 -3.43 6.70
CA ILE A 7 -5.89 -4.09 7.18
C ILE A 7 -6.22 -5.27 6.30
N TYR A 8 -5.47 -5.38 5.22
CA TYR A 8 -5.65 -6.44 4.26
C TYR A 8 -4.31 -7.00 3.82
N ASP A 9 -4.40 -8.03 2.99
CA ASP A 9 -3.25 -8.62 2.35
C ASP A 9 -3.25 -8.24 0.89
N CYS A 10 -2.12 -7.80 0.41
CA CYS A 10 -2.02 -7.30 -0.94
C CYS A 10 -0.68 -7.64 -1.54
N GLN A 11 -0.66 -7.88 -2.83
CA GLN A 11 0.56 -8.24 -3.52
C GLN A 11 0.78 -7.33 -4.72
N ALA A 12 2.05 -7.03 -4.97
CA ALA A 12 2.45 -6.10 -6.02
C ALA A 12 1.97 -6.54 -7.40
N ASP A 13 1.33 -5.60 -8.09
CA ASP A 13 0.82 -5.83 -9.44
C ASP A 13 1.95 -5.75 -10.45
N ASN A 14 2.90 -4.88 -10.15
CA ASN A 14 4.04 -4.63 -11.03
C ASN A 14 5.32 -4.61 -10.18
N ASP A 15 6.44 -4.21 -10.75
CA ASP A 15 7.72 -4.29 -10.06
C ASP A 15 7.82 -3.32 -8.88
N ASP A 16 7.31 -2.10 -9.04
CA ASP A 16 7.46 -1.08 -8.00
C ASP A 16 6.15 -0.83 -7.26
N GLU A 17 5.36 -1.87 -7.10
CA GLU A 17 4.20 -1.79 -6.24
C GLU A 17 4.59 -2.37 -4.90
N LEU A 18 3.64 -2.55 -4.01
CA LEU A 18 3.96 -3.06 -2.69
C LEU A 18 3.18 -4.34 -2.36
N THR A 19 3.89 -5.33 -1.84
CA THR A 19 3.26 -6.52 -1.29
C THR A 19 3.29 -6.43 0.24
N PHE A 20 2.13 -6.47 0.85
CA PHE A 20 2.01 -6.31 2.29
C PHE A 20 0.91 -7.21 2.84
N ILE A 21 1.19 -7.83 3.97
CA ILE A 21 0.26 -8.76 4.60
C ILE A 21 -0.48 -8.06 5.74
N GLU A 22 -1.68 -8.55 6.06
CA GLU A 22 -2.49 -7.94 7.12
C GLU A 22 -1.71 -7.92 8.43
N GLY A 23 -1.61 -6.75 9.04
CA GLY A 23 -0.88 -6.61 10.29
C GLY A 23 0.46 -5.93 10.08
N GLU A 24 0.75 -5.63 8.83
CA GLU A 24 2.01 -5.00 8.46
C GLU A 24 1.95 -3.49 8.71
N VAL A 25 3.11 -2.88 8.79
CA VAL A 25 3.22 -1.46 9.05
C VAL A 25 4.09 -0.81 7.99
N ILE A 26 3.55 0.19 7.31
CA ILE A 26 4.27 0.85 6.23
C ILE A 26 4.48 2.33 6.56
N ILE A 27 5.67 2.84 6.28
CA ILE A 27 5.95 4.26 6.45
C ILE A 27 5.68 4.98 5.13
N VAL A 28 4.80 5.96 5.16
CA VAL A 28 4.41 6.68 3.95
C VAL A 28 5.40 7.78 3.64
N THR A 29 6.07 7.67 2.50
CA THR A 29 7.05 8.66 2.08
C THR A 29 6.50 9.56 0.99
N GLY A 30 5.43 9.13 0.34
CA GLY A 30 4.85 9.92 -0.73
C GLY A 30 3.44 9.48 -1.08
N GLU A 31 2.92 10.08 -2.14
CA GLU A 31 1.57 9.83 -2.60
C GLU A 31 1.50 10.10 -4.09
N GLU A 32 0.81 9.25 -4.81
CA GLU A 32 0.65 9.46 -6.25
C GLU A 32 -0.82 9.61 -6.58
N ASP A 33 -1.63 8.81 -5.92
CA ASP A 33 -3.06 8.83 -6.13
C ASP A 33 -3.77 8.90 -4.80
N GLN A 34 -5.05 9.17 -4.84
CA GLN A 34 -5.88 9.19 -3.65
C GLN A 34 -5.84 7.84 -2.95
N GLU A 35 -5.82 6.80 -3.77
CA GLU A 35 -5.95 5.46 -3.28
C GLU A 35 -4.63 4.70 -3.41
N TRP A 36 -3.58 5.42 -3.75
CA TRP A 36 -2.26 4.82 -3.95
C TRP A 36 -1.15 5.71 -3.39
N TRP A 37 -0.58 5.28 -2.28
CA TRP A 37 0.47 6.03 -1.61
C TRP A 37 1.80 5.31 -1.72
N ILE A 38 2.88 6.03 -1.52
CA ILE A 38 4.21 5.50 -1.69
C ILE A 38 4.94 5.47 -0.37
N GLY A 39 5.68 4.41 -0.11
CA GLY A 39 6.48 4.36 1.09
C GLY A 39 7.26 3.08 1.20
N HIS A 40 7.77 2.84 2.40
CA HIS A 40 8.54 1.65 2.69
C HIS A 40 8.14 1.12 4.05
N ILE A 41 8.06 -0.18 4.15
CA ILE A 41 7.54 -0.85 5.34
C ILE A 41 8.44 -0.65 6.54
N GLU A 42 7.80 -0.28 7.65
CA GLU A 42 8.51 0.07 8.87
C GLU A 42 9.07 -1.20 9.50
N GLY A 43 10.40 -1.30 9.48
CA GLY A 43 11.04 -2.48 10.00
C GLY A 43 11.71 -3.28 8.90
N GLN A 44 11.41 -2.93 7.66
CA GLN A 44 11.98 -3.62 6.52
C GLN A 44 12.06 -2.66 5.32
N PRO A 45 13.15 -1.87 5.26
CA PRO A 45 13.31 -0.81 4.25
C PRO A 45 13.35 -1.33 2.83
N GLU A 46 13.67 -2.61 2.66
CA GLU A 46 13.70 -3.23 1.33
C GLU A 46 12.31 -3.41 0.77
N ARG A 47 11.30 -3.28 1.62
CA ARG A 47 9.93 -3.35 1.15
C ARG A 47 9.40 -1.97 0.89
N LYS A 48 9.61 -1.46 -0.32
CA LYS A 48 9.11 -0.16 -0.71
C LYS A 48 8.40 -0.23 -2.03
N GLY A 49 7.42 0.63 -2.22
CA GLY A 49 6.66 0.64 -3.43
C GLY A 49 5.43 1.48 -3.28
N VAL A 50 4.48 1.31 -4.18
CA VAL A 50 3.23 2.02 -4.09
C VAL A 50 2.14 1.08 -3.60
N PHE A 51 1.55 1.42 -2.47
CA PHE A 51 0.54 0.58 -1.85
C PHE A 51 -0.85 1.21 -1.93
N PRO A 52 -1.85 0.41 -2.30
CA PRO A 52 -3.24 0.85 -2.34
C PRO A 52 -3.79 1.12 -0.94
N VAL A 53 -4.34 2.31 -0.75
CA VAL A 53 -4.95 2.69 0.51
C VAL A 53 -6.19 1.81 0.77
N SER A 54 -6.65 1.16 -0.29
CA SER A 54 -7.78 0.26 -0.22
C SER A 54 -7.54 -0.90 0.76
N PHE A 55 -6.28 -1.29 0.90
CA PHE A 55 -5.95 -2.45 1.71
C PHE A 55 -5.25 -2.05 3.00
N VAL A 56 -5.18 -0.74 3.27
CA VAL A 56 -4.49 -0.23 4.46
C VAL A 56 -5.30 0.83 5.19
N HIS A 57 -4.75 1.30 6.31
CA HIS A 57 -5.38 2.36 7.11
C HIS A 57 -4.32 3.32 7.62
N ILE A 58 -4.70 4.59 7.74
CA ILE A 58 -3.77 5.63 8.18
C ILE A 58 -3.73 5.71 9.70
N LEU A 59 -2.53 5.59 10.25
CA LEU A 59 -2.32 5.66 11.69
C LEU A 59 -1.52 6.89 12.06
N SER A 60 -0.33 7.01 11.49
CA SER A 60 0.62 8.06 11.86
C SER A 60 0.84 8.01 13.37
N ASP A 61 1.02 6.79 13.87
CA ASP A 61 1.20 6.53 15.28
C ASP A 61 2.14 5.34 15.47
N CYS B 1 -5.64 -8.00 12.53
CA CYS B 1 -7.11 -8.10 12.44
C CYS B 1 -7.56 -7.77 11.02
N ILE B 2 -7.92 -8.79 10.25
CA ILE B 2 -8.41 -8.57 8.89
C ILE B 2 -9.69 -7.75 8.92
N ILE B 3 -9.73 -6.73 8.11
CA ILE B 3 -10.93 -5.95 7.93
C ILE B 3 -11.79 -6.58 6.84
N SER B 4 -12.99 -6.98 7.20
CA SER B 4 -14.01 -7.39 6.24
C SER B 4 -13.52 -8.51 5.31
N ALA B 5 -14.15 -8.59 4.14
CA ALA B 5 -13.67 -9.43 3.06
C ALA B 5 -12.77 -8.61 2.15
N MET B 6 -11.92 -9.29 1.38
CA MET B 6 -10.91 -8.64 0.56
C MET B 6 -11.49 -7.57 -0.37
N PRO B 7 -10.80 -6.41 -0.48
CA PRO B 7 -11.20 -5.32 -1.35
C PRO B 7 -10.63 -5.53 -2.73
N THR B 8 -10.82 -4.58 -3.59
CA THR B 8 -10.31 -4.68 -4.93
C THR B 8 -9.19 -3.69 -5.14
N LYS B 9 -8.14 -4.15 -5.78
CA LYS B 9 -7.10 -3.26 -6.25
C LYS B 9 -7.71 -2.36 -7.30
N SER B 10 -8.12 -1.19 -6.88
CA SER B 10 -8.96 -0.30 -7.70
C SER B 10 -8.16 0.38 -8.81
N SER B 11 -7.07 -0.28 -9.24
CA SER B 11 -6.16 0.23 -10.25
C SER B 11 -5.52 1.54 -9.83
N ARG B 12 -4.24 1.69 -10.16
CA ARG B 12 -3.56 2.93 -9.93
C ARG B 12 -3.82 3.85 -11.10
N LYS B 13 -4.71 4.83 -10.91
CA LYS B 13 -5.17 5.69 -12.00
C LYS B 13 -4.10 6.69 -12.44
N ALA B 14 -2.86 6.35 -12.21
CA ALA B 14 -1.73 7.11 -12.71
C ALA B 14 -0.78 6.21 -13.48
N LYS B 15 -1.19 4.95 -13.63
CA LYS B 15 -0.44 3.97 -14.39
C LYS B 15 -1.40 2.95 -15.00
N LYS B 16 -1.24 2.67 -16.28
CA LYS B 16 -2.15 1.77 -16.95
C LYS B 16 -1.62 0.34 -16.94
N PRO B 17 -2.46 -0.62 -16.51
CA PRO B 17 -2.18 -2.04 -16.59
C PRO B 17 -2.78 -2.66 -17.85
N ALA B 18 -2.62 -1.94 -18.97
CA ALA B 18 -3.23 -2.30 -20.26
C ALA B 18 -4.74 -2.11 -20.21
N GLN B 19 -5.40 -2.94 -19.42
CA GLN B 19 -6.85 -2.89 -19.28
C GLN B 19 -7.26 -3.63 -18.00
N VAL A 1 6.57 11.26 10.11
CA VAL A 1 6.20 10.38 8.97
C VAL A 1 4.72 10.05 9.03
N ARG A 2 4.18 9.54 7.94
CA ARG A 2 2.80 9.13 7.89
C ARG A 2 2.73 7.60 7.98
N ARG A 3 2.16 7.09 9.04
CA ARG A 3 2.25 5.67 9.33
C ARG A 3 0.93 4.97 9.05
N VAL A 4 0.98 3.91 8.25
CA VAL A 4 -0.22 3.14 7.95
C VAL A 4 0.00 1.67 8.29
N LYS A 5 -1.08 0.95 8.54
CA LYS A 5 -0.99 -0.47 8.85
C LYS A 5 -1.86 -1.24 7.87
N THR A 6 -1.32 -2.30 7.32
CA THR A 6 -2.02 -3.08 6.32
C THR A 6 -3.15 -3.87 6.96
N ILE A 7 -4.37 -3.59 6.53
CA ILE A 7 -5.54 -4.26 7.07
C ILE A 7 -5.98 -5.38 6.15
N TYR A 8 -5.30 -5.43 5.02
CA TYR A 8 -5.50 -6.47 4.04
C TYR A 8 -4.16 -6.91 3.49
N ASP A 9 -4.20 -7.89 2.60
CA ASP A 9 -3.01 -8.30 1.87
C ASP A 9 -3.19 -7.98 0.39
N CYS A 10 -2.20 -7.33 -0.17
CA CYS A 10 -2.26 -6.92 -1.57
C CYS A 10 -0.95 -7.20 -2.24
N GLN A 11 -1.02 -7.63 -3.49
CA GLN A 11 0.18 -7.90 -4.23
C GLN A 11 0.41 -6.87 -5.32
N ALA A 12 1.57 -6.98 -5.94
CA ALA A 12 2.00 -6.09 -7.01
C ALA A 12 0.91 -5.80 -8.04
N ASP A 13 0.78 -4.53 -8.39
CA ASP A 13 -0.10 -4.10 -9.47
C ASP A 13 0.69 -3.89 -10.75
N ASN A 14 1.94 -3.43 -10.59
CA ASN A 14 2.80 -3.14 -11.73
C ASN A 14 4.21 -3.63 -11.43
N ASP A 15 5.16 -3.25 -12.27
CA ASP A 15 6.57 -3.50 -11.98
C ASP A 15 7.03 -2.58 -10.85
N ASP A 16 6.27 -1.51 -10.65
CA ASP A 16 6.57 -0.51 -9.64
C ASP A 16 5.46 -0.48 -8.61
N GLU A 17 5.64 -1.23 -7.53
CA GLU A 17 4.63 -1.29 -6.48
C GLU A 17 5.26 -1.63 -5.12
N LEU A 18 4.39 -1.97 -4.18
CA LEU A 18 4.80 -2.51 -2.90
C LEU A 18 3.82 -3.60 -2.48
N THR A 19 4.26 -4.85 -2.58
CA THR A 19 3.45 -5.98 -2.17
C THR A 19 3.45 -6.11 -0.64
N PHE A 20 2.29 -6.35 -0.06
CA PHE A 20 2.17 -6.40 1.40
C PHE A 20 1.09 -7.38 1.84
N ILE A 21 1.19 -7.79 3.10
CA ILE A 21 0.21 -8.68 3.69
C ILE A 21 -0.34 -8.07 4.97
N GLU A 22 -1.51 -8.54 5.39
CA GLU A 22 -2.17 -8.03 6.58
C GLU A 22 -1.25 -8.18 7.79
N GLY A 23 -1.00 -7.08 8.48
CA GLY A 23 -0.16 -7.13 9.66
C GLY A 23 1.13 -6.36 9.47
N GLU A 24 1.37 -5.89 8.27
CA GLU A 24 2.54 -5.08 7.99
C GLU A 24 2.29 -3.62 8.33
N VAL A 25 3.38 -2.88 8.52
CA VAL A 25 3.30 -1.46 8.84
C VAL A 25 4.14 -0.69 7.83
N ILE A 26 3.54 0.30 7.21
CA ILE A 26 4.21 1.03 6.16
C ILE A 26 4.43 2.48 6.56
N ILE A 27 5.66 2.93 6.40
CA ILE A 27 6.01 4.32 6.61
C ILE A 27 5.83 5.07 5.29
N VAL A 28 4.73 5.80 5.18
CA VAL A 28 4.41 6.54 3.97
C VAL A 28 5.35 7.73 3.81
N THR A 29 6.05 7.76 2.69
CA THR A 29 6.98 8.83 2.41
C THR A 29 6.41 9.79 1.38
N GLY A 30 5.41 9.32 0.63
CA GLY A 30 4.81 10.15 -0.39
C GLY A 30 3.46 9.63 -0.85
N GLU A 31 2.89 10.29 -1.84
CA GLU A 31 1.60 9.94 -2.40
C GLU A 31 1.66 10.11 -3.90
N GLU A 32 0.92 9.29 -4.63
CA GLU A 32 0.86 9.44 -6.08
C GLU A 32 -0.57 9.62 -6.52
N ASP A 33 -1.46 8.89 -5.88
CA ASP A 33 -2.88 9.04 -6.11
C ASP A 33 -3.61 8.96 -4.78
N GLN A 34 -4.91 9.18 -4.78
CA GLN A 34 -5.71 9.06 -3.58
C GLN A 34 -5.58 7.66 -3.01
N GLU A 35 -5.73 6.67 -3.87
CA GLU A 35 -5.81 5.30 -3.44
C GLU A 35 -4.46 4.59 -3.58
N TRP A 36 -3.44 5.35 -3.93
CA TRP A 36 -2.11 4.77 -4.11
C TRP A 36 -1.03 5.69 -3.54
N TRP A 37 -0.51 5.28 -2.39
CA TRP A 37 0.51 6.06 -1.71
C TRP A 37 1.86 5.39 -1.83
N ILE A 38 2.91 6.12 -1.47
CA ILE A 38 4.27 5.65 -1.61
C ILE A 38 4.94 5.57 -0.26
N GLY A 39 5.65 4.50 -0.01
CA GLY A 39 6.34 4.34 1.24
C GLY A 39 7.14 3.07 1.30
N HIS A 40 7.50 2.67 2.51
CA HIS A 40 8.29 1.48 2.73
C HIS A 40 7.91 0.81 4.03
N ILE A 41 8.07 -0.50 4.07
CA ILE A 41 7.78 -1.28 5.26
C ILE A 41 8.68 -0.84 6.42
N GLU A 42 8.06 -0.70 7.60
CA GLU A 42 8.74 -0.22 8.79
C GLU A 42 9.87 -1.17 9.19
N GLY A 43 9.58 -2.47 9.22
CA GLY A 43 10.58 -3.45 9.59
C GLY A 43 11.36 -3.96 8.40
N GLN A 44 11.17 -3.35 7.25
CA GLN A 44 11.85 -3.76 6.03
C GLN A 44 11.80 -2.63 5.00
N PRO A 45 12.68 -1.63 5.15
CA PRO A 45 12.68 -0.43 4.30
C PRO A 45 13.06 -0.72 2.86
N GLU A 46 13.65 -1.89 2.62
CA GLU A 46 14.02 -2.30 1.28
C GLU A 46 12.78 -2.64 0.47
N ARG A 47 11.73 -3.05 1.17
CA ARG A 47 10.43 -3.22 0.56
C ARG A 47 9.74 -1.86 0.51
N LYS A 48 9.90 -1.20 -0.62
CA LYS A 48 9.38 0.13 -0.81
C LYS A 48 8.78 0.28 -2.20
N GLY A 49 7.75 1.09 -2.30
CA GLY A 49 7.06 1.26 -3.55
C GLY A 49 5.69 1.89 -3.38
N VAL A 50 4.75 1.50 -4.23
CA VAL A 50 3.42 2.10 -4.23
C VAL A 50 2.38 1.08 -3.79
N PHE A 51 1.56 1.47 -2.83
CA PHE A 51 0.58 0.55 -2.26
C PHE A 51 -0.83 1.17 -2.26
N PRO A 52 -1.87 0.32 -2.45
CA PRO A 52 -3.26 0.75 -2.47
C PRO A 52 -3.83 1.01 -1.08
N VAL A 53 -4.37 2.20 -0.90
CA VAL A 53 -4.95 2.61 0.37
C VAL A 53 -6.18 1.75 0.71
N SER A 54 -6.77 1.13 -0.31
CA SER A 54 -7.92 0.25 -0.11
C SER A 54 -7.59 -0.94 0.79
N PHE A 55 -6.32 -1.33 0.83
CA PHE A 55 -5.94 -2.53 1.56
C PHE A 55 -5.19 -2.16 2.84
N VAL A 56 -5.03 -0.87 3.06
CA VAL A 56 -4.33 -0.38 4.25
C VAL A 56 -5.20 0.64 4.98
N HIS A 57 -4.80 1.01 6.19
CA HIS A 57 -5.53 1.99 6.95
C HIS A 57 -4.58 3.00 7.55
N ILE A 58 -5.00 4.26 7.55
CA ILE A 58 -4.14 5.35 8.01
C ILE A 58 -4.18 5.44 9.53
N LEU A 59 -3.00 5.39 10.14
CA LEU A 59 -2.87 5.56 11.59
C LEU A 59 -2.27 6.92 11.89
N SER A 60 -1.13 7.21 11.27
CA SER A 60 -0.37 8.42 11.57
C SER A 60 -0.11 8.49 13.08
N ASP A 61 0.36 7.37 13.61
CA ASP A 61 0.59 7.23 15.02
C ASP A 61 1.89 6.47 15.26
N CYS B 1 -5.87 -10.53 11.23
CA CYS B 1 -7.10 -9.73 11.40
C CYS B 1 -7.45 -8.99 10.13
N ILE B 2 -8.02 -9.70 9.17
CA ILE B 2 -8.46 -9.05 7.95
C ILE B 2 -9.69 -8.21 8.22
N ILE B 3 -9.57 -6.93 7.95
CA ILE B 3 -10.67 -6.01 8.08
C ILE B 3 -11.74 -6.35 7.05
N SER B 4 -12.90 -6.79 7.53
CA SER B 4 -14.01 -7.08 6.65
C SER B 4 -13.63 -8.14 5.60
N ALA B 5 -14.29 -8.09 4.43
CA ALA B 5 -13.89 -8.90 3.30
C ALA B 5 -12.92 -8.10 2.43
N MET B 6 -12.07 -8.81 1.70
CA MET B 6 -11.05 -8.17 0.88
C MET B 6 -11.66 -7.24 -0.17
N PRO B 7 -11.09 -6.04 -0.32
CA PRO B 7 -11.49 -5.08 -1.33
C PRO B 7 -10.80 -5.38 -2.63
N THR B 8 -10.98 -4.56 -3.61
CA THR B 8 -10.37 -4.82 -4.89
C THR B 8 -9.34 -3.76 -5.17
N LYS B 9 -8.23 -4.19 -5.72
CA LYS B 9 -7.20 -3.28 -6.14
C LYS B 9 -7.74 -2.49 -7.32
N SER B 10 -8.19 -1.27 -7.03
CA SER B 10 -8.99 -0.48 -7.97
C SER B 10 -8.18 0.05 -9.14
N SER B 11 -6.99 -0.52 -9.34
CA SER B 11 -6.06 -0.10 -10.37
C SER B 11 -5.52 1.30 -10.05
N ARG B 12 -4.21 1.41 -10.06
CA ARG B 12 -3.54 2.66 -9.83
C ARG B 12 -3.94 3.66 -10.90
N LYS B 13 -4.50 4.79 -10.47
CA LYS B 13 -5.05 5.77 -11.40
C LYS B 13 -3.95 6.49 -12.18
N ALA B 14 -2.72 6.21 -11.81
CA ALA B 14 -1.57 6.73 -12.54
C ALA B 14 -1.10 5.70 -13.58
N LYS B 15 -1.84 4.60 -13.70
CA LYS B 15 -1.60 3.63 -14.75
C LYS B 15 -2.10 4.18 -16.07
N LYS B 16 -1.25 4.19 -17.07
CA LYS B 16 -1.60 4.73 -18.36
C LYS B 16 -2.49 3.76 -19.11
N PRO B 17 -3.54 4.27 -19.79
CA PRO B 17 -4.47 3.45 -20.57
C PRO B 17 -3.81 2.85 -21.80
N ALA B 18 -2.98 1.83 -21.56
CA ALA B 18 -2.28 1.15 -22.63
C ALA B 18 -2.48 -0.36 -22.52
N GLN B 19 -1.99 -1.09 -23.50
CA GLN B 19 -2.09 -2.53 -23.50
C GLN B 19 -0.75 -3.15 -23.09
N VAL A 1 5.25 11.64 5.66
CA VAL A 1 5.50 11.15 7.03
C VAL A 1 4.20 10.70 7.69
N ARG A 2 3.67 9.60 7.20
CA ARG A 2 2.39 9.08 7.67
C ARG A 2 2.46 7.57 7.81
N ARG A 3 2.30 7.06 9.02
CA ARG A 3 2.39 5.62 9.23
C ARG A 3 1.04 4.95 8.95
N VAL A 4 1.08 3.85 8.24
CA VAL A 4 -0.12 3.07 7.98
C VAL A 4 0.11 1.61 8.32
N LYS A 5 -0.95 0.91 8.65
CA LYS A 5 -0.86 -0.50 9.02
C LYS A 5 -1.71 -1.30 8.06
N THR A 6 -1.18 -2.42 7.58
CA THR A 6 -1.86 -3.22 6.59
C THR A 6 -2.97 -4.05 7.22
N ILE A 7 -4.17 -3.93 6.68
CA ILE A 7 -5.31 -4.67 7.15
C ILE A 7 -5.62 -5.82 6.21
N TYR A 8 -4.86 -5.86 5.13
CA TYR A 8 -5.02 -6.89 4.12
C TYR A 8 -3.69 -7.30 3.51
N ASP A 9 -3.76 -8.33 2.69
CA ASP A 9 -2.61 -8.80 1.96
C ASP A 9 -2.81 -8.48 0.49
N CYS A 10 -2.00 -7.56 0.00
CA CYS A 10 -2.11 -7.11 -1.38
C CYS A 10 -0.81 -7.38 -2.09
N GLN A 11 -0.91 -7.76 -3.34
CA GLN A 11 0.27 -8.07 -4.11
C GLN A 11 0.40 -7.19 -5.34
N ALA A 12 1.62 -6.82 -5.63
CA ALA A 12 1.90 -5.86 -6.68
C ALA A 12 2.05 -6.54 -8.03
N ASP A 13 1.68 -5.81 -9.08
CA ASP A 13 1.77 -6.31 -10.44
C ASP A 13 3.07 -5.84 -11.07
N ASN A 14 3.46 -4.62 -10.72
CA ASN A 14 4.72 -4.06 -11.19
C ASN A 14 5.73 -3.99 -10.06
N ASP A 15 7.00 -4.04 -10.43
CA ASP A 15 8.11 -4.11 -9.47
C ASP A 15 8.18 -2.86 -8.60
N ASP A 16 7.66 -1.74 -9.11
CA ASP A 16 7.70 -0.48 -8.38
C ASP A 16 6.49 -0.33 -7.46
N GLU A 17 5.59 -1.29 -7.51
CA GLU A 17 4.42 -1.28 -6.65
C GLU A 17 4.68 -2.15 -5.43
N LEU A 18 3.93 -1.94 -4.36
CA LEU A 18 4.21 -2.58 -3.09
C LEU A 18 3.38 -3.84 -2.87
N THR A 19 4.06 -4.92 -2.53
CA THR A 19 3.38 -6.13 -2.08
C THR A 19 3.46 -6.19 -0.55
N PHE A 20 2.32 -6.39 0.11
CA PHE A 20 2.30 -6.37 1.56
C PHE A 20 1.26 -7.34 2.10
N ILE A 21 1.43 -7.75 3.35
CA ILE A 21 0.51 -8.68 3.97
C ILE A 21 -0.05 -8.12 5.27
N GLU A 22 -1.21 -8.60 5.67
CA GLU A 22 -1.88 -8.13 6.88
C GLU A 22 -0.97 -8.26 8.10
N GLY A 23 -0.82 -7.17 8.84
CA GLY A 23 0.06 -7.20 10.00
C GLY A 23 1.36 -6.47 9.75
N GLU A 24 1.53 -6.05 8.50
CA GLU A 24 2.70 -5.28 8.08
C GLU A 24 2.46 -3.80 8.37
N VAL A 25 3.54 -3.04 8.43
CA VAL A 25 3.47 -1.63 8.73
C VAL A 25 4.25 -0.84 7.69
N ILE A 26 3.62 0.20 7.14
CA ILE A 26 4.26 0.97 6.07
C ILE A 26 4.42 2.42 6.48
N ILE A 27 5.59 2.97 6.19
CA ILE A 27 5.85 4.38 6.37
C ILE A 27 5.54 5.11 5.06
N VAL A 28 4.48 5.90 5.05
CA VAL A 28 4.11 6.67 3.87
C VAL A 28 5.05 7.86 3.70
N THR A 29 5.83 7.81 2.63
CA THR A 29 6.79 8.84 2.33
C THR A 29 6.25 9.79 1.27
N GLY A 30 5.16 9.39 0.63
CA GLY A 30 4.56 10.20 -0.39
C GLY A 30 3.23 9.65 -0.86
N GLU A 31 2.58 10.35 -1.78
CA GLU A 31 1.31 9.95 -2.32
C GLU A 31 1.36 10.08 -3.83
N GLU A 32 0.70 9.18 -4.53
CA GLU A 32 0.66 9.26 -5.99
C GLU A 32 -0.78 9.36 -6.44
N ASP A 33 -1.61 8.50 -5.90
CA ASP A 33 -3.03 8.54 -6.14
C ASP A 33 -3.73 8.83 -4.82
N GLN A 34 -5.05 8.93 -4.84
CA GLN A 34 -5.79 9.11 -3.61
C GLN A 34 -5.80 7.80 -2.84
N GLU A 35 -5.85 6.72 -3.58
CA GLU A 35 -5.96 5.38 -3.03
C GLU A 35 -4.70 4.58 -3.30
N TRP A 36 -3.66 5.27 -3.74
CA TRP A 36 -2.35 4.65 -3.97
C TRP A 36 -1.23 5.55 -3.46
N TRP A 37 -0.62 5.15 -2.35
CA TRP A 37 0.39 5.97 -1.71
C TRP A 37 1.76 5.32 -1.84
N ILE A 38 2.78 6.08 -1.49
CA ILE A 38 4.16 5.65 -1.66
C ILE A 38 4.85 5.57 -0.32
N GLY A 39 5.59 4.51 -0.11
CA GLY A 39 6.32 4.37 1.13
C GLY A 39 7.13 3.11 1.18
N HIS A 40 7.53 2.74 2.40
CA HIS A 40 8.35 1.56 2.61
C HIS A 40 8.02 0.93 3.95
N ILE A 41 8.21 -0.39 4.04
CA ILE A 41 7.88 -1.14 5.23
C ILE A 41 8.72 -0.67 6.42
N GLU A 42 8.05 -0.48 7.55
CA GLU A 42 8.70 -0.02 8.78
C GLU A 42 9.68 -1.05 9.29
N GLY A 43 10.96 -0.81 9.06
CA GLY A 43 11.98 -1.74 9.50
C GLY A 43 12.58 -2.51 8.35
N GLN A 44 12.03 -2.33 7.16
CA GLN A 44 12.51 -3.03 5.98
C GLN A 44 12.50 -2.09 4.77
N PRO A 45 13.51 -1.21 4.68
CA PRO A 45 13.59 -0.18 3.63
C PRO A 45 13.87 -0.75 2.24
N GLU A 46 13.93 -2.07 2.14
CA GLU A 46 14.08 -2.74 0.85
C GLU A 46 12.72 -2.88 0.19
N ARG A 47 11.69 -2.95 1.01
CA ARG A 47 10.33 -3.04 0.51
C ARG A 47 9.73 -1.66 0.42
N LYS A 48 9.91 -1.02 -0.73
CA LYS A 48 9.31 0.28 -0.98
C LYS A 48 8.62 0.29 -2.33
N GLY A 49 7.68 1.20 -2.48
CA GLY A 49 6.93 1.29 -3.70
C GLY A 49 5.57 1.93 -3.48
N VAL A 50 4.68 1.75 -4.44
CA VAL A 50 3.34 2.32 -4.35
C VAL A 50 2.34 1.25 -3.92
N PHE A 51 1.64 1.51 -2.82
CA PHE A 51 0.70 0.56 -2.25
C PHE A 51 -0.73 1.10 -2.24
N PRO A 52 -1.72 0.22 -2.43
CA PRO A 52 -3.14 0.59 -2.41
C PRO A 52 -3.67 0.80 -1.00
N VAL A 53 -4.23 1.98 -0.78
CA VAL A 53 -4.82 2.34 0.50
C VAL A 53 -6.03 1.45 0.79
N SER A 54 -6.53 0.78 -0.24
CA SER A 54 -7.68 -0.10 -0.12
C SER A 54 -7.45 -1.24 0.88
N PHE A 55 -6.21 -1.71 0.95
CA PHE A 55 -5.89 -2.89 1.75
C PHE A 55 -5.12 -2.48 3.00
N VAL A 56 -4.99 -1.18 3.22
CA VAL A 56 -4.28 -0.67 4.39
C VAL A 56 -5.14 0.34 5.14
N HIS A 57 -4.72 0.69 6.34
CA HIS A 57 -5.47 1.62 7.17
C HIS A 57 -4.54 2.68 7.74
N ILE A 58 -5.02 3.92 7.74
CA ILE A 58 -4.18 5.07 8.11
C ILE A 58 -4.14 5.26 9.62
N LEU A 59 -2.93 5.36 10.16
CA LEU A 59 -2.72 5.70 11.57
C LEU A 59 -2.15 7.11 11.66
N SER A 60 -1.14 7.38 10.83
CA SER A 60 -0.54 8.70 10.73
C SER A 60 0.02 9.18 12.07
N ASP A 61 0.91 8.37 12.64
CA ASP A 61 1.60 8.72 13.87
C ASP A 61 2.72 7.71 14.13
N CYS B 1 -5.78 -7.92 11.83
CA CYS B 1 -7.13 -7.31 11.82
C CYS B 1 -7.61 -7.06 10.39
N ILE B 2 -8.55 -7.88 9.95
CA ILE B 2 -9.13 -7.75 8.63
C ILE B 2 -10.34 -6.83 8.65
N ILE B 3 -10.29 -5.79 7.85
CA ILE B 3 -11.38 -4.82 7.76
C ILE B 3 -12.32 -5.18 6.62
N SER B 4 -13.45 -5.78 6.97
CA SER B 4 -14.43 -6.26 6.01
C SER B 4 -13.94 -7.57 5.36
N ALA B 5 -14.16 -7.71 4.05
CA ALA B 5 -13.58 -8.80 3.29
C ALA B 5 -12.68 -8.23 2.20
N MET B 6 -11.83 -9.08 1.61
CA MET B 6 -10.80 -8.63 0.67
C MET B 6 -11.31 -7.56 -0.29
N PRO B 7 -10.69 -6.37 -0.24
CA PRO B 7 -11.07 -5.26 -1.10
C PRO B 7 -10.62 -5.50 -2.52
N THR B 8 -10.85 -4.53 -3.36
CA THR B 8 -10.48 -4.65 -4.75
C THR B 8 -9.32 -3.73 -5.05
N LYS B 9 -8.33 -4.24 -5.75
CA LYS B 9 -7.25 -3.41 -6.24
C LYS B 9 -7.85 -2.35 -7.13
N SER B 10 -7.87 -1.13 -6.64
CA SER B 10 -8.60 -0.03 -7.28
C SER B 10 -8.04 0.36 -8.64
N SER B 11 -6.97 -0.33 -9.05
CA SER B 11 -6.27 -0.02 -10.28
C SER B 11 -5.71 1.41 -10.25
N ARG B 12 -4.43 1.50 -9.94
CA ARG B 12 -3.74 2.76 -9.79
C ARG B 12 -3.99 3.67 -11.00
N LYS B 13 -4.49 4.87 -10.72
CA LYS B 13 -4.88 5.80 -11.78
C LYS B 13 -3.63 6.46 -12.38
N ALA B 14 -2.49 6.12 -11.81
CA ALA B 14 -1.21 6.50 -12.36
C ALA B 14 -0.42 5.23 -12.69
N LYS B 15 -1.16 4.21 -13.14
CA LYS B 15 -0.58 2.92 -13.46
C LYS B 15 0.29 3.03 -14.71
N LYS B 16 1.58 3.11 -14.50
CA LYS B 16 2.53 3.06 -15.59
C LYS B 16 3.00 1.63 -15.74
N PRO B 17 2.66 0.99 -16.86
CA PRO B 17 3.06 -0.40 -17.12
C PRO B 17 4.57 -0.53 -17.16
N ALA B 18 5.15 -0.76 -15.99
CA ALA B 18 6.60 -0.86 -15.83
C ALA B 18 7.24 -1.75 -16.88
N GLN B 19 8.12 -1.17 -17.69
CA GLN B 19 8.84 -1.89 -18.71
C GLN B 19 9.72 -2.97 -18.10
N VAL A 1 5.04 11.76 10.43
CA VAL A 1 3.97 11.39 11.38
C VAL A 1 2.83 10.66 10.68
N ARG A 2 3.14 10.05 9.53
CA ARG A 2 2.12 9.38 8.75
C ARG A 2 2.50 7.93 8.49
N ARG A 3 1.78 7.04 9.15
CA ARG A 3 2.04 5.61 9.04
C ARG A 3 0.75 4.88 8.73
N VAL A 4 0.85 3.76 8.01
CA VAL A 4 -0.30 2.93 7.73
C VAL A 4 -0.04 1.50 8.19
N LYS A 5 -1.09 0.84 8.61
CA LYS A 5 -1.00 -0.57 9.00
C LYS A 5 -1.78 -1.37 7.98
N THR A 6 -1.17 -2.42 7.47
CA THR A 6 -1.80 -3.22 6.46
C THR A 6 -2.91 -4.06 7.07
N ILE A 7 -4.13 -3.77 6.67
CA ILE A 7 -5.27 -4.51 7.16
C ILE A 7 -5.60 -5.64 6.22
N TYR A 8 -4.81 -5.71 5.16
CA TYR A 8 -4.92 -6.74 4.15
C TYR A 8 -3.56 -7.12 3.61
N ASP A 9 -3.57 -8.09 2.70
CA ASP A 9 -2.36 -8.53 2.05
C ASP A 9 -2.53 -8.29 0.56
N CYS A 10 -1.59 -7.56 -0.01
CA CYS A 10 -1.71 -7.13 -1.39
C CYS A 10 -0.41 -7.41 -2.11
N GLN A 11 -0.51 -7.76 -3.38
CA GLN A 11 0.68 -8.14 -4.14
C GLN A 11 0.79 -7.33 -5.42
N ALA A 12 2.03 -6.93 -5.68
CA ALA A 12 2.39 -6.02 -6.78
C ALA A 12 1.96 -6.51 -8.16
N ASP A 13 1.48 -5.56 -8.98
CA ASP A 13 1.26 -5.81 -10.41
C ASP A 13 2.59 -5.81 -11.13
N ASN A 14 3.30 -4.70 -10.96
CA ASN A 14 4.60 -4.53 -11.57
C ASN A 14 5.65 -4.35 -10.48
N ASP A 15 6.87 -3.99 -10.86
CA ASP A 15 7.97 -3.87 -9.90
C ASP A 15 7.74 -2.71 -8.93
N ASP A 16 6.98 -1.70 -9.36
CA ASP A 16 6.83 -0.49 -8.58
C ASP A 16 5.62 -0.52 -7.64
N GLU A 17 4.94 -1.66 -7.58
CA GLU A 17 3.87 -1.84 -6.59
C GLU A 17 4.44 -2.46 -5.32
N LEU A 18 3.80 -2.18 -4.20
CA LEU A 18 4.25 -2.71 -2.91
C LEU A 18 3.46 -3.96 -2.53
N THR A 19 4.15 -5.09 -2.40
CA THR A 19 3.54 -6.29 -1.87
C THR A 19 3.67 -6.31 -0.36
N PHE A 20 2.53 -6.26 0.31
CA PHE A 20 2.50 -6.24 1.77
C PHE A 20 1.51 -7.28 2.29
N ILE A 21 1.69 -7.68 3.54
CA ILE A 21 0.82 -8.68 4.14
C ILE A 21 0.17 -8.15 5.40
N GLU A 22 -1.04 -8.64 5.69
CA GLU A 22 -1.83 -8.17 6.83
C GLU A 22 -1.05 -8.30 8.14
N GLY A 23 -0.82 -7.16 8.79
CA GLY A 23 -0.06 -7.15 10.02
C GLY A 23 1.22 -6.36 9.87
N GLU A 24 1.49 -5.97 8.64
CA GLU A 24 2.68 -5.19 8.30
C GLU A 24 2.47 -3.71 8.58
N VAL A 25 3.57 -3.00 8.67
CA VAL A 25 3.57 -1.59 9.03
C VAL A 25 4.33 -0.78 7.98
N ILE A 26 3.63 0.13 7.32
CA ILE A 26 4.24 0.91 6.25
C ILE A 26 4.33 2.38 6.65
N ILE A 27 5.50 2.96 6.45
CA ILE A 27 5.68 4.37 6.67
C ILE A 27 5.45 5.11 5.35
N VAL A 28 4.50 6.04 5.33
CA VAL A 28 4.12 6.71 4.09
C VAL A 28 5.09 7.84 3.78
N THR A 29 5.81 7.70 2.69
CA THR A 29 6.80 8.67 2.27
C THR A 29 6.30 9.54 1.13
N GLY A 30 5.22 9.13 0.48
CA GLY A 30 4.68 9.91 -0.61
C GLY A 30 3.30 9.44 -1.03
N GLU A 31 2.81 9.99 -2.13
CA GLU A 31 1.49 9.67 -2.66
C GLU A 31 1.54 9.70 -4.18
N GLU A 32 0.91 8.73 -4.80
CA GLU A 32 0.87 8.65 -6.26
C GLU A 32 -0.56 8.86 -6.73
N ASP A 33 -1.48 8.29 -5.99
CA ASP A 33 -2.90 8.35 -6.30
C ASP A 33 -3.67 8.58 -5.02
N GLN A 34 -4.96 8.79 -5.11
CA GLN A 34 -5.80 8.96 -3.93
C GLN A 34 -5.81 7.68 -3.14
N GLU A 35 -5.78 6.58 -3.88
CA GLU A 35 -5.91 5.26 -3.31
C GLU A 35 -4.60 4.49 -3.46
N TRP A 36 -3.55 5.20 -3.83
CA TRP A 36 -2.24 4.60 -4.03
C TRP A 36 -1.15 5.50 -3.48
N TRP A 37 -0.61 5.12 -2.34
CA TRP A 37 0.41 5.94 -1.69
C TRP A 37 1.76 5.27 -1.80
N ILE A 38 2.79 6.02 -1.52
CA ILE A 38 4.15 5.54 -1.66
C ILE A 38 4.80 5.49 -0.29
N GLY A 39 5.47 4.41 -0.01
CA GLY A 39 6.15 4.29 1.25
C GLY A 39 7.02 3.07 1.32
N HIS A 40 7.39 2.72 2.53
CA HIS A 40 8.26 1.57 2.75
C HIS A 40 7.95 0.93 4.09
N ILE A 41 8.17 -0.37 4.19
CA ILE A 41 7.95 -1.10 5.42
C ILE A 41 8.87 -0.59 6.51
N GLU A 42 8.34 -0.42 7.72
CA GLU A 42 9.13 0.10 8.83
C GLU A 42 10.21 -0.89 9.24
N GLY A 43 9.91 -2.18 9.11
CA GLY A 43 10.89 -3.20 9.42
C GLY A 43 11.86 -3.41 8.27
N GLN A 44 11.34 -3.35 7.05
CA GLN A 44 12.16 -3.51 5.86
C GLN A 44 12.13 -2.24 5.02
N PRO A 45 13.02 -1.28 5.34
CA PRO A 45 13.00 0.07 4.75
C PRO A 45 13.24 0.08 3.23
N GLU A 46 13.94 -0.93 2.72
CA GLU A 46 14.24 -0.99 1.29
C GLU A 46 13.14 -1.73 0.53
N ARG A 47 12.16 -2.23 1.26
CA ARG A 47 10.96 -2.76 0.65
C ARG A 47 9.95 -1.65 0.52
N LYS A 48 9.98 -1.02 -0.64
CA LYS A 48 9.30 0.23 -0.88
C LYS A 48 8.61 0.23 -2.24
N GLY A 49 7.66 1.12 -2.41
CA GLY A 49 6.89 1.17 -3.64
C GLY A 49 5.55 1.82 -3.43
N VAL A 50 4.64 1.58 -4.38
CA VAL A 50 3.30 2.15 -4.30
C VAL A 50 2.29 1.07 -3.89
N PHE A 51 1.59 1.34 -2.80
CA PHE A 51 0.62 0.40 -2.26
C PHE A 51 -0.80 0.98 -2.28
N PRO A 52 -1.81 0.11 -2.47
CA PRO A 52 -3.21 0.55 -2.48
C PRO A 52 -3.74 0.79 -1.07
N VAL A 53 -4.29 1.97 -0.88
CA VAL A 53 -4.83 2.40 0.40
C VAL A 53 -6.03 1.53 0.82
N SER A 54 -6.61 0.84 -0.15
CA SER A 54 -7.78 0.00 0.10
C SER A 54 -7.46 -1.16 1.05
N PHE A 55 -6.22 -1.62 1.04
CA PHE A 55 -5.83 -2.79 1.81
C PHE A 55 -5.06 -2.37 3.05
N VAL A 56 -4.88 -1.07 3.21
CA VAL A 56 -4.19 -0.52 4.38
C VAL A 56 -5.07 0.50 5.08
N HIS A 57 -4.64 0.96 6.24
CA HIS A 57 -5.40 1.96 6.96
C HIS A 57 -4.46 2.98 7.57
N ILE A 58 -4.80 4.25 7.38
CA ILE A 58 -3.97 5.35 7.87
C ILE A 58 -4.12 5.46 9.38
N LEU A 59 -2.99 5.56 10.06
CA LEU A 59 -2.97 5.61 11.51
C LEU A 59 -2.71 7.04 11.98
N SER A 60 -3.68 7.89 11.74
CA SER A 60 -3.58 9.29 12.13
C SER A 60 -4.59 9.59 13.22
N ASP A 61 -4.99 8.55 13.94
CA ASP A 61 -5.92 8.67 15.02
C ASP A 61 -5.36 7.98 16.26
N CYS B 1 -5.58 -8.44 11.98
CA CYS B 1 -6.89 -7.76 12.03
C CYS B 1 -7.35 -7.33 10.64
N ILE B 2 -8.15 -8.18 10.02
CA ILE B 2 -8.69 -7.90 8.68
C ILE B 2 -9.91 -7.00 8.79
N ILE B 3 -9.95 -5.96 7.96
CA ILE B 3 -11.07 -5.05 7.94
C ILE B 3 -12.03 -5.42 6.81
N SER B 4 -13.13 -6.10 7.18
CA SER B 4 -14.11 -6.60 6.22
C SER B 4 -13.58 -7.82 5.47
N ALA B 5 -13.88 -7.91 4.17
CA ALA B 5 -13.33 -8.95 3.31
C ALA B 5 -12.55 -8.31 2.18
N MET B 6 -11.61 -9.06 1.58
CA MET B 6 -10.62 -8.50 0.65
C MET B 6 -11.22 -7.47 -0.29
N PRO B 7 -10.71 -6.23 -0.20
CA PRO B 7 -11.15 -5.13 -1.03
C PRO B 7 -10.65 -5.31 -2.44
N THR B 8 -10.93 -4.35 -3.29
CA THR B 8 -10.53 -4.44 -4.66
C THR B 8 -9.44 -3.44 -4.95
N LYS B 9 -8.31 -3.95 -5.42
CA LYS B 9 -7.24 -3.10 -5.90
C LYS B 9 -7.77 -2.37 -7.12
N SER B 10 -8.27 -1.17 -6.86
CA SER B 10 -9.10 -0.40 -7.81
C SER B 10 -8.31 0.15 -8.99
N SER B 11 -7.16 -0.46 -9.26
CA SER B 11 -6.25 0.00 -10.29
C SER B 11 -5.67 1.36 -9.94
N ARG B 12 -4.53 1.65 -10.51
CA ARG B 12 -3.83 2.88 -10.22
C ARG B 12 -3.97 3.83 -11.40
N LYS B 13 -4.59 4.98 -11.16
CA LYS B 13 -4.85 5.95 -12.22
C LYS B 13 -3.54 6.58 -12.66
N ALA B 14 -2.65 6.77 -11.70
CA ALA B 14 -1.32 7.26 -11.98
C ALA B 14 -0.34 6.08 -12.13
N LYS B 15 -0.85 4.97 -12.66
CA LYS B 15 -0.02 3.80 -12.90
C LYS B 15 0.77 3.99 -14.18
N LYS B 16 1.98 4.53 -14.04
CA LYS B 16 2.85 4.70 -15.18
C LYS B 16 3.47 3.36 -15.59
N PRO B 17 3.16 2.89 -16.81
CA PRO B 17 3.67 1.61 -17.32
C PRO B 17 5.11 1.75 -17.82
N ALA B 18 5.96 2.28 -16.94
CA ALA B 18 7.36 2.54 -17.27
C ALA B 18 8.14 1.24 -17.41
N GLN B 19 8.55 0.92 -18.62
CA GLN B 19 9.37 -0.25 -18.85
C GLN B 19 10.35 0.00 -19.98
N VAL A 1 5.69 10.97 6.07
CA VAL A 1 5.59 11.26 7.53
C VAL A 1 4.36 10.59 8.13
N ARG A 2 3.63 9.85 7.32
CA ARG A 2 2.43 9.16 7.79
C ARG A 2 2.72 7.68 8.00
N ARG A 3 2.07 7.07 8.97
CA ARG A 3 2.26 5.65 9.23
C ARG A 3 0.96 4.89 8.99
N VAL A 4 1.04 3.76 8.31
CA VAL A 4 -0.13 2.93 8.05
C VAL A 4 0.18 1.47 8.35
N LYS A 5 -0.86 0.69 8.60
CA LYS A 5 -0.70 -0.73 8.85
C LYS A 5 -1.60 -1.49 7.91
N THR A 6 -1.08 -2.57 7.34
CA THR A 6 -1.81 -3.34 6.35
C THR A 6 -2.91 -4.16 7.02
N ILE A 7 -4.14 -3.90 6.63
CA ILE A 7 -5.28 -4.63 7.14
C ILE A 7 -5.65 -5.74 6.17
N TYR A 8 -4.90 -5.77 5.08
CA TYR A 8 -5.07 -6.76 4.04
C TYR A 8 -3.76 -7.12 3.41
N ASP A 9 -3.80 -8.11 2.54
CA ASP A 9 -2.63 -8.48 1.76
C ASP A 9 -2.87 -8.12 0.30
N CYS A 10 -1.94 -7.40 -0.27
CA CYS A 10 -2.08 -6.97 -1.65
C CYS A 10 -0.78 -7.19 -2.37
N GLN A 11 -0.88 -7.52 -3.64
CA GLN A 11 0.29 -7.72 -4.45
C GLN A 11 0.30 -6.76 -5.64
N ALA A 12 1.50 -6.57 -6.18
CA ALA A 12 1.78 -5.71 -7.34
C ALA A 12 0.61 -5.47 -8.29
N ASP A 13 0.49 -4.22 -8.73
CA ASP A 13 -0.48 -3.83 -9.75
C ASP A 13 0.26 -3.44 -11.02
N ASN A 14 1.53 -3.14 -10.87
CA ASN A 14 2.33 -2.62 -11.98
C ASN A 14 3.82 -2.81 -11.65
N ASP A 15 4.70 -2.21 -12.43
CA ASP A 15 6.14 -2.42 -12.24
C ASP A 15 6.64 -1.79 -10.95
N ASP A 16 6.15 -0.59 -10.64
CA ASP A 16 6.56 0.13 -9.44
C ASP A 16 5.45 0.12 -8.39
N GLU A 17 5.47 -0.91 -7.56
CA GLU A 17 4.47 -1.05 -6.52
C GLU A 17 5.11 -1.42 -5.18
N LEU A 18 4.28 -1.84 -4.24
CA LEU A 18 4.74 -2.39 -2.99
C LEU A 18 3.80 -3.51 -2.54
N THR A 19 4.25 -4.75 -2.68
CA THR A 19 3.47 -5.89 -2.27
C THR A 19 3.55 -6.08 -0.75
N PHE A 20 2.41 -6.27 -0.12
CA PHE A 20 2.36 -6.38 1.34
C PHE A 20 1.34 -7.42 1.77
N ILE A 21 1.48 -7.86 3.00
CA ILE A 21 0.54 -8.80 3.59
C ILE A 21 0.03 -8.25 4.91
N GLU A 22 -1.16 -8.70 5.31
CA GLU A 22 -1.81 -8.20 6.53
C GLU A 22 -0.90 -8.38 7.74
N GLY A 23 -0.62 -7.27 8.42
CA GLY A 23 0.25 -7.31 9.58
C GLY A 23 1.52 -6.50 9.38
N GLU A 24 1.76 -6.07 8.15
CA GLU A 24 2.91 -5.22 7.85
C GLU A 24 2.64 -3.77 8.20
N VAL A 25 3.71 -3.01 8.40
CA VAL A 25 3.60 -1.60 8.72
C VAL A 25 4.37 -0.79 7.68
N ILE A 26 3.70 0.18 7.09
CA ILE A 26 4.30 0.95 6.02
C ILE A 26 4.43 2.41 6.41
N ILE A 27 5.61 2.95 6.20
CA ILE A 27 5.85 4.37 6.43
C ILE A 27 5.58 5.14 5.15
N VAL A 28 4.45 5.83 5.12
CA VAL A 28 4.03 6.62 3.97
C VAL A 28 4.94 7.83 3.79
N THR A 29 5.69 7.83 2.71
CA THR A 29 6.60 8.92 2.42
C THR A 29 6.03 9.81 1.32
N GLY A 30 5.07 9.28 0.58
CA GLY A 30 4.49 10.03 -0.52
C GLY A 30 3.14 9.50 -0.94
N GLU A 31 2.66 10.01 -2.05
CA GLU A 31 1.34 9.67 -2.56
C GLU A 31 1.35 9.83 -4.07
N GLU A 32 0.85 8.84 -4.78
CA GLU A 32 0.90 8.89 -6.23
C GLU A 32 -0.50 9.16 -6.78
N ASP A 33 -1.48 8.52 -6.17
CA ASP A 33 -2.86 8.86 -6.42
C ASP A 33 -3.68 8.67 -5.16
N GLN A 34 -4.96 8.95 -5.23
CA GLN A 34 -5.84 8.94 -4.07
C GLN A 34 -5.78 7.62 -3.30
N GLU A 35 -5.78 6.52 -4.02
CA GLU A 35 -5.92 5.23 -3.39
C GLU A 35 -4.64 4.43 -3.53
N TRP A 36 -3.59 5.12 -3.94
CA TRP A 36 -2.27 4.50 -4.09
C TRP A 36 -1.18 5.43 -3.59
N TRP A 37 -0.63 5.09 -2.44
CA TRP A 37 0.37 5.93 -1.79
C TRP A 37 1.74 5.32 -1.89
N ILE A 38 2.76 6.10 -1.58
CA ILE A 38 4.12 5.66 -1.70
C ILE A 38 4.78 5.61 -0.34
N GLY A 39 5.48 4.54 -0.07
CA GLY A 39 6.17 4.42 1.19
C GLY A 39 7.03 3.20 1.25
N HIS A 40 7.52 2.89 2.44
CA HIS A 40 8.40 1.75 2.65
C HIS A 40 8.06 1.03 3.94
N ILE A 41 8.18 -0.28 3.92
CA ILE A 41 7.91 -1.09 5.10
C ILE A 41 8.84 -0.70 6.24
N GLU A 42 8.26 -0.50 7.41
CA GLU A 42 9.00 -0.07 8.59
C GLU A 42 10.01 -1.13 9.00
N GLY A 43 9.73 -2.38 8.65
CA GLY A 43 10.63 -3.47 8.97
C GLY A 43 11.47 -3.90 7.79
N GLN A 44 11.37 -3.18 6.69
CA GLN A 44 12.13 -3.48 5.49
C GLN A 44 12.27 -2.21 4.66
N PRO A 45 13.36 -1.46 4.87
CA PRO A 45 13.55 -0.15 4.24
C PRO A 45 13.74 -0.21 2.73
N GLU A 46 14.05 -1.40 2.21
CA GLU A 46 14.25 -1.56 0.78
C GLU A 46 12.94 -1.91 0.10
N ARG A 47 11.98 -2.36 0.88
CA ARG A 47 10.68 -2.62 0.35
C ARG A 47 9.87 -1.33 0.31
N LYS A 48 9.98 -0.62 -0.80
CA LYS A 48 9.20 0.59 -1.00
C LYS A 48 8.45 0.51 -2.30
N GLY A 49 7.58 1.48 -2.53
CA GLY A 49 6.81 1.53 -3.74
C GLY A 49 5.42 2.06 -3.50
N VAL A 50 4.51 1.77 -4.41
CA VAL A 50 3.15 2.26 -4.31
C VAL A 50 2.22 1.17 -3.83
N PHE A 51 1.47 1.48 -2.78
CA PHE A 51 0.56 0.52 -2.18
C PHE A 51 -0.87 1.06 -2.13
N PRO A 52 -1.86 0.18 -2.35
CA PRO A 52 -3.27 0.57 -2.36
C PRO A 52 -3.81 0.83 -0.97
N VAL A 53 -4.38 2.01 -0.79
CA VAL A 53 -4.95 2.43 0.49
C VAL A 53 -6.14 1.53 0.86
N SER A 54 -6.70 0.86 -0.14
CA SER A 54 -7.85 0.00 0.07
C SER A 54 -7.55 -1.14 1.05
N PHE A 55 -6.30 -1.61 1.05
CA PHE A 55 -5.94 -2.79 1.82
C PHE A 55 -5.14 -2.38 3.07
N VAL A 56 -5.02 -1.08 3.30
CA VAL A 56 -4.25 -0.58 4.44
C VAL A 56 -5.04 0.42 5.26
N HIS A 57 -4.69 0.58 6.52
CA HIS A 57 -5.38 1.51 7.38
C HIS A 57 -4.44 2.61 7.83
N ILE A 58 -4.90 3.84 7.67
CA ILE A 58 -4.10 5.00 8.03
C ILE A 58 -4.06 5.18 9.55
N LEU A 59 -2.86 5.31 10.08
CA LEU A 59 -2.68 5.44 11.52
C LEU A 59 -2.20 6.84 11.87
N SER A 60 -3.03 7.82 11.57
CA SER A 60 -2.73 9.21 11.90
C SER A 60 -3.47 9.62 13.18
N ASP A 61 -3.62 8.65 14.08
CA ASP A 61 -4.31 8.88 15.34
C ASP A 61 -3.29 9.02 16.47
N CYS B 1 -6.22 -9.51 11.36
CA CYS B 1 -6.99 -8.25 11.46
C CYS B 1 -7.51 -7.83 10.09
N ILE B 2 -8.42 -8.64 9.54
CA ILE B 2 -9.03 -8.33 8.26
C ILE B 2 -10.22 -7.39 8.44
N ILE B 3 -10.08 -6.18 7.90
CA ILE B 3 -11.12 -5.17 8.01
C ILE B 3 -12.14 -5.33 6.89
N SER B 4 -13.29 -5.91 7.23
CA SER B 4 -14.33 -6.25 6.26
C SER B 4 -13.93 -7.49 5.44
N ALA B 5 -14.16 -7.46 4.13
CA ALA B 5 -13.68 -8.52 3.24
C ALA B 5 -12.84 -7.90 2.15
N MET B 6 -11.95 -8.70 1.55
CA MET B 6 -10.91 -8.21 0.64
C MET B 6 -11.43 -7.13 -0.29
N PRO B 7 -10.82 -5.94 -0.20
CA PRO B 7 -11.13 -4.84 -1.09
C PRO B 7 -10.58 -5.13 -2.47
N THR B 8 -10.90 -4.31 -3.43
CA THR B 8 -10.49 -4.58 -4.79
C THR B 8 -9.34 -3.67 -5.17
N LYS B 9 -8.32 -4.25 -5.78
CA LYS B 9 -7.23 -3.49 -6.34
C LYS B 9 -7.80 -2.58 -7.42
N SER B 10 -7.97 -1.33 -7.05
CA SER B 10 -8.78 -0.38 -7.83
C SER B 10 -8.08 0.07 -9.10
N SER B 11 -6.94 -0.55 -9.40
CA SER B 11 -6.10 -0.15 -10.51
C SER B 11 -5.51 1.24 -10.24
N ARG B 12 -4.22 1.26 -10.04
CA ARG B 12 -3.52 2.50 -9.73
C ARG B 12 -3.73 3.51 -10.85
N LYS B 13 -4.22 4.68 -10.46
CA LYS B 13 -4.60 5.70 -11.43
C LYS B 13 -3.36 6.29 -12.06
N ALA B 14 -2.25 6.19 -11.34
CA ALA B 14 -0.98 6.69 -11.84
C ALA B 14 -0.10 5.54 -12.33
N LYS B 15 -0.72 4.46 -12.82
CA LYS B 15 0.05 3.37 -13.39
C LYS B 15 0.73 3.80 -14.69
N LYS B 16 1.83 3.15 -14.99
CA LYS B 16 2.51 3.34 -16.25
C LYS B 16 2.22 2.15 -17.13
N PRO B 17 1.76 2.39 -18.37
CA PRO B 17 1.36 1.33 -19.31
C PRO B 17 2.40 0.23 -19.45
N ALA B 18 2.20 -0.84 -18.71
CA ALA B 18 3.09 -1.99 -18.74
C ALA B 18 2.29 -3.26 -18.55
N GLN B 19 2.97 -4.38 -18.48
CA GLN B 19 2.32 -5.66 -18.33
C GLN B 19 2.61 -6.25 -16.96
N VAL A 1 4.66 12.41 10.44
CA VAL A 1 4.94 11.05 9.93
C VAL A 1 3.64 10.32 9.66
N ARG A 2 3.36 10.09 8.38
CA ARG A 2 2.15 9.40 7.99
C ARG A 2 2.40 7.90 7.99
N ARG A 3 1.71 7.19 8.87
CA ARG A 3 1.95 5.78 9.10
C ARG A 3 0.67 4.99 8.82
N VAL A 4 0.79 3.87 8.14
CA VAL A 4 -0.37 3.05 7.83
C VAL A 4 -0.11 1.59 8.19
N LYS A 5 -1.17 0.87 8.49
CA LYS A 5 -1.08 -0.55 8.79
C LYS A 5 -1.83 -1.33 7.74
N THR A 6 -1.23 -2.40 7.25
CA THR A 6 -1.87 -3.22 6.25
C THR A 6 -2.97 -4.04 6.88
N ILE A 7 -4.20 -3.71 6.52
CA ILE A 7 -5.35 -4.40 7.07
C ILE A 7 -5.81 -5.50 6.14
N TYR A 8 -5.12 -5.55 5.01
CA TYR A 8 -5.34 -6.57 4.00
C TYR A 8 -4.01 -7.03 3.44
N ASP A 9 -4.07 -7.95 2.49
CA ASP A 9 -2.87 -8.39 1.78
C ASP A 9 -2.99 -8.03 0.30
N CYS A 10 -1.92 -7.50 -0.26
CA CYS A 10 -1.90 -7.04 -1.63
C CYS A 10 -0.59 -7.40 -2.29
N GLN A 11 -0.64 -7.65 -3.58
CA GLN A 11 0.57 -8.03 -4.30
C GLN A 11 0.80 -7.16 -5.53
N ALA A 12 2.07 -6.89 -5.77
CA ALA A 12 2.52 -5.99 -6.83
C ALA A 12 2.35 -6.58 -8.22
N ASP A 13 1.98 -5.72 -9.16
CA ASP A 13 1.93 -6.08 -10.58
C ASP A 13 3.27 -5.76 -11.22
N ASN A 14 3.79 -4.59 -10.89
CA ASN A 14 5.06 -4.12 -11.43
C ASN A 14 6.04 -3.94 -10.29
N ASP A 15 7.30 -3.61 -10.60
CA ASP A 15 8.32 -3.50 -9.56
C ASP A 15 8.08 -2.28 -8.66
N ASP A 16 7.48 -1.25 -9.23
CA ASP A 16 7.30 0.03 -8.53
C ASP A 16 6.19 -0.05 -7.49
N GLU A 17 5.42 -1.13 -7.51
CA GLU A 17 4.35 -1.33 -6.55
C GLU A 17 4.93 -1.83 -5.23
N LEU A 18 4.05 -2.14 -4.28
CA LEU A 18 4.49 -2.66 -2.99
C LEU A 18 3.60 -3.83 -2.55
N THR A 19 4.18 -5.02 -2.54
CA THR A 19 3.50 -6.20 -2.04
C THR A 19 3.56 -6.23 -0.52
N PHE A 20 2.40 -6.28 0.11
CA PHE A 20 2.32 -6.34 1.57
C PHE A 20 1.29 -7.37 2.00
N ILE A 21 1.47 -7.93 3.17
CA ILE A 21 0.48 -8.84 3.71
C ILE A 21 -0.08 -8.26 5.00
N GLU A 22 -1.26 -8.72 5.38
CA GLU A 22 -1.95 -8.21 6.56
C GLU A 22 -1.05 -8.34 7.79
N GLY A 23 -0.81 -7.21 8.47
CA GLY A 23 0.03 -7.22 9.65
C GLY A 23 1.29 -6.39 9.49
N GLU A 24 1.53 -5.95 8.26
CA GLU A 24 2.68 -5.10 7.97
C GLU A 24 2.37 -3.64 8.31
N VAL A 25 3.41 -2.89 8.62
CA VAL A 25 3.27 -1.46 8.88
C VAL A 25 4.09 -0.68 7.88
N ILE A 26 3.47 0.28 7.22
CA ILE A 26 4.14 1.02 6.17
C ILE A 26 4.30 2.49 6.55
N ILE A 27 5.49 3.02 6.32
CA ILE A 27 5.74 4.43 6.51
C ILE A 27 5.55 5.14 5.18
N VAL A 28 4.58 6.05 5.15
CA VAL A 28 4.24 6.75 3.91
C VAL A 28 5.24 7.86 3.63
N THR A 29 5.96 7.71 2.54
CA THR A 29 6.96 8.67 2.14
C THR A 29 6.47 9.54 0.98
N GLY A 30 5.36 9.13 0.39
CA GLY A 30 4.81 9.86 -0.74
C GLY A 30 3.39 9.44 -1.06
N GLU A 31 2.82 10.03 -2.09
CA GLU A 31 1.45 9.76 -2.47
C GLU A 31 1.30 9.87 -3.98
N GLU A 32 0.71 8.86 -4.60
CA GLU A 32 0.56 8.81 -6.03
C GLU A 32 -0.88 9.13 -6.41
N ASP A 33 -1.79 8.42 -5.78
CA ASP A 33 -3.21 8.58 -6.01
C ASP A 33 -3.94 8.53 -4.67
N GLN A 34 -5.24 8.74 -4.67
CA GLN A 34 -6.03 8.65 -3.45
C GLN A 34 -5.93 7.24 -2.87
N GLU A 35 -5.93 6.26 -3.77
CA GLU A 35 -5.90 4.86 -3.36
C GLU A 35 -4.51 4.27 -3.49
N TRP A 36 -3.53 5.11 -3.78
CA TRP A 36 -2.18 4.63 -4.00
C TRP A 36 -1.14 5.56 -3.40
N TRP A 37 -0.61 5.18 -2.26
CA TRP A 37 0.41 5.98 -1.61
C TRP A 37 1.76 5.29 -1.75
N ILE A 38 2.81 6.04 -1.49
CA ILE A 38 4.16 5.53 -1.68
C ILE A 38 4.88 5.47 -0.35
N GLY A 39 5.57 4.38 -0.10
CA GLY A 39 6.31 4.28 1.12
C GLY A 39 7.11 2.99 1.22
N HIS A 40 7.43 2.64 2.45
CA HIS A 40 8.22 1.45 2.71
C HIS A 40 7.86 0.90 4.08
N ILE A 41 8.01 -0.40 4.25
CA ILE A 41 7.68 -1.05 5.52
C ILE A 41 8.54 -0.49 6.64
N GLU A 42 7.92 -0.16 7.76
CA GLU A 42 8.61 0.53 8.86
C GLU A 42 9.90 -0.17 9.25
N GLY A 43 9.79 -1.44 9.66
CA GLY A 43 10.95 -2.18 10.10
C GLY A 43 11.67 -2.90 8.97
N GLN A 44 11.23 -2.68 7.75
CA GLN A 44 11.84 -3.32 6.58
C GLN A 44 11.75 -2.39 5.37
N PRO A 45 12.65 -1.40 5.33
CA PRO A 45 12.63 -0.32 4.33
C PRO A 45 12.76 -0.77 2.88
N GLU A 46 13.40 -1.92 2.63
CA GLU A 46 13.57 -2.38 1.25
C GLU A 46 12.27 -2.90 0.66
N ARG A 47 11.30 -3.15 1.52
CA ARG A 47 9.96 -3.38 1.02
C ARG A 47 9.30 -2.04 0.78
N LYS A 48 9.48 -1.55 -0.44
CA LYS A 48 9.08 -0.20 -0.78
C LYS A 48 8.40 -0.14 -2.14
N GLY A 49 7.57 0.87 -2.33
CA GLY A 49 6.84 1.02 -3.57
C GLY A 49 5.52 1.70 -3.32
N VAL A 50 4.64 1.64 -4.32
CA VAL A 50 3.33 2.23 -4.21
C VAL A 50 2.30 1.16 -3.81
N PHE A 51 1.57 1.44 -2.74
CA PHE A 51 0.64 0.48 -2.17
C PHE A 51 -0.78 1.05 -2.16
N PRO A 52 -1.79 0.18 -2.29
CA PRO A 52 -3.18 0.60 -2.33
C PRO A 52 -3.74 0.91 -0.95
N VAL A 53 -4.23 2.13 -0.82
CA VAL A 53 -4.90 2.62 0.39
C VAL A 53 -6.11 1.75 0.72
N SER A 54 -6.66 1.11 -0.31
CA SER A 54 -7.80 0.22 -0.16
C SER A 54 -7.49 -0.92 0.80
N PHE A 55 -6.22 -1.31 0.87
CA PHE A 55 -5.83 -2.48 1.64
C PHE A 55 -5.10 -2.09 2.92
N VAL A 56 -4.99 -0.79 3.17
CA VAL A 56 -4.27 -0.31 4.35
C VAL A 56 -5.11 0.69 5.13
N HIS A 57 -4.73 0.94 6.38
CA HIS A 57 -5.48 1.85 7.22
C HIS A 57 -4.55 2.90 7.81
N ILE A 58 -4.99 4.15 7.72
CA ILE A 58 -4.19 5.27 8.18
C ILE A 58 -4.15 5.32 9.70
N LEU A 59 -2.94 5.30 10.25
CA LEU A 59 -2.74 5.27 11.69
C LEU A 59 -2.36 6.64 12.21
N SER A 60 -2.58 7.66 11.40
CA SER A 60 -2.38 9.04 11.82
C SER A 60 -3.67 9.59 12.44
N ASP A 61 -4.53 8.66 12.84
CA ASP A 61 -5.78 8.98 13.50
C ASP A 61 -5.95 8.06 14.70
N CYS B 1 -5.25 -9.17 11.88
CA CYS B 1 -6.67 -9.46 11.56
C CYS B 1 -7.05 -8.81 10.24
N ILE B 2 -7.57 -9.61 9.31
CA ILE B 2 -8.10 -9.05 8.08
C ILE B 2 -9.34 -8.24 8.39
N ILE B 3 -9.29 -6.98 8.01
CA ILE B 3 -10.41 -6.09 8.19
C ILE B 3 -11.50 -6.43 7.17
N SER B 4 -12.62 -6.94 7.65
CA SER B 4 -13.77 -7.19 6.81
C SER B 4 -13.43 -8.15 5.67
N ALA B 5 -14.17 -8.07 4.57
CA ALA B 5 -13.84 -8.80 3.35
C ALA B 5 -12.90 -7.96 2.50
N MET B 6 -12.04 -8.63 1.74
CA MET B 6 -11.01 -7.96 0.96
C MET B 6 -11.60 -7.07 -0.12
N PRO B 7 -11.04 -5.87 -0.26
CA PRO B 7 -11.41 -4.93 -1.31
C PRO B 7 -10.76 -5.34 -2.62
N THR B 8 -10.93 -4.55 -3.65
CA THR B 8 -10.36 -4.87 -4.93
C THR B 8 -9.37 -3.81 -5.31
N LYS B 9 -8.27 -4.24 -5.92
CA LYS B 9 -7.22 -3.35 -6.33
C LYS B 9 -7.76 -2.24 -7.22
N SER B 10 -7.84 -1.05 -6.65
CA SER B 10 -8.32 0.11 -7.37
C SER B 10 -7.26 0.60 -8.35
N SER B 11 -7.14 -0.12 -9.47
CA SER B 11 -6.04 0.04 -10.43
C SER B 11 -5.47 1.45 -10.45
N ARG B 12 -4.19 1.52 -10.08
CA ARG B 12 -3.46 2.78 -9.96
C ARG B 12 -3.68 3.68 -11.15
N LYS B 13 -4.41 4.77 -10.92
CA LYS B 13 -4.90 5.64 -11.99
C LYS B 13 -3.76 6.40 -12.67
N ALA B 14 -2.67 6.60 -11.93
CA ALA B 14 -1.54 7.36 -12.44
C ALA B 14 -0.62 6.49 -13.29
N LYS B 15 -0.93 5.20 -13.39
CA LYS B 15 -0.13 4.31 -14.21
C LYS B 15 -1.05 3.55 -15.15
N LYS B 16 -0.58 3.26 -16.35
CA LYS B 16 -1.38 2.53 -17.32
C LYS B 16 -0.81 1.13 -17.53
N PRO B 17 -1.40 0.14 -16.84
CA PRO B 17 -0.95 -1.25 -16.92
C PRO B 17 -1.32 -1.93 -18.23
N ALA B 18 -0.64 -1.52 -19.30
CA ALA B 18 -0.84 -2.13 -20.61
C ALA B 18 -0.49 -3.61 -20.57
N GLN B 19 0.69 -3.91 -20.03
CA GLN B 19 1.16 -5.27 -19.85
C GLN B 19 1.96 -5.37 -18.55
N VAL A 1 6.63 12.21 6.44
CA VAL A 1 6.32 10.77 6.55
C VAL A 1 4.97 10.57 7.23
N ARG A 2 4.33 9.47 6.91
CA ARG A 2 3.03 9.14 7.46
C ARG A 2 2.99 7.65 7.78
N ARG A 3 2.07 7.22 8.63
CA ARG A 3 2.00 5.81 8.99
C ARG A 3 0.65 5.21 8.62
N VAL A 4 0.70 4.08 7.94
CA VAL A 4 -0.50 3.31 7.60
C VAL A 4 -0.30 1.85 8.00
N LYS A 5 -1.35 1.21 8.47
CA LYS A 5 -1.26 -0.19 8.84
C LYS A 5 -2.08 -1.00 7.87
N THR A 6 -1.51 -2.06 7.35
CA THR A 6 -2.17 -2.88 6.36
C THR A 6 -3.29 -3.68 7.00
N ILE A 7 -4.49 -3.53 6.47
CA ILE A 7 -5.65 -4.22 7.00
C ILE A 7 -6.06 -5.35 6.09
N TYR A 8 -5.18 -5.60 5.13
CA TYR A 8 -5.41 -6.58 4.09
C TYR A 8 -4.10 -7.04 3.49
N ASP A 9 -4.18 -8.12 2.73
CA ASP A 9 -3.04 -8.64 1.98
C ASP A 9 -3.18 -8.23 0.53
N CYS A 10 -2.21 -7.50 0.02
CA CYS A 10 -2.26 -7.00 -1.34
C CYS A 10 -0.98 -7.33 -2.07
N GLN A 11 -1.10 -7.57 -3.36
CA GLN A 11 0.07 -7.92 -4.17
C GLN A 11 0.24 -6.98 -5.36
N ALA A 12 1.49 -6.67 -5.62
CA ALA A 12 1.90 -5.74 -6.66
C ALA A 12 1.68 -6.30 -8.07
N ASP A 13 1.34 -5.42 -8.99
CA ASP A 13 1.27 -5.75 -10.41
C ASP A 13 2.57 -5.33 -11.08
N ASN A 14 3.00 -4.12 -10.75
CA ASN A 14 4.32 -3.65 -11.14
C ASN A 14 5.31 -3.95 -10.02
N ASP A 15 6.58 -4.03 -10.37
CA ASP A 15 7.63 -4.26 -9.39
C ASP A 15 7.78 -3.05 -8.48
N ASP A 16 7.26 -1.92 -8.93
CA ASP A 16 7.33 -0.68 -8.15
C ASP A 16 6.13 -0.56 -7.21
N GLU A 17 5.17 -1.47 -7.36
CA GLU A 17 4.03 -1.51 -6.47
C GLU A 17 4.41 -2.27 -5.20
N LEU A 18 3.63 -2.11 -4.15
CA LEU A 18 3.95 -2.71 -2.87
C LEU A 18 3.09 -3.94 -2.59
N THR A 19 3.73 -5.08 -2.39
CA THR A 19 3.06 -6.27 -1.91
C THR A 19 3.15 -6.31 -0.39
N PHE A 20 2.01 -6.23 0.28
CA PHE A 20 1.98 -6.19 1.74
C PHE A 20 0.92 -7.14 2.28
N ILE A 21 1.07 -7.52 3.54
CA ILE A 21 0.15 -8.47 4.16
C ILE A 21 -0.47 -7.83 5.40
N GLU A 22 -1.71 -8.19 5.71
CA GLU A 22 -2.43 -7.59 6.83
C GLU A 22 -1.70 -7.82 8.15
N GLY A 23 -1.48 -6.74 8.88
CA GLY A 23 -0.71 -6.80 10.11
C GLY A 23 0.62 -6.14 9.94
N GLU A 24 0.88 -5.73 8.72
CA GLU A 24 2.12 -5.05 8.36
C GLU A 24 1.95 -3.55 8.53
N VAL A 25 3.06 -2.84 8.60
CA VAL A 25 3.05 -1.41 8.83
C VAL A 25 3.90 -0.71 7.78
N ILE A 26 3.36 0.31 7.16
CA ILE A 26 4.06 1.01 6.11
C ILE A 26 4.33 2.46 6.51
N ILE A 27 5.58 2.88 6.36
CA ILE A 27 5.94 4.26 6.55
C ILE A 27 5.80 4.99 5.22
N VAL A 28 4.77 5.79 5.11
CA VAL A 28 4.48 6.55 3.92
C VAL A 28 5.51 7.65 3.73
N THR A 29 6.25 7.59 2.64
CA THR A 29 7.26 8.59 2.34
C THR A 29 6.73 9.57 1.30
N GLY A 30 5.74 9.14 0.54
CA GLY A 30 5.17 9.98 -0.48
C GLY A 30 3.80 9.54 -0.92
N GLU A 31 3.27 10.20 -1.92
CA GLU A 31 1.95 9.92 -2.45
C GLU A 31 1.98 10.08 -3.95
N GLU A 32 1.29 9.21 -4.66
CA GLU A 32 1.25 9.29 -6.10
C GLU A 32 -0.20 9.46 -6.54
N ASP A 33 -1.05 8.72 -5.89
CA ASP A 33 -2.47 8.73 -6.18
C ASP A 33 -3.21 9.11 -4.91
N GLN A 34 -4.51 9.28 -5.00
CA GLN A 34 -5.34 9.44 -3.82
C GLN A 34 -5.42 8.12 -3.10
N GLU A 35 -5.50 7.06 -3.89
CA GLU A 35 -5.70 5.74 -3.38
C GLU A 35 -4.43 4.90 -3.50
N TRP A 36 -3.33 5.56 -3.83
CA TRP A 36 -2.03 4.90 -3.98
C TRP A 36 -0.91 5.77 -3.42
N TRP A 37 -0.36 5.34 -2.31
CA TRP A 37 0.71 6.10 -1.66
C TRP A 37 2.02 5.37 -1.77
N ILE A 38 3.10 6.08 -1.49
CA ILE A 38 4.43 5.55 -1.66
C ILE A 38 5.13 5.48 -0.32
N GLY A 39 5.81 4.38 -0.07
CA GLY A 39 6.52 4.26 1.17
C GLY A 39 7.23 2.93 1.30
N HIS A 40 7.64 2.62 2.52
CA HIS A 40 8.42 1.41 2.79
C HIS A 40 7.92 0.79 4.09
N ILE A 41 8.05 -0.52 4.20
CA ILE A 41 7.62 -1.23 5.39
C ILE A 41 8.45 -0.81 6.60
N GLU A 42 7.77 -0.63 7.73
CA GLU A 42 8.40 -0.21 8.97
C GLU A 42 9.45 -1.22 9.43
N GLY A 43 9.12 -2.50 9.29
CA GLY A 43 10.05 -3.55 9.68
C GLY A 43 10.85 -4.08 8.51
N GLN A 44 10.58 -3.54 7.33
CA GLN A 44 11.24 -3.97 6.10
C GLN A 44 11.53 -2.78 5.21
N PRO A 45 12.60 -2.04 5.53
CA PRO A 45 12.96 -0.79 4.85
C PRO A 45 13.37 -0.99 3.39
N GLU A 46 13.76 -2.21 3.05
CA GLU A 46 14.17 -2.52 1.68
C GLU A 46 12.96 -2.94 0.84
N ARG A 47 11.81 -3.01 1.49
CA ARG A 47 10.57 -3.28 0.78
C ARG A 47 9.76 -2.00 0.65
N LYS A 48 9.98 -1.29 -0.45
CA LYS A 48 9.27 -0.04 -0.70
C LYS A 48 8.47 -0.15 -1.98
N GLY A 49 7.68 0.85 -2.27
CA GLY A 49 6.89 0.86 -3.48
C GLY A 49 5.59 1.62 -3.31
N VAL A 50 4.72 1.50 -4.29
CA VAL A 50 3.43 2.17 -4.24
C VAL A 50 2.34 1.19 -3.80
N PHE A 51 1.71 1.50 -2.69
CA PHE A 51 0.69 0.63 -2.11
C PHE A 51 -0.69 1.26 -2.20
N PRO A 52 -1.71 0.43 -2.47
CA PRO A 52 -3.10 0.87 -2.53
C PRO A 52 -3.67 1.14 -1.15
N VAL A 53 -4.19 2.35 -0.97
CA VAL A 53 -4.83 2.74 0.27
C VAL A 53 -6.08 1.89 0.50
N SER A 54 -6.53 1.24 -0.58
CA SER A 54 -7.69 0.36 -0.54
C SER A 54 -7.50 -0.79 0.45
N PHE A 55 -6.27 -1.23 0.63
CA PHE A 55 -6.00 -2.41 1.46
C PHE A 55 -5.30 -2.02 2.76
N VAL A 56 -5.16 -0.73 2.99
CA VAL A 56 -4.46 -0.25 4.19
C VAL A 56 -5.30 0.77 4.94
N HIS A 57 -5.00 0.96 6.22
CA HIS A 57 -5.73 1.92 7.03
C HIS A 57 -4.76 2.96 7.55
N ILE A 58 -5.12 4.21 7.37
CA ILE A 58 -4.20 5.32 7.64
C ILE A 58 -4.26 5.72 9.10
N LEU A 59 -3.10 5.97 9.68
CA LEU A 59 -3.00 6.25 11.10
C LEU A 59 -2.35 7.60 11.34
N SER A 60 -3.18 8.64 11.32
CA SER A 60 -2.72 9.99 11.58
C SER A 60 -2.77 10.27 13.08
N ASP A 61 -2.99 9.22 13.85
CA ASP A 61 -3.07 9.31 15.30
C ASP A 61 -2.58 8.01 15.92
N CYS B 1 -5.42 -9.73 11.53
CA CYS B 1 -6.82 -9.35 11.73
C CYS B 1 -7.38 -8.69 10.48
N ILE B 2 -7.69 -9.50 9.47
CA ILE B 2 -8.24 -8.97 8.23
C ILE B 2 -9.52 -8.19 8.49
N ILE B 3 -9.50 -6.95 8.06
CA ILE B 3 -10.67 -6.10 8.17
C ILE B 3 -11.71 -6.53 7.15
N SER B 4 -12.89 -6.91 7.62
CA SER B 4 -13.99 -7.23 6.74
C SER B 4 -13.60 -8.32 5.73
N ALA B 5 -14.17 -8.25 4.54
CA ALA B 5 -13.75 -9.11 3.44
C ALA B 5 -12.78 -8.35 2.55
N MET B 6 -11.86 -9.10 1.95
CA MET B 6 -10.79 -8.54 1.12
C MET B 6 -11.36 -7.73 -0.06
N PRO B 7 -10.81 -6.52 -0.29
CA PRO B 7 -11.18 -5.68 -1.40
C PRO B 7 -10.46 -6.08 -2.66
N THR B 8 -10.65 -5.29 -3.69
CA THR B 8 -10.02 -5.54 -4.96
C THR B 8 -9.26 -4.29 -5.36
N LYS B 9 -8.07 -4.45 -5.90
CA LYS B 9 -7.26 -3.33 -6.34
C LYS B 9 -8.08 -2.37 -7.19
N SER B 10 -8.33 -1.19 -6.64
CA SER B 10 -9.21 -0.20 -7.29
C SER B 10 -8.51 0.48 -8.46
N SER B 11 -7.44 -0.15 -8.94
CA SER B 11 -6.62 0.38 -10.02
C SER B 11 -5.90 1.65 -9.60
N ARG B 12 -4.69 1.79 -10.10
CA ARG B 12 -3.94 3.00 -9.89
C ARG B 12 -4.23 3.94 -11.05
N LYS B 13 -4.75 5.11 -10.74
CA LYS B 13 -5.16 6.04 -11.80
C LYS B 13 -3.92 6.68 -12.39
N ALA B 14 -2.84 6.68 -11.62
CA ALA B 14 -1.54 7.12 -12.10
C ALA B 14 -0.70 5.91 -12.53
N LYS B 15 -1.38 4.84 -12.96
CA LYS B 15 -0.71 3.63 -13.42
C LYS B 15 -0.03 3.88 -14.76
N LYS B 16 1.26 3.61 -14.83
CA LYS B 16 1.99 3.73 -16.08
C LYS B 16 2.07 2.37 -16.77
N PRO B 17 1.39 2.21 -17.91
CA PRO B 17 1.40 0.96 -18.67
C PRO B 17 2.70 0.79 -19.46
N ALA B 18 3.81 0.61 -18.73
CA ALA B 18 5.11 0.40 -19.35
C ALA B 18 5.05 -0.80 -20.28
N GLN B 19 4.60 -1.92 -19.75
CA GLN B 19 4.35 -3.11 -20.54
C GLN B 19 2.95 -3.63 -20.24
N VAL A 1 6.77 11.91 9.30
CA VAL A 1 6.59 10.46 9.11
C VAL A 1 5.12 10.07 9.28
N ARG A 2 4.56 9.45 8.25
CA ARG A 2 3.16 9.04 8.27
C ARG A 2 3.05 7.53 8.17
N ARG A 3 2.35 6.91 9.10
CA ARG A 3 2.24 5.46 9.13
C ARG A 3 0.87 4.97 8.66
N VAL A 4 0.88 3.84 7.98
CA VAL A 4 -0.34 3.11 7.63
C VAL A 4 -0.16 1.65 8.02
N LYS A 5 -1.23 1.02 8.48
CA LYS A 5 -1.16 -0.39 8.86
C LYS A 5 -2.02 -1.19 7.90
N THR A 6 -1.48 -2.28 7.40
CA THR A 6 -2.17 -3.09 6.42
C THR A 6 -3.30 -3.87 7.06
N ILE A 7 -4.51 -3.64 6.59
CA ILE A 7 -5.69 -4.31 7.12
C ILE A 7 -6.11 -5.44 6.23
N TYR A 8 -5.40 -5.58 5.12
CA TYR A 8 -5.66 -6.63 4.14
C TYR A 8 -4.36 -7.17 3.57
N ASP A 9 -4.48 -8.25 2.82
CA ASP A 9 -3.35 -8.83 2.10
C ASP A 9 -3.39 -8.39 0.65
N CYS A 10 -2.48 -7.53 0.26
CA CYS A 10 -2.46 -7.01 -1.09
C CYS A 10 -1.20 -7.45 -1.81
N GLN A 11 -1.34 -7.84 -3.07
CA GLN A 11 -0.20 -8.29 -3.84
C GLN A 11 -0.04 -7.49 -5.14
N ALA A 12 1.21 -7.29 -5.51
CA ALA A 12 1.57 -6.51 -6.68
C ALA A 12 1.61 -7.37 -7.93
N ASP A 13 1.20 -6.78 -9.04
CA ASP A 13 1.31 -7.43 -10.35
C ASP A 13 2.48 -6.80 -11.09
N ASN A 14 2.75 -5.56 -10.77
CA ASN A 14 3.90 -4.83 -11.31
C ASN A 14 4.93 -4.61 -10.24
N ASP A 15 6.19 -4.52 -10.67
CA ASP A 15 7.33 -4.38 -9.75
C ASP A 15 7.30 -3.06 -9.01
N ASP A 16 6.58 -2.09 -9.54
CA ASP A 16 6.47 -0.78 -8.91
C ASP A 16 5.37 -0.76 -7.85
N GLU A 17 4.54 -1.79 -7.85
CA GLU A 17 3.48 -1.92 -6.86
C GLU A 17 4.01 -2.62 -5.62
N LEU A 18 3.39 -2.34 -4.47
CA LEU A 18 3.81 -2.93 -3.21
C LEU A 18 2.95 -4.14 -2.85
N THR A 19 3.62 -5.22 -2.46
CA THR A 19 2.94 -6.40 -1.91
C THR A 19 3.07 -6.38 -0.39
N PHE A 20 1.94 -6.36 0.29
CA PHE A 20 1.91 -6.29 1.73
C PHE A 20 0.79 -7.14 2.28
N ILE A 21 1.09 -7.91 3.30
CA ILE A 21 0.10 -8.77 3.92
C ILE A 21 -0.49 -8.13 5.16
N GLU A 22 -1.67 -8.60 5.56
CA GLU A 22 -2.37 -8.05 6.72
C GLU A 22 -1.50 -8.18 7.96
N GLY A 23 -1.23 -7.05 8.62
CA GLY A 23 -0.43 -7.07 9.82
C GLY A 23 0.87 -6.30 9.66
N GLU A 24 1.15 -5.87 8.45
CA GLU A 24 2.34 -5.08 8.18
C GLU A 24 2.10 -3.59 8.43
N VAL A 25 3.18 -2.88 8.70
CA VAL A 25 3.14 -1.43 8.86
C VAL A 25 4.02 -0.78 7.82
N ILE A 26 3.50 0.20 7.11
CA ILE A 26 4.25 0.85 6.05
C ILE A 26 4.50 2.33 6.39
N ILE A 27 5.72 2.78 6.20
CA ILE A 27 6.05 4.18 6.41
C ILE A 27 5.81 4.96 5.11
N VAL A 28 4.80 5.79 5.12
CA VAL A 28 4.42 6.55 3.94
C VAL A 28 5.34 7.75 3.74
N THR A 29 6.11 7.73 2.66
CA THR A 29 7.01 8.81 2.33
C THR A 29 6.41 9.75 1.30
N GLY A 30 5.42 9.25 0.56
CA GLY A 30 4.75 10.05 -0.44
C GLY A 30 3.43 9.45 -0.82
N GLU A 31 2.83 9.97 -1.88
CA GLU A 31 1.60 9.42 -2.41
C GLU A 31 1.44 9.81 -3.87
N GLU A 32 0.77 8.96 -4.60
CA GLU A 32 0.60 9.11 -6.04
C GLU A 32 -0.83 9.51 -6.34
N ASP A 33 -1.74 8.75 -5.76
CA ASP A 33 -3.15 9.01 -5.86
C ASP A 33 -3.70 9.09 -4.44
N GLN A 34 -4.95 9.46 -4.29
CA GLN A 34 -5.58 9.46 -2.98
C GLN A 34 -5.62 8.03 -2.44
N GLU A 35 -5.77 7.11 -3.38
CA GLU A 35 -5.92 5.70 -3.07
C GLU A 35 -4.62 4.94 -3.31
N TRP A 36 -3.57 5.64 -3.72
CA TRP A 36 -2.28 5.00 -3.99
C TRP A 36 -1.13 5.81 -3.40
N TRP A 37 -0.66 5.39 -2.25
CA TRP A 37 0.42 6.08 -1.56
C TRP A 37 1.75 5.39 -1.75
N ILE A 38 2.82 6.11 -1.48
CA ILE A 38 4.17 5.60 -1.70
C ILE A 38 4.92 5.57 -0.39
N GLY A 39 5.71 4.54 -0.17
CA GLY A 39 6.51 4.51 1.02
C GLY A 39 7.38 3.28 1.11
N HIS A 40 7.85 3.01 2.31
CA HIS A 40 8.69 1.86 2.58
C HIS A 40 8.24 1.24 3.90
N ILE A 41 8.17 -0.08 3.94
CA ILE A 41 7.61 -0.78 5.09
C ILE A 41 8.49 -0.61 6.34
N GLU A 42 7.81 -0.46 7.47
CA GLU A 42 8.46 -0.19 8.75
C GLU A 42 9.20 -1.44 9.22
N GLY A 43 10.48 -1.29 9.51
CA GLY A 43 11.28 -2.41 9.92
C GLY A 43 12.03 -3.03 8.76
N GLN A 44 11.35 -3.12 7.62
CA GLN A 44 11.95 -3.64 6.41
C GLN A 44 12.01 -2.56 5.33
N PRO A 45 13.01 -1.67 5.39
CA PRO A 45 13.17 -0.58 4.41
C PRO A 45 13.52 -1.10 3.02
N GLU A 46 13.69 -2.41 2.92
CA GLU A 46 13.92 -3.07 1.65
C GLU A 46 12.62 -3.16 0.85
N ARG A 47 11.50 -3.20 1.57
CA ARG A 47 10.19 -3.25 0.93
C ARG A 47 9.66 -1.84 0.70
N LYS A 48 9.96 -1.28 -0.45
CA LYS A 48 9.40 0.01 -0.82
C LYS A 48 8.57 -0.13 -2.07
N GLY A 49 7.63 0.78 -2.27
CA GLY A 49 6.79 0.72 -3.45
C GLY A 49 5.54 1.57 -3.31
N VAL A 50 4.62 1.39 -4.24
CA VAL A 50 3.36 2.12 -4.19
C VAL A 50 2.24 1.18 -3.74
N PHE A 51 1.64 1.50 -2.62
CA PHE A 51 0.61 0.67 -2.02
C PHE A 51 -0.78 1.33 -2.09
N PRO A 52 -1.81 0.52 -2.41
CA PRO A 52 -3.21 0.96 -2.42
C PRO A 52 -3.75 1.18 -1.01
N VAL A 53 -4.31 2.36 -0.77
CA VAL A 53 -4.94 2.67 0.51
C VAL A 53 -6.18 1.78 0.71
N SER A 54 -6.61 1.15 -0.38
CA SER A 54 -7.75 0.25 -0.37
C SER A 54 -7.54 -0.93 0.57
N PHE A 55 -6.28 -1.28 0.82
CA PHE A 55 -5.97 -2.46 1.63
C PHE A 55 -5.25 -2.06 2.91
N VAL A 56 -5.13 -0.76 3.15
CA VAL A 56 -4.43 -0.28 4.35
C VAL A 56 -5.24 0.76 5.09
N HIS A 57 -4.98 0.88 6.39
CA HIS A 57 -5.67 1.87 7.22
C HIS A 57 -4.64 2.83 7.79
N ILE A 58 -4.92 4.12 7.73
CA ILE A 58 -3.94 5.14 8.07
C ILE A 58 -3.90 5.39 9.57
N LEU A 59 -2.69 5.36 10.13
CA LEU A 59 -2.49 5.49 11.57
C LEU A 59 -2.19 6.92 11.97
N SER A 60 -1.37 7.60 11.17
CA SER A 60 -1.00 8.98 11.43
C SER A 60 -2.12 9.92 11.00
N ASP A 61 -3.27 9.77 11.64
CA ASP A 61 -4.43 10.58 11.36
C ASP A 61 -5.23 10.79 12.63
N CYS B 1 -5.68 -9.03 12.18
CA CYS B 1 -7.11 -9.27 11.91
C CYS B 1 -7.50 -8.64 10.59
N ILE B 2 -8.05 -9.45 9.68
CA ILE B 2 -8.52 -8.93 8.41
C ILE B 2 -9.78 -8.12 8.61
N ILE B 3 -9.74 -6.88 8.17
CA ILE B 3 -10.89 -6.01 8.19
C ILE B 3 -11.90 -6.47 7.15
N SER B 4 -13.13 -6.67 7.58
CA SER B 4 -14.24 -6.98 6.69
C SER B 4 -13.90 -8.11 5.69
N ALA B 5 -14.41 -7.99 4.47
CA ALA B 5 -14.06 -8.90 3.40
C ALA B 5 -13.10 -8.21 2.43
N MET B 6 -12.15 -8.99 1.90
CA MET B 6 -11.08 -8.47 1.06
C MET B 6 -11.58 -7.55 -0.06
N PRO B 7 -10.88 -6.43 -0.28
CA PRO B 7 -11.19 -5.48 -1.33
C PRO B 7 -10.48 -5.85 -2.62
N THR B 8 -10.61 -5.00 -3.61
CA THR B 8 -10.01 -5.26 -4.89
C THR B 8 -9.15 -4.08 -5.28
N LYS B 9 -7.96 -4.36 -5.78
CA LYS B 9 -7.07 -3.30 -6.25
C LYS B 9 -7.80 -2.44 -7.27
N SER B 10 -8.15 -1.23 -6.86
CA SER B 10 -8.96 -0.33 -7.68
C SER B 10 -8.18 0.20 -8.88
N SER B 11 -6.95 -0.29 -9.00
CA SER B 11 -6.03 0.12 -10.06
C SER B 11 -5.52 1.52 -9.79
N ARG B 12 -4.30 1.77 -10.24
CA ARG B 12 -3.64 3.03 -9.99
C ARG B 12 -3.88 3.97 -11.15
N LYS B 13 -4.52 5.09 -10.86
CA LYS B 13 -4.93 6.05 -11.89
C LYS B 13 -3.71 6.66 -12.60
N ALA B 14 -2.53 6.43 -12.03
CA ALA B 14 -1.31 6.95 -12.61
C ALA B 14 -0.55 5.87 -13.39
N LYS B 15 -1.14 4.68 -13.49
CA LYS B 15 -0.53 3.60 -14.27
C LYS B 15 -1.43 3.27 -15.45
N LYS B 16 -0.84 3.18 -16.62
CA LYS B 16 -1.61 2.88 -17.81
C LYS B 16 -1.30 1.46 -18.30
N PRO B 17 -2.36 0.65 -18.52
CA PRO B 17 -2.22 -0.70 -19.07
C PRO B 17 -1.94 -0.68 -20.57
N ALA B 18 -0.98 0.13 -20.96
CA ALA B 18 -0.58 0.22 -22.36
C ALA B 18 0.45 -0.83 -22.68
N GLN B 19 -0.05 -2.06 -22.83
CA GLN B 19 0.79 -3.23 -23.07
C GLN B 19 1.58 -3.07 -24.37
N VAL A 1 5.80 10.96 6.03
CA VAL A 1 5.69 10.74 7.48
C VAL A 1 4.24 10.45 7.87
N ARG A 2 3.73 9.34 7.37
CA ARG A 2 2.36 8.93 7.67
C ARG A 2 2.35 7.42 7.89
N ARG A 3 1.87 6.97 9.02
CA ARG A 3 1.98 5.56 9.35
C ARG A 3 0.69 4.82 9.03
N VAL A 4 0.81 3.74 8.28
CA VAL A 4 -0.33 2.89 7.96
C VAL A 4 -0.01 1.44 8.28
N LYS A 5 -1.04 0.67 8.57
CA LYS A 5 -0.85 -0.75 8.86
C LYS A 5 -1.66 -1.56 7.86
N THR A 6 -1.05 -2.57 7.30
CA THR A 6 -1.70 -3.39 6.30
C THR A 6 -2.78 -4.24 6.93
N ILE A 7 -4.01 -3.99 6.53
CA ILE A 7 -5.14 -4.72 7.05
C ILE A 7 -5.53 -5.83 6.09
N TYR A 8 -4.76 -5.90 5.02
CA TYR A 8 -4.98 -6.89 3.98
C TYR A 8 -3.67 -7.33 3.34
N ASP A 9 -3.80 -8.35 2.50
CA ASP A 9 -2.68 -8.89 1.76
C ASP A 9 -2.83 -8.49 0.31
N CYS A 10 -1.91 -7.67 -0.18
CA CYS A 10 -1.98 -7.18 -1.53
C CYS A 10 -0.69 -7.47 -2.27
N GLN A 11 -0.82 -7.74 -3.56
CA GLN A 11 0.35 -8.08 -4.36
C GLN A 11 0.43 -7.20 -5.60
N ALA A 12 1.66 -6.91 -5.98
CA ALA A 12 1.99 -6.04 -7.10
C ALA A 12 1.55 -6.63 -8.44
N ASP A 13 1.09 -5.76 -9.34
CA ASP A 13 0.77 -6.18 -10.71
C ASP A 13 2.01 -6.09 -11.57
N ASN A 14 2.84 -5.10 -11.28
CA ASN A 14 4.02 -4.86 -12.07
C ASN A 14 5.22 -4.60 -11.16
N ASP A 15 6.39 -4.39 -11.73
CA ASP A 15 7.62 -4.29 -10.94
C ASP A 15 7.60 -3.12 -9.95
N ASP A 16 7.05 -1.98 -10.37
CA ASP A 16 7.09 -0.77 -9.58
C ASP A 16 5.83 -0.59 -8.74
N GLU A 17 5.48 -1.64 -8.00
CA GLU A 17 4.38 -1.60 -7.06
C GLU A 17 4.86 -2.11 -5.71
N LEU A 18 3.94 -2.26 -4.77
CA LEU A 18 4.29 -2.82 -3.46
C LEU A 18 3.43 -4.02 -3.12
N THR A 19 4.07 -5.14 -2.85
CA THR A 19 3.39 -6.31 -2.32
C THR A 19 3.54 -6.35 -0.82
N PHE A 20 2.41 -6.33 -0.11
CA PHE A 20 2.42 -6.34 1.35
C PHE A 20 1.43 -7.35 1.88
N ILE A 21 1.68 -7.89 3.05
CA ILE A 21 0.77 -8.84 3.66
C ILE A 21 0.23 -8.32 4.98
N GLU A 22 -0.91 -8.85 5.38
CA GLU A 22 -1.64 -8.37 6.53
C GLU A 22 -0.81 -8.51 7.80
N GLY A 23 -0.64 -7.40 8.51
CA GLY A 23 0.13 -7.41 9.74
C GLY A 23 1.37 -6.55 9.63
N GLU A 24 1.68 -6.12 8.42
CA GLU A 24 2.84 -5.28 8.19
C GLU A 24 2.52 -3.80 8.41
N VAL A 25 3.56 -3.02 8.66
CA VAL A 25 3.40 -1.59 8.88
C VAL A 25 4.24 -0.83 7.86
N ILE A 26 3.60 0.07 7.14
CA ILE A 26 4.27 0.80 6.09
C ILE A 26 4.36 2.29 6.45
N ILE A 27 5.53 2.88 6.24
CA ILE A 27 5.72 4.31 6.47
C ILE A 27 5.53 5.07 5.17
N VAL A 28 4.43 5.81 5.08
CA VAL A 28 4.09 6.57 3.88
C VAL A 28 5.03 7.76 3.70
N THR A 29 5.65 7.83 2.53
CA THR A 29 6.55 8.91 2.20
C THR A 29 5.98 9.78 1.09
N GLY A 30 5.11 9.21 0.27
CA GLY A 30 4.55 9.92 -0.86
C GLY A 30 3.14 9.49 -1.19
N GLU A 31 2.60 10.04 -2.27
CA GLU A 31 1.22 9.78 -2.64
C GLU A 31 1.03 9.97 -4.15
N GLU A 32 0.43 8.97 -4.78
CA GLU A 32 0.16 9.01 -6.21
C GLU A 32 -1.33 9.24 -6.45
N ASP A 33 -2.12 8.41 -5.80
CA ASP A 33 -3.56 8.42 -6.00
C ASP A 33 -4.27 8.40 -4.65
N GLN A 34 -5.58 8.52 -4.68
CA GLN A 34 -6.38 8.48 -3.47
C GLN A 34 -6.19 7.14 -2.76
N GLU A 35 -6.09 6.09 -3.54
CA GLU A 35 -5.91 4.76 -2.99
C GLU A 35 -4.54 4.21 -3.32
N TRP A 36 -3.60 5.07 -3.65
CA TRP A 36 -2.27 4.63 -4.00
C TRP A 36 -1.22 5.56 -3.46
N TRP A 37 -0.60 5.16 -2.37
CA TRP A 37 0.41 5.96 -1.72
C TRP A 37 1.76 5.29 -1.86
N ILE A 38 2.81 6.06 -1.62
CA ILE A 38 4.16 5.56 -1.77
C ILE A 38 4.84 5.56 -0.42
N GLY A 39 5.57 4.51 -0.13
CA GLY A 39 6.28 4.46 1.11
C GLY A 39 7.15 3.23 1.23
N HIS A 40 7.64 3.01 2.43
CA HIS A 40 8.52 1.89 2.70
C HIS A 40 8.14 1.29 4.04
N ILE A 41 8.26 -0.01 4.14
CA ILE A 41 7.81 -0.72 5.33
C ILE A 41 8.72 -0.42 6.52
N GLU A 42 8.10 -0.29 7.69
CA GLU A 42 8.76 0.23 8.89
C GLU A 42 10.06 -0.53 9.22
N GLY A 43 9.93 -1.82 9.49
CA GLY A 43 11.10 -2.60 9.89
C GLY A 43 11.97 -2.99 8.72
N GLN A 44 11.36 -3.06 7.54
CA GLN A 44 12.09 -3.38 6.31
C GLN A 44 12.10 -2.16 5.38
N PRO A 45 13.04 -1.23 5.61
CA PRO A 45 13.04 0.09 4.95
C PRO A 45 13.29 0.03 3.45
N GLU A 46 13.92 -1.04 2.98
CA GLU A 46 14.24 -1.13 1.56
C GLU A 46 13.10 -1.79 0.79
N ARG A 47 12.12 -2.31 1.53
CA ARG A 47 10.90 -2.80 0.90
C ARG A 47 9.94 -1.63 0.73
N LYS A 48 10.06 -0.97 -0.40
CA LYS A 48 9.31 0.23 -0.69
C LYS A 48 8.65 0.12 -2.05
N GLY A 49 7.61 0.91 -2.25
CA GLY A 49 6.87 0.86 -3.49
C GLY A 49 5.58 1.63 -3.38
N VAL A 50 4.66 1.39 -4.31
CA VAL A 50 3.37 2.03 -4.24
C VAL A 50 2.31 1.03 -3.82
N PHE A 51 1.71 1.30 -2.67
CA PHE A 51 0.72 0.40 -2.08
C PHE A 51 -0.69 0.99 -2.14
N PRO A 52 -1.69 0.14 -2.37
CA PRO A 52 -3.09 0.56 -2.39
C PRO A 52 -3.65 0.78 -1.00
N VAL A 53 -4.18 1.98 -0.80
CA VAL A 53 -4.79 2.37 0.46
C VAL A 53 -6.01 1.50 0.78
N SER A 54 -6.53 0.85 -0.24
CA SER A 54 -7.70 -0.01 -0.10
C SER A 54 -7.44 -1.18 0.87
N PHE A 55 -6.20 -1.64 0.91
CA PHE A 55 -5.86 -2.83 1.70
C PHE A 55 -5.08 -2.44 2.96
N VAL A 56 -4.90 -1.14 3.16
CA VAL A 56 -4.19 -0.64 4.33
C VAL A 56 -5.04 0.36 5.09
N HIS A 57 -4.75 0.56 6.36
CA HIS A 57 -5.51 1.50 7.17
C HIS A 57 -4.59 2.58 7.70
N ILE A 58 -5.02 3.82 7.54
CA ILE A 58 -4.24 4.96 7.95
C ILE A 58 -4.30 5.13 9.47
N LEU A 59 -3.14 5.30 10.08
CA LEU A 59 -3.05 5.45 11.52
C LEU A 59 -2.53 6.83 11.86
N SER A 60 -3.42 7.81 11.83
CA SER A 60 -3.06 9.19 12.12
C SER A 60 -3.20 9.48 13.61
N ASP A 61 -3.19 8.42 14.39
CA ASP A 61 -3.22 8.55 15.85
C ASP A 61 -1.79 8.68 16.36
N CYS B 1 -5.11 -8.72 11.67
CA CYS B 1 -6.53 -8.34 11.79
C CYS B 1 -7.05 -7.80 10.47
N ILE B 2 -8.06 -8.47 9.92
CA ILE B 2 -8.63 -8.08 8.62
C ILE B 2 -9.83 -7.15 8.80
N ILE B 3 -9.86 -6.09 8.03
CA ILE B 3 -10.93 -5.11 8.09
C ILE B 3 -11.95 -5.37 6.97
N SER B 4 -13.07 -6.00 7.34
CA SER B 4 -14.12 -6.38 6.40
C SER B 4 -13.70 -7.58 5.55
N ALA B 5 -14.05 -7.59 4.26
CA ALA B 5 -13.58 -8.61 3.33
C ALA B 5 -12.77 -7.98 2.22
N MET B 6 -11.91 -8.76 1.58
CA MET B 6 -10.92 -8.26 0.62
C MET B 6 -11.50 -7.20 -0.30
N PRO B 7 -10.91 -5.99 -0.23
CA PRO B 7 -11.28 -4.89 -1.10
C PRO B 7 -10.80 -5.15 -2.53
N THR B 8 -11.01 -4.19 -3.40
CA THR B 8 -10.60 -4.36 -4.76
C THR B 8 -9.42 -3.45 -5.02
N LYS B 9 -8.37 -3.99 -5.58
CA LYS B 9 -7.24 -3.18 -5.97
C LYS B 9 -7.69 -2.20 -7.03
N SER B 10 -8.00 -1.00 -6.61
CA SER B 10 -8.49 0.03 -7.49
C SER B 10 -7.34 0.52 -8.37
N SER B 11 -7.03 -0.28 -9.40
CA SER B 11 -5.82 -0.13 -10.22
C SER B 11 -5.32 1.29 -10.32
N ARG B 12 -4.04 1.48 -10.02
CA ARG B 12 -3.44 2.79 -9.90
C ARG B 12 -3.69 3.66 -11.13
N LYS B 13 -4.59 4.62 -10.96
CA LYS B 13 -5.00 5.52 -12.03
C LYS B 13 -3.84 6.38 -12.54
N ALA B 14 -2.77 6.42 -11.75
CA ALA B 14 -1.61 7.25 -12.08
C ALA B 14 -0.61 6.50 -12.96
N LYS B 15 -0.94 5.26 -13.31
CA LYS B 15 -0.07 4.48 -14.17
C LYS B 15 -0.89 3.73 -15.22
N LYS B 16 -0.42 3.74 -16.45
CA LYS B 16 -1.07 3.02 -17.53
C LYS B 16 -0.69 1.54 -17.49
N PRO B 17 -1.68 0.65 -17.45
CA PRO B 17 -1.44 -0.79 -17.51
C PRO B 17 -1.35 -1.28 -18.95
N ALA B 18 -1.01 -0.37 -19.86
CA ALA B 18 -0.92 -0.68 -21.27
C ALA B 18 -0.08 0.35 -22.02
N GLN B 19 1.13 -0.04 -22.39
CA GLN B 19 1.98 0.80 -23.22
C GLN B 19 3.00 -0.07 -23.93
N VAL A 1 6.07 10.94 9.68
CA VAL A 1 5.10 11.94 9.18
C VAL A 1 3.73 11.32 8.92
N ARG A 2 3.71 10.20 8.22
CA ARG A 2 2.47 9.49 7.93
C ARG A 2 2.69 7.98 8.03
N ARG A 3 2.03 7.35 8.97
CA ARG A 3 2.19 5.91 9.19
C ARG A 3 0.88 5.19 8.94
N VAL A 4 0.94 4.01 8.32
CA VAL A 4 -0.24 3.22 8.06
C VAL A 4 -0.01 1.76 8.44
N LYS A 5 -1.08 1.05 8.74
CA LYS A 5 -1.00 -0.36 9.04
C LYS A 5 -1.91 -1.10 8.08
N THR A 6 -1.42 -2.20 7.55
CA THR A 6 -2.14 -2.95 6.56
C THR A 6 -3.29 -3.73 7.18
N ILE A 7 -4.48 -3.50 6.68
CA ILE A 7 -5.66 -4.17 7.19
C ILE A 7 -6.07 -5.29 6.26
N TYR A 8 -5.34 -5.39 5.17
CA TYR A 8 -5.55 -6.43 4.18
C TYR A 8 -4.23 -6.96 3.66
N ASP A 9 -4.32 -8.00 2.84
CA ASP A 9 -3.18 -8.59 2.19
C ASP A 9 -3.19 -8.21 0.72
N CYS A 10 -2.06 -7.76 0.23
CA CYS A 10 -1.96 -7.29 -1.13
C CYS A 10 -0.61 -7.68 -1.70
N GLN A 11 -0.58 -7.99 -2.98
CA GLN A 11 0.66 -8.38 -3.62
C GLN A 11 0.91 -7.57 -4.89
N ALA A 12 2.19 -7.37 -5.19
CA ALA A 12 2.64 -6.56 -6.32
C ALA A 12 2.15 -7.09 -7.64
N ASP A 13 1.59 -6.19 -8.45
CA ASP A 13 1.12 -6.52 -9.79
C ASP A 13 2.20 -6.25 -10.83
N ASN A 14 3.11 -5.35 -10.50
CA ASN A 14 4.10 -4.88 -11.47
C ASN A 14 5.44 -4.59 -10.77
N ASP A 15 6.39 -4.00 -11.49
CA ASP A 15 7.76 -3.83 -11.01
C ASP A 15 7.84 -2.97 -9.74
N ASP A 16 7.07 -1.89 -9.70
CA ASP A 16 7.15 -0.98 -8.57
C ASP A 16 5.85 -1.01 -7.76
N GLU A 17 5.40 -2.21 -7.46
CA GLU A 17 4.23 -2.41 -6.62
C GLU A 17 4.66 -2.96 -5.27
N LEU A 18 3.84 -2.77 -4.26
CA LEU A 18 4.17 -3.22 -2.91
C LEU A 18 3.39 -4.47 -2.53
N THR A 19 4.09 -5.49 -2.06
CA THR A 19 3.45 -6.67 -1.49
C THR A 19 3.50 -6.58 0.03
N PHE A 20 2.32 -6.58 0.64
CA PHE A 20 2.19 -6.43 2.07
C PHE A 20 1.05 -7.30 2.58
N ILE A 21 1.26 -7.92 3.73
CA ILE A 21 0.27 -8.80 4.32
C ILE A 21 -0.42 -8.10 5.49
N GLU A 22 -1.62 -8.55 5.86
CA GLU A 22 -2.36 -7.94 6.95
C GLU A 22 -1.54 -8.04 8.24
N GLY A 23 -1.27 -6.89 8.86
CA GLY A 23 -0.47 -6.86 10.07
C GLY A 23 0.87 -6.19 9.82
N GLU A 24 1.09 -5.79 8.58
CA GLU A 24 2.30 -5.10 8.17
C GLU A 24 2.15 -3.61 8.44
N VAL A 25 3.28 -2.90 8.50
CA VAL A 25 3.26 -1.47 8.76
C VAL A 25 4.08 -0.75 7.73
N ILE A 26 3.53 0.31 7.16
CA ILE A 26 4.19 1.03 6.10
C ILE A 26 4.37 2.50 6.46
N ILE A 27 5.57 3.00 6.24
CA ILE A 27 5.87 4.41 6.41
C ILE A 27 5.61 5.14 5.11
N VAL A 28 4.64 6.03 5.10
CA VAL A 28 4.27 6.76 3.89
C VAL A 28 5.30 7.83 3.57
N THR A 29 6.02 7.62 2.48
CA THR A 29 7.05 8.54 2.06
C THR A 29 6.53 9.48 0.97
N GLY A 30 5.43 9.09 0.35
CA GLY A 30 4.86 9.90 -0.70
C GLY A 30 3.48 9.45 -1.11
N GLU A 31 2.93 10.11 -2.11
CA GLU A 31 1.62 9.79 -2.65
C GLU A 31 1.69 9.80 -4.16
N GLU A 32 0.95 8.91 -4.79
CA GLU A 32 0.94 8.82 -6.25
C GLU A 32 -0.49 8.99 -6.74
N ASP A 33 -1.40 8.37 -6.03
CA ASP A 33 -2.81 8.40 -6.36
C ASP A 33 -3.58 8.87 -5.14
N GLN A 34 -4.88 8.72 -5.15
CA GLN A 34 -5.69 8.92 -3.98
C GLN A 34 -5.75 7.63 -3.20
N GLU A 35 -5.85 6.55 -3.96
CA GLU A 35 -5.97 5.22 -3.37
C GLU A 35 -4.63 4.49 -3.43
N TRP A 36 -3.57 5.23 -3.76
CA TRP A 36 -2.24 4.64 -3.87
C TRP A 36 -1.18 5.58 -3.33
N TRP A 37 -0.56 5.18 -2.25
CA TRP A 37 0.49 5.97 -1.64
C TRP A 37 1.81 5.24 -1.72
N ILE A 38 2.88 5.95 -1.51
CA ILE A 38 4.21 5.40 -1.68
C ILE A 38 4.92 5.39 -0.34
N GLY A 39 5.71 4.37 -0.11
CA GLY A 39 6.48 4.32 1.10
C GLY A 39 7.27 3.05 1.22
N HIS A 40 7.64 2.71 2.43
CA HIS A 40 8.42 1.51 2.68
C HIS A 40 7.97 0.87 3.98
N ILE A 41 8.12 -0.44 4.09
CA ILE A 41 7.75 -1.17 5.29
C ILE A 41 8.59 -0.69 6.47
N GLU A 42 7.93 -0.39 7.58
CA GLU A 42 8.58 0.27 8.71
C GLU A 42 9.83 -0.48 9.15
N GLY A 43 9.67 -1.75 9.50
CA GLY A 43 10.78 -2.53 10.01
C GLY A 43 11.66 -3.10 8.92
N GLN A 44 11.33 -2.81 7.66
CA GLN A 44 12.11 -3.30 6.53
C GLN A 44 12.15 -2.25 5.43
N PRO A 45 13.10 -1.31 5.53
CA PRO A 45 13.17 -0.13 4.68
C PRO A 45 13.32 -0.44 3.19
N GLU A 46 13.95 -1.58 2.87
CA GLU A 46 14.19 -1.93 1.48
C GLU A 46 12.93 -2.49 0.82
N ARG A 47 11.90 -2.75 1.62
CA ARG A 47 10.61 -3.12 1.07
C ARG A 47 9.82 -1.85 0.79
N LYS A 48 9.97 -1.32 -0.39
CA LYS A 48 9.32 -0.06 -0.75
C LYS A 48 8.49 -0.24 -2.02
N GLY A 49 7.62 0.71 -2.28
CA GLY A 49 6.79 0.67 -3.45
C GLY A 49 5.52 1.45 -3.26
N VAL A 50 4.57 1.26 -4.15
CA VAL A 50 3.29 1.94 -4.05
C VAL A 50 2.22 0.96 -3.56
N PHE A 51 1.60 1.31 -2.45
CA PHE A 51 0.57 0.46 -1.85
C PHE A 51 -0.82 1.08 -1.96
N PRO A 52 -1.83 0.23 -2.24
CA PRO A 52 -3.23 0.66 -2.30
C PRO A 52 -3.80 0.96 -0.93
N VAL A 53 -4.28 2.18 -0.76
CA VAL A 53 -4.91 2.62 0.48
C VAL A 53 -6.16 1.78 0.76
N SER A 54 -6.67 1.14 -0.28
CA SER A 54 -7.82 0.27 -0.17
C SER A 54 -7.53 -0.94 0.74
N PHE A 55 -6.28 -1.28 0.90
CA PHE A 55 -5.90 -2.47 1.68
C PHE A 55 -5.19 -2.07 2.98
N VAL A 56 -5.06 -0.78 3.22
CA VAL A 56 -4.36 -0.30 4.40
C VAL A 56 -5.20 0.72 5.16
N HIS A 57 -4.81 1.00 6.39
CA HIS A 57 -5.53 1.96 7.21
C HIS A 57 -4.58 3.02 7.73
N ILE A 58 -4.96 4.27 7.57
CA ILE A 58 -4.12 5.40 7.95
C ILE A 58 -4.10 5.56 9.46
N LEU A 59 -2.90 5.72 10.02
CA LEU A 59 -2.74 5.84 11.45
C LEU A 59 -2.02 7.13 11.83
N SER A 60 -2.61 8.25 11.45
CA SER A 60 -2.10 9.55 11.86
C SER A 60 -2.70 9.93 13.21
N ASP A 61 -3.38 8.96 13.79
CA ASP A 61 -4.05 9.12 15.08
C ASP A 61 -3.10 8.71 16.19
N CYS B 1 -6.00 -9.81 12.22
CA CYS B 1 -7.31 -9.13 12.20
C CYS B 1 -7.59 -8.53 10.82
N ILE B 2 -7.98 -9.37 9.87
CA ILE B 2 -8.35 -8.87 8.56
C ILE B 2 -9.63 -8.08 8.66
N ILE B 3 -9.58 -6.84 8.23
CA ILE B 3 -10.75 -6.00 8.18
C ILE B 3 -11.67 -6.50 7.06
N SER B 4 -12.87 -6.88 7.44
CA SER B 4 -13.91 -7.20 6.47
C SER B 4 -13.48 -8.26 5.44
N ALA B 5 -14.20 -8.32 4.33
CA ALA B 5 -13.77 -9.08 3.18
C ALA B 5 -12.84 -8.24 2.32
N MET B 6 -12.00 -8.90 1.55
CA MET B 6 -10.98 -8.23 0.75
C MET B 6 -11.59 -7.27 -0.26
N PRO B 7 -11.02 -6.06 -0.38
CA PRO B 7 -11.39 -5.08 -1.39
C PRO B 7 -10.74 -5.42 -2.72
N THR B 8 -10.93 -4.57 -3.69
CA THR B 8 -10.40 -4.82 -5.01
C THR B 8 -9.27 -3.85 -5.28
N LYS B 9 -8.16 -4.34 -5.81
CA LYS B 9 -7.10 -3.46 -6.23
C LYS B 9 -7.61 -2.63 -7.39
N SER B 10 -7.98 -1.40 -7.09
CA SER B 10 -8.70 -0.56 -8.04
C SER B 10 -7.78 -0.01 -9.13
N SER B 11 -6.52 -0.44 -9.10
CA SER B 11 -5.49 0.07 -10.01
C SER B 11 -5.19 1.53 -9.70
N ARG B 12 -4.00 1.96 -10.05
CA ARG B 12 -3.64 3.34 -9.88
C ARG B 12 -4.10 4.11 -11.09
N LYS B 13 -4.76 5.20 -10.85
CA LYS B 13 -5.34 6.00 -11.93
C LYS B 13 -4.23 6.79 -12.61
N ALA B 14 -3.09 6.85 -11.94
CA ALA B 14 -1.90 7.50 -12.47
C ALA B 14 -1.08 6.53 -13.32
N LYS B 15 -1.45 5.25 -13.31
CA LYS B 15 -0.76 4.26 -14.14
C LYS B 15 -1.24 4.36 -15.57
N LYS B 16 -0.45 5.01 -16.39
CA LYS B 16 -0.80 5.30 -17.76
C LYS B 16 0.00 4.42 -18.72
N PRO B 17 -0.68 3.61 -19.53
CA PRO B 17 -0.02 2.72 -20.50
C PRO B 17 0.61 3.50 -21.64
N ALA B 18 1.82 4.01 -21.41
CA ALA B 18 2.57 4.79 -22.39
C ALA B 18 1.91 6.15 -22.63
N GLN B 19 2.59 7.22 -22.21
CA GLN B 19 2.06 8.57 -22.37
C GLN B 19 2.08 8.98 -23.84
N VAL A 1 4.58 12.98 10.15
CA VAL A 1 4.87 11.54 10.16
C VAL A 1 3.62 10.75 9.72
N ARG A 2 3.53 10.45 8.44
CA ARG A 2 2.40 9.69 7.94
C ARG A 2 2.72 8.20 7.90
N ARG A 3 1.95 7.44 8.65
CA ARG A 3 2.18 6.01 8.82
C ARG A 3 0.88 5.27 8.51
N VAL A 4 0.96 4.05 8.01
CA VAL A 4 -0.22 3.26 7.74
C VAL A 4 -0.03 1.83 8.20
N LYS A 5 -1.13 1.19 8.55
CA LYS A 5 -1.12 -0.19 8.95
C LYS A 5 -1.94 -0.99 7.95
N THR A 6 -1.43 -2.16 7.57
CA THR A 6 -2.09 -2.97 6.58
C THR A 6 -3.21 -3.79 7.20
N ILE A 7 -4.40 -3.65 6.65
CA ILE A 7 -5.57 -4.32 7.19
C ILE A 7 -5.97 -5.47 6.29
N TYR A 8 -5.22 -5.64 5.23
CA TYR A 8 -5.45 -6.70 4.26
C TYR A 8 -4.14 -7.30 3.76
N ASP A 9 -4.25 -8.38 3.01
CA ASP A 9 -3.10 -9.05 2.41
C ASP A 9 -3.05 -8.70 0.93
N CYS A 10 -2.14 -7.83 0.58
CA CYS A 10 -2.05 -7.35 -0.79
C CYS A 10 -0.72 -7.71 -1.39
N GLN A 11 -0.73 -8.04 -2.65
CA GLN A 11 0.50 -8.37 -3.36
C GLN A 11 0.58 -7.58 -4.64
N ALA A 12 1.80 -7.17 -4.97
CA ALA A 12 2.08 -6.29 -6.09
C ALA A 12 1.54 -6.86 -7.39
N ASP A 13 0.75 -6.04 -8.08
CA ASP A 13 0.19 -6.41 -9.38
C ASP A 13 1.26 -6.29 -10.43
N ASN A 14 1.94 -5.16 -10.43
CA ASN A 14 3.09 -4.95 -11.28
C ASN A 14 4.34 -4.92 -10.40
N ASP A 15 5.49 -4.57 -10.96
CA ASP A 15 6.72 -4.55 -10.19
C ASP A 15 6.77 -3.36 -9.24
N ASP A 16 6.17 -2.26 -9.66
CA ASP A 16 6.27 -0.98 -8.95
C ASP A 16 5.32 -0.93 -7.74
N GLU A 17 4.39 -1.85 -7.68
CA GLU A 17 3.47 -1.93 -6.55
C GLU A 17 4.13 -2.60 -5.35
N LEU A 18 3.49 -2.48 -4.20
CA LEU A 18 4.02 -3.03 -2.95
C LEU A 18 3.26 -4.30 -2.54
N THR A 19 3.99 -5.28 -2.04
CA THR A 19 3.38 -6.47 -1.46
C THR A 19 3.44 -6.38 0.06
N PHE A 20 2.26 -6.34 0.69
CA PHE A 20 2.15 -6.19 2.12
C PHE A 20 1.04 -7.08 2.67
N ILE A 21 1.31 -7.77 3.76
CA ILE A 21 0.34 -8.70 4.30
C ILE A 21 -0.34 -8.10 5.51
N GLU A 22 -1.50 -8.63 5.87
CA GLU A 22 -2.27 -8.09 6.99
C GLU A 22 -1.46 -8.15 8.27
N GLY A 23 -1.33 -7.01 8.94
CA GLY A 23 -0.59 -6.95 10.19
C GLY A 23 0.75 -6.27 10.01
N GLU A 24 1.01 -5.87 8.79
CA GLU A 24 2.24 -5.18 8.43
C GLU A 24 2.06 -3.67 8.62
N VAL A 25 3.15 -2.94 8.71
CA VAL A 25 3.08 -1.51 8.92
C VAL A 25 3.94 -0.80 7.88
N ILE A 26 3.39 0.21 7.25
CA ILE A 26 4.09 0.92 6.20
C ILE A 26 4.31 2.39 6.57
N ILE A 27 5.50 2.88 6.32
CA ILE A 27 5.80 4.30 6.50
C ILE A 27 5.60 5.01 5.17
N VAL A 28 4.62 5.91 5.12
CA VAL A 28 4.29 6.60 3.88
C VAL A 28 5.31 7.69 3.59
N THR A 29 5.98 7.56 2.47
CA THR A 29 6.99 8.53 2.07
C THR A 29 6.41 9.54 1.09
N GLY A 30 5.32 9.17 0.42
CA GLY A 30 4.66 10.08 -0.51
C GLY A 30 3.32 9.56 -0.99
N GLU A 31 2.67 10.32 -1.86
CA GLU A 31 1.38 9.95 -2.41
C GLU A 31 1.40 10.17 -3.92
N GLU A 32 0.81 9.25 -4.67
CA GLU A 32 0.79 9.36 -6.13
C GLU A 32 -0.64 9.40 -6.61
N ASP A 33 -1.44 8.54 -6.05
CA ASP A 33 -2.85 8.46 -6.34
C ASP A 33 -3.61 8.86 -5.09
N GLN A 34 -4.92 8.70 -5.08
CA GLN A 34 -5.69 8.92 -3.89
C GLN A 34 -5.82 7.59 -3.15
N GLU A 35 -5.83 6.52 -3.93
CA GLU A 35 -5.90 5.16 -3.41
C GLU A 35 -4.54 4.50 -3.49
N TRP A 36 -3.51 5.25 -3.82
CA TRP A 36 -2.17 4.68 -3.97
C TRP A 36 -1.11 5.61 -3.44
N TRP A 37 -0.50 5.20 -2.34
CA TRP A 37 0.54 5.99 -1.71
C TRP A 37 1.86 5.23 -1.79
N ILE A 38 2.95 5.94 -1.58
CA ILE A 38 4.26 5.35 -1.73
C ILE A 38 4.94 5.31 -0.38
N GLY A 39 5.65 4.25 -0.11
CA GLY A 39 6.40 4.18 1.11
C GLY A 39 7.19 2.91 1.22
N HIS A 40 7.53 2.56 2.44
CA HIS A 40 8.30 1.35 2.70
C HIS A 40 7.85 0.75 4.00
N ILE A 41 8.00 -0.56 4.14
CA ILE A 41 7.61 -1.23 5.36
C ILE A 41 8.43 -0.69 6.54
N GLU A 42 7.77 -0.52 7.67
CA GLU A 42 8.41 0.07 8.84
C GLU A 42 9.61 -0.76 9.30
N GLY A 43 9.36 -2.05 9.59
CA GLY A 43 10.43 -2.93 10.05
C GLY A 43 11.38 -3.33 8.94
N GLN A 44 10.89 -3.32 7.71
CA GLN A 44 11.71 -3.64 6.55
C GLN A 44 11.77 -2.46 5.58
N PRO A 45 12.68 -1.51 5.84
CA PRO A 45 12.75 -0.25 5.08
C PRO A 45 13.15 -0.44 3.63
N GLU A 46 13.77 -1.58 3.33
CA GLU A 46 14.25 -1.87 1.99
C GLU A 46 13.09 -2.33 1.09
N ARG A 47 11.97 -2.67 1.72
CA ARG A 47 10.78 -3.07 0.99
C ARG A 47 9.88 -1.87 0.77
N LYS A 48 10.04 -1.23 -0.37
CA LYS A 48 9.30 -0.04 -0.71
C LYS A 48 8.51 -0.25 -2.00
N GLY A 49 7.59 0.65 -2.26
CA GLY A 49 6.76 0.55 -3.44
C GLY A 49 5.49 1.34 -3.29
N VAL A 50 4.59 1.20 -4.24
CA VAL A 50 3.31 1.88 -4.18
C VAL A 50 2.22 0.92 -3.72
N PHE A 51 1.65 1.20 -2.57
CA PHE A 51 0.64 0.35 -1.96
C PHE A 51 -0.76 0.96 -2.08
N PRO A 52 -1.77 0.12 -2.36
CA PRO A 52 -3.15 0.57 -2.44
C PRO A 52 -3.74 0.86 -1.06
N VAL A 53 -4.23 2.08 -0.92
CA VAL A 53 -4.90 2.55 0.28
C VAL A 53 -6.15 1.71 0.55
N SER A 54 -6.63 1.03 -0.48
CA SER A 54 -7.79 0.16 -0.38
C SER A 54 -7.56 -0.98 0.62
N PHE A 55 -6.30 -1.35 0.80
CA PHE A 55 -5.97 -2.51 1.63
C PHE A 55 -5.28 -2.08 2.92
N VAL A 56 -5.15 -0.78 3.13
CA VAL A 56 -4.47 -0.27 4.31
C VAL A 56 -5.31 0.76 5.05
N HIS A 57 -4.88 1.10 6.25
CA HIS A 57 -5.58 2.04 7.09
C HIS A 57 -4.61 3.11 7.58
N ILE A 58 -5.03 4.36 7.58
CA ILE A 58 -4.12 5.48 7.88
C ILE A 58 -3.94 5.66 9.38
N LEU A 59 -2.70 5.61 9.81
CA LEU A 59 -2.34 5.79 11.21
C LEU A 59 -1.57 7.08 11.41
N SER A 60 -2.31 8.13 11.62
CA SER A 60 -1.75 9.44 11.89
C SER A 60 -2.74 10.22 12.74
N ASP A 61 -3.58 9.47 13.42
CA ASP A 61 -4.66 10.02 14.21
C ASP A 61 -5.08 9.01 15.27
N CYS B 1 -5.31 -8.62 12.43
CA CYS B 1 -6.75 -8.89 12.27
C CYS B 1 -7.23 -8.39 10.92
N ILE B 2 -7.69 -9.31 10.07
CA ILE B 2 -8.19 -8.92 8.77
C ILE B 2 -9.45 -8.08 8.92
N ILE B 3 -9.44 -6.93 8.28
CA ILE B 3 -10.60 -6.07 8.27
C ILE B 3 -11.59 -6.56 7.22
N SER B 4 -12.70 -7.11 7.67
CA SER B 4 -13.80 -7.45 6.79
C SER B 4 -13.39 -8.47 5.71
N ALA B 5 -14.10 -8.45 4.59
CA ALA B 5 -13.72 -9.22 3.42
C ALA B 5 -12.78 -8.39 2.55
N MET B 6 -12.04 -9.04 1.67
CA MET B 6 -11.01 -8.39 0.87
C MET B 6 -11.60 -7.39 -0.15
N PRO B 7 -10.94 -6.23 -0.29
CA PRO B 7 -11.31 -5.22 -1.28
C PRO B 7 -10.68 -5.51 -2.63
N THR B 8 -10.89 -4.62 -3.56
CA THR B 8 -10.35 -4.80 -4.89
C THR B 8 -9.27 -3.76 -5.14
N LYS B 9 -8.14 -4.23 -5.65
CA LYS B 9 -7.06 -3.35 -6.03
C LYS B 9 -7.57 -2.38 -7.10
N SER B 10 -7.82 -1.15 -6.66
CA SER B 10 -8.60 -0.18 -7.41
C SER B 10 -7.85 0.43 -8.60
N SER B 11 -6.62 -0.06 -8.85
CA SER B 11 -5.79 0.45 -9.95
C SER B 11 -5.32 1.87 -9.70
N ARG B 12 -4.09 2.18 -10.05
CA ARG B 12 -3.62 3.54 -9.97
C ARG B 12 -4.01 4.27 -11.22
N LYS B 13 -4.55 5.45 -11.05
CA LYS B 13 -5.03 6.22 -12.19
C LYS B 13 -3.85 6.86 -12.89
N ALA B 14 -2.71 6.84 -12.22
CA ALA B 14 -1.47 7.36 -12.75
C ALA B 14 -0.78 6.34 -13.65
N LYS B 15 -1.29 5.12 -13.68
CA LYS B 15 -0.73 4.08 -14.54
C LYS B 15 -1.82 3.41 -15.36
N LYS B 16 -1.48 2.96 -16.54
CA LYS B 16 -2.42 2.24 -17.38
C LYS B 16 -2.25 0.74 -17.18
N PRO B 17 -3.37 -0.01 -17.07
CA PRO B 17 -3.36 -1.46 -16.89
C PRO B 17 -2.85 -2.18 -18.14
N ALA B 18 -1.55 -2.16 -18.32
CA ALA B 18 -0.93 -2.78 -19.48
C ALA B 18 0.19 -3.71 -19.06
N GLN B 19 0.63 -4.52 -19.99
CA GLN B 19 1.75 -5.42 -19.77
C GLN B 19 3.01 -4.86 -20.41
#